data_4DZ4
#
_entry.id   4DZ4
#
_cell.length_a   99.080
_cell.length_b   101.250
_cell.length_c   102.990
_cell.angle_alpha   90.000
_cell.angle_beta   97.090
_cell.angle_gamma   90.000
#
_symmetry.space_group_name_H-M   'P 1 21 1'
#
loop_
_entity.id
_entity.type
_entity.pdbx_description
1 polymer Agmatinase
2 non-polymer 'MANGANESE (II) ION'
3 non-polymer 1,2-ETHANEDIOL
4 non-polymer 'UNKNOWN LIGAND'
5 water water
#
_entity_poly.entity_id   1
_entity_poly.type   'polypeptide(L)'
_entity_poly.pdbx_seq_one_letter_code
;GPGSMNETLYGDGAIRRPSVYGSSIENTYAGVLSFMRRNYTRDLDGVDVVVSGVPLDLATTFRSGARLGPSAVRAASVQL
AELNPYPWGFDPFDDLAVIDYGDCWFDAHHPLSIKPAIVEHARTILQSDARMLTLGGDHYITYPLLIAHAQKYGKPLSLI
HFDAHCDTWADDAPDSLNHGTMFYKAVKDGLIDPKASVQVGIRTWNDDYLGINVLDAAWVHEHGARATLERIESIVGGRP
AYLTFDIDCLDPAFAPGTGTPVAGGLSSAQALAIVRGLGGVNLIGADVVEVAPAYDQSEITAIAAAHVACDLLCLWRQRK
AGAR
;
_entity_poly.pdbx_strand_id   A,B,C,D,E,F
#
loop_
_chem_comp.id
_chem_comp.type
_chem_comp.name
_chem_comp.formula
EDO non-polymer 1,2-ETHANEDIOL 'C2 H6 O2'
MN non-polymer 'MANGANESE (II) ION' 'Mn 2'
UNL non-polymer 'UNKNOWN LIGAND' ?
#
# COMPACT_ATOMS: atom_id res chain seq x y z
N THR A 8 27.50 22.79 -18.86
CA THR A 8 26.42 22.09 -18.09
C THR A 8 26.51 20.59 -18.33
N LEU A 9 26.35 19.83 -17.26
CA LEU A 9 26.50 18.38 -17.33
C LEU A 9 25.11 17.79 -17.40
N TYR A 10 25.00 16.62 -18.04
CA TYR A 10 23.73 15.92 -18.19
C TYR A 10 23.78 14.64 -17.38
N GLY A 11 23.13 14.64 -16.21
CA GLY A 11 23.02 13.46 -15.37
C GLY A 11 24.07 13.37 -14.27
N ASP A 12 23.61 12.99 -13.06
CA ASP A 12 24.50 12.66 -11.92
C ASP A 12 25.42 13.82 -11.53
N GLY A 13 24.83 15.01 -11.49
CA GLY A 13 25.61 16.22 -11.14
C GLY A 13 26.19 16.10 -9.74
N ALA A 14 25.49 15.42 -8.84
CA ALA A 14 25.94 15.29 -7.44
C ALA A 14 27.33 14.66 -7.28
N ILE A 15 27.74 13.89 -8.28
CA ILE A 15 29.02 13.21 -8.18
C ILE A 15 29.97 13.67 -9.30
N ARG A 16 29.51 14.59 -10.14
CA ARG A 16 30.32 14.98 -11.31
C ARG A 16 30.72 16.46 -11.32
N ARG A 17 29.90 17.35 -10.77
CA ARG A 17 30.23 18.78 -10.83
C ARG A 17 31.52 19.09 -10.08
N PRO A 18 32.46 19.79 -10.73
CA PRO A 18 33.69 20.20 -10.07
C PRO A 18 33.45 21.36 -9.08
N SER A 19 32.44 22.19 -9.33
CA SER A 19 32.15 23.31 -8.44
C SER A 19 31.03 22.97 -7.47
N VAL A 20 31.05 23.54 -6.26
CA VAL A 20 29.88 23.39 -5.36
C VAL A 20 28.69 24.26 -5.79
N TYR A 21 28.92 25.22 -6.67
CA TYR A 21 27.83 26.08 -7.20
C TYR A 21 27.23 25.53 -8.46
N GLY A 22 25.96 25.84 -8.71
CA GLY A 22 25.35 25.56 -10.00
C GLY A 22 24.54 24.27 -10.02
N SER A 23 23.57 24.19 -10.94
CA SER A 23 22.74 23.00 -11.10
C SER A 23 23.14 22.29 -12.38
N SER A 24 22.69 21.05 -12.55
CA SER A 24 22.99 20.26 -13.74
C SER A 24 21.66 19.75 -14.30
N ILE A 25 21.66 19.23 -15.51
CA ILE A 25 20.43 18.70 -16.07
C ILE A 25 20.25 17.27 -15.55
N GLU A 26 19.07 16.93 -15.02
CA GLU A 26 18.82 15.56 -14.58
C GLU A 26 17.51 15.05 -15.17
N ASN A 27 17.44 13.76 -15.46
CA ASN A 27 16.12 13.13 -15.56
C ASN A 27 15.58 12.97 -14.15
N THR A 28 14.35 13.43 -13.93
CA THR A 28 13.87 13.57 -12.57
C THR A 28 13.78 12.20 -11.89
N TYR A 29 13.47 11.19 -12.70
CA TYR A 29 13.34 9.78 -12.27
C TYR A 29 14.65 9.00 -12.20
N ALA A 30 15.79 9.66 -12.34
CA ALA A 30 17.07 8.97 -12.29
C ALA A 30 18.11 9.88 -11.65
N GLY A 31 19.38 9.44 -11.73
CA GLY A 31 20.51 10.22 -11.22
C GLY A 31 20.72 10.09 -9.71
N VAL A 32 21.94 10.42 -9.27
CA VAL A 32 22.33 10.27 -7.88
C VAL A 32 21.41 11.08 -6.98
N LEU A 33 20.95 10.46 -5.87
CA LEU A 33 19.90 11.02 -5.06
C LEU A 33 20.39 11.74 -3.82
N SER A 34 21.29 12.70 -4.00
CA SER A 34 21.67 13.58 -2.86
C SER A 34 20.56 14.64 -2.70
N PHE A 35 20.57 15.34 -1.58
CA PHE A 35 19.51 16.30 -1.35
C PHE A 35 19.52 17.42 -2.39
N MET A 36 18.42 17.56 -3.13
CA MET A 36 18.33 18.52 -4.25
C MET A 36 19.53 18.46 -5.18
N ARG A 37 20.07 17.22 -5.35
CA ARG A 37 21.17 16.91 -6.27
C ARG A 37 22.46 17.63 -5.91
N ARG A 38 22.62 18.10 -4.67
CA ARG A 38 23.83 18.86 -4.34
C ARG A 38 25.05 17.96 -4.27
N ASN A 39 26.25 18.53 -4.44
CA ASN A 39 27.46 17.72 -4.44
C ASN A 39 27.57 16.87 -3.16
N TYR A 40 27.80 15.58 -3.34
CA TYR A 40 28.15 14.72 -2.22
C TYR A 40 29.62 14.93 -1.88
N THR A 41 29.88 15.49 -0.70
CA THR A 41 31.27 15.78 -0.31
C THR A 41 31.37 16.04 1.18
N ARG A 42 32.54 15.81 1.75
CA ARG A 42 32.77 16.19 3.12
C ARG A 42 33.77 17.32 3.25
N ASP A 43 34.13 17.90 2.11
CA ASP A 43 34.98 19.11 2.09
C ASP A 43 34.10 20.32 2.36
N LEU A 44 34.35 21.00 3.47
CA LEU A 44 33.49 22.06 3.95
C LEU A 44 34.02 23.46 3.63
N ASP A 45 35.19 23.55 3.00
CA ASP A 45 35.79 24.85 2.68
CA ASP A 45 35.75 24.86 2.73
C ASP A 45 34.89 25.66 1.75
N GLY A 46 34.55 26.89 2.13
CA GLY A 46 33.73 27.76 1.29
C GLY A 46 32.26 27.35 1.20
N VAL A 47 31.84 26.46 2.08
CA VAL A 47 30.44 25.98 2.04
C VAL A 47 29.54 26.83 2.94
N ASP A 48 28.37 27.20 2.43
CA ASP A 48 27.38 28.01 3.16
C ASP A 48 26.43 27.19 4.00
N VAL A 49 25.93 26.08 3.43
CA VAL A 49 24.99 25.20 4.12
C VAL A 49 25.38 23.76 3.89
N VAL A 50 25.40 22.97 4.97
CA VAL A 50 25.67 21.55 4.90
C VAL A 50 24.37 20.83 5.20
N VAL A 51 23.88 20.05 4.24
CA VAL A 51 22.76 19.14 4.49
C VAL A 51 23.34 17.81 4.95
N SER A 52 22.81 17.27 6.04
CA SER A 52 23.24 15.95 6.52
C SER A 52 22.04 15.25 7.15
N GLY A 53 22.10 13.93 7.21
CA GLY A 53 21.05 13.17 7.89
C GLY A 53 21.52 12.61 9.22
N VAL A 54 20.60 12.45 10.15
CA VAL A 54 20.86 11.73 11.39
C VAL A 54 19.77 10.65 11.50
N PRO A 55 20.11 9.41 11.15
CA PRO A 55 19.07 8.39 10.89
C PRO A 55 18.68 7.65 12.20
N LEU A 56 18.13 8.41 13.13
CA LEU A 56 17.80 7.90 14.47
C LEU A 56 16.30 7.64 14.64
N ASP A 57 15.92 6.49 15.20
CA ASP A 57 14.53 6.40 15.69
C ASP A 57 14.42 5.69 17.03
N LEU A 58 15.54 5.59 17.74
CA LEU A 58 15.56 4.88 19.02
C LEU A 58 14.85 5.65 20.12
N ALA A 59 14.64 6.95 19.91
CA ALA A 59 14.03 7.79 20.94
C ALA A 59 12.51 7.89 20.79
N THR A 60 11.94 7.20 19.78
CA THR A 60 10.51 7.30 19.47
C THR A 60 9.62 6.62 20.54
N THR A 61 8.42 7.14 20.73
CA THR A 61 7.46 6.63 21.72
C THR A 61 6.31 5.81 21.12
N PHE A 62 6.07 5.96 19.81
CA PHE A 62 5.04 5.13 19.16
C PHE A 62 5.67 4.35 18.02
N ARG A 63 5.38 4.72 16.76
CA ARG A 63 5.92 3.98 15.63
C ARG A 63 7.38 4.30 15.42
N SER A 64 8.18 3.29 15.10
CA SER A 64 9.54 3.50 14.63
C SER A 64 9.52 3.59 13.11
N GLY A 65 10.60 4.11 12.52
CA GLY A 65 10.68 4.27 11.07
C GLY A 65 11.42 5.53 10.64
N ALA A 66 11.53 6.49 11.55
CA ALA A 66 12.23 7.73 11.20
C ALA A 66 13.71 7.53 10.88
N ARG A 67 14.28 6.36 11.18
CA ARG A 67 15.69 6.12 10.84
C ARG A 67 15.88 6.21 9.32
N LEU A 68 14.83 5.93 8.54
CA LEU A 68 14.89 6.03 7.07
C LEU A 68 14.49 7.40 6.54
N GLY A 69 14.15 8.34 7.43
CA GLY A 69 13.74 9.70 7.03
C GLY A 69 14.71 10.39 6.08
N PRO A 70 16.01 10.38 6.37
CA PRO A 70 16.89 11.20 5.49
C PRO A 70 16.89 10.69 4.04
N SER A 71 16.97 9.38 3.86
CA SER A 71 16.90 8.83 2.49
C SER A 71 15.58 9.21 1.79
N ALA A 72 14.48 9.19 2.52
CA ALA A 72 13.16 9.47 1.93
C ALA A 72 13.08 10.91 1.52
N VAL A 73 13.61 11.80 2.38
CA VAL A 73 13.59 13.23 2.07
C VAL A 73 14.46 13.55 0.83
N ARG A 74 15.64 12.91 0.76
CA ARG A 74 16.51 13.03 -0.40
C ARG A 74 15.79 12.59 -1.68
N ALA A 75 15.20 11.40 -1.65
CA ALA A 75 14.49 10.90 -2.83
C ALA A 75 13.32 11.85 -3.21
N ALA A 76 12.66 12.43 -2.20
CA ALA A 76 11.48 13.31 -2.44
C ALA A 76 11.85 14.69 -2.92
N SER A 77 13.15 14.99 -2.94
CA SER A 77 13.60 16.32 -3.33
C SER A 77 13.88 16.46 -4.83
N VAL A 78 13.71 15.37 -5.60
CA VAL A 78 14.07 15.40 -7.03
C VAL A 78 13.35 16.46 -7.88
N GLN A 79 12.05 16.67 -7.67
CA GLN A 79 11.36 17.70 -8.48
C GLN A 79 11.81 19.10 -8.09
N LEU A 80 12.15 19.30 -6.81
CA LEU A 80 12.58 20.62 -6.34
C LEU A 80 13.89 21.06 -7.04
N ALA A 81 14.68 20.10 -7.44
CA ALA A 81 15.95 20.41 -8.12
C ALA A 81 15.78 20.80 -9.59
N GLU A 82 14.62 20.51 -10.19
CA GLU A 82 14.43 20.69 -11.65
C GLU A 82 14.16 22.15 -12.04
N LEU A 83 13.56 22.92 -11.15
CA LEU A 83 13.08 24.27 -11.46
C LEU A 83 13.57 25.22 -10.39
N ASN A 84 13.62 26.51 -10.69
CA ASN A 84 13.89 27.47 -9.63
C ASN A 84 12.77 27.33 -8.59
N PRO A 85 13.11 27.30 -7.28
CA PRO A 85 12.03 27.24 -6.29
C PRO A 85 11.00 28.36 -6.37
N TYR A 86 9.74 28.00 -6.10
CA TYR A 86 8.62 28.94 -6.17
C TYR A 86 8.24 29.40 -4.74
N PRO A 87 7.94 30.70 -4.54
CA PRO A 87 7.83 31.84 -5.47
C PRO A 87 9.15 32.59 -5.69
N TRP A 88 10.22 32.08 -5.09
CA TRP A 88 11.54 32.76 -5.08
C TRP A 88 12.01 33.17 -6.45
N GLY A 89 11.92 32.26 -7.41
CA GLY A 89 12.25 32.58 -8.80
C GLY A 89 13.74 32.75 -9.10
N PHE A 90 14.59 32.19 -8.24
CA PHE A 90 16.03 32.13 -8.48
C PHE A 90 16.51 30.70 -8.25
N ASP A 91 17.64 30.31 -8.85
CA ASP A 91 18.26 29.04 -8.49
C ASP A 91 19.18 29.33 -7.30
N PRO A 92 18.82 28.85 -6.09
CA PRO A 92 19.61 29.25 -4.92
C PRO A 92 21.10 28.83 -5.03
N PHE A 93 21.38 27.83 -5.85
CA PHE A 93 22.71 27.23 -5.87
C PHE A 93 23.68 27.99 -6.71
N ASP A 94 23.21 29.02 -7.42
CA ASP A 94 24.14 29.90 -8.14
C ASP A 94 24.94 30.77 -7.21
N ASP A 95 24.34 31.15 -6.09
CA ASP A 95 24.96 32.07 -5.13
C ASP A 95 25.18 31.48 -3.75
N LEU A 96 24.50 30.38 -3.41
CA LEU A 96 24.62 29.74 -2.11
C LEU A 96 25.29 28.38 -2.30
N ALA A 97 26.40 28.14 -1.60
CA ALA A 97 27.12 26.88 -1.69
C ALA A 97 26.54 25.88 -0.72
N VAL A 98 25.86 24.86 -1.27
CA VAL A 98 25.16 23.85 -0.48
C VAL A 98 25.68 22.48 -0.86
N ILE A 99 26.06 21.68 0.14
CA ILE A 99 26.52 20.32 -0.11
C ILE A 99 25.67 19.31 0.66
N ASP A 100 25.72 18.07 0.20
CA ASP A 100 25.17 16.95 0.95
C ASP A 100 26.35 16.15 1.53
N TYR A 101 26.49 16.18 2.87
CA TYR A 101 27.58 15.56 3.62
C TYR A 101 27.42 14.05 3.71
N GLY A 102 26.21 13.59 3.47
CA GLY A 102 25.83 12.22 3.82
C GLY A 102 25.24 12.24 5.23
N ASP A 103 25.53 11.22 6.01
CA ASP A 103 24.89 11.06 7.32
C ASP A 103 25.87 11.02 8.50
N CYS A 104 25.34 11.39 9.67
CA CYS A 104 26.02 11.17 10.96
C CYS A 104 26.00 9.69 11.26
N TRP A 105 27.17 9.04 11.29
CA TRP A 105 27.26 7.63 11.70
C TRP A 105 27.19 7.56 13.20
N PHE A 106 26.57 6.52 13.73
CA PHE A 106 26.57 6.24 15.15
C PHE A 106 26.40 4.73 15.33
N ASP A 107 26.86 4.23 16.47
CA ASP A 107 26.75 2.85 16.85
C ASP A 107 25.44 2.70 17.60
N ALA A 108 24.39 2.30 16.90
CA ALA A 108 23.07 2.17 17.50
C ALA A 108 23.03 1.16 18.64
N HIS A 109 23.97 0.21 18.63
CA HIS A 109 23.96 -0.90 19.57
C HIS A 109 24.57 -0.52 20.88
N HIS A 110 25.17 0.67 20.90
CA HIS A 110 25.62 1.35 22.12
C HIS A 110 24.94 2.69 22.26
N PRO A 111 23.65 2.67 22.64
CA PRO A 111 22.83 3.86 22.48
C PRO A 111 23.26 5.07 23.31
N LEU A 112 23.99 4.85 24.40
CA LEU A 112 24.48 5.97 25.16
C LEU A 112 25.57 6.75 24.41
N SER A 113 26.10 6.17 23.33
CA SER A 113 27.12 6.85 22.53
C SER A 113 26.54 7.84 21.50
N ILE A 114 25.22 7.81 21.36
CA ILE A 114 24.57 8.51 20.25
C ILE A 114 24.53 10.01 20.45
N LYS A 115 24.11 10.48 21.63
CA LYS A 115 24.13 11.90 21.91
C LYS A 115 25.53 12.53 21.63
N PRO A 116 26.61 11.98 22.22
CA PRO A 116 27.90 12.63 21.92
C PRO A 116 28.33 12.52 20.44
N ALA A 117 27.97 11.43 19.77
CA ALA A 117 28.22 11.31 18.33
C ALA A 117 27.54 12.46 17.54
N ILE A 118 26.29 12.77 17.90
CA ILE A 118 25.57 13.84 17.20
C ILE A 118 26.18 15.19 17.55
N VAL A 119 26.55 15.38 18.81
CA VAL A 119 27.21 16.63 19.18
C VAL A 119 28.49 16.83 18.36
N GLU A 120 29.29 15.78 18.24
CA GLU A 120 30.61 15.86 17.58
C GLU A 120 30.41 16.11 16.08
N HIS A 121 29.38 15.47 15.54
CA HIS A 121 28.96 15.68 14.14
C HIS A 121 28.70 17.15 13.89
N ALA A 122 27.87 17.75 14.74
CA ALA A 122 27.57 19.18 14.59
C ALA A 122 28.80 20.06 14.89
N ARG A 123 29.54 19.73 15.94
CA ARG A 123 30.74 20.52 16.28
C ARG A 123 31.68 20.60 15.07
N THR A 124 31.86 19.46 14.41
CA THR A 124 32.77 19.35 13.26
C THR A 124 32.29 20.26 12.12
N ILE A 125 31.01 20.19 11.82
CA ILE A 125 30.49 20.98 10.70
C ILE A 125 30.53 22.47 11.06
N LEU A 126 30.16 22.78 12.30
CA LEU A 126 30.10 24.18 12.72
C LEU A 126 31.46 24.84 12.77
N GLN A 127 32.53 24.06 12.87
CA GLN A 127 33.89 24.61 12.81
C GLN A 127 34.15 25.33 11.46
N SER A 128 33.43 24.92 10.42
CA SER A 128 33.58 25.50 9.08
C SER A 128 32.82 26.82 8.88
N ASP A 129 32.02 27.23 9.86
CA ASP A 129 31.05 28.34 9.72
C ASP A 129 29.88 28.11 8.72
N ALA A 130 29.80 26.93 8.11
CA ALA A 130 28.59 26.58 7.33
C ALA A 130 27.41 26.48 8.29
N ARG A 131 26.20 26.71 7.80
CA ARG A 131 24.98 26.45 8.55
C ARG A 131 24.64 24.99 8.38
N MET A 132 23.97 24.43 9.38
CA MET A 132 23.50 23.05 9.28
C MET A 132 22.02 23.01 8.96
N LEU A 133 21.66 22.23 7.92
CA LEU A 133 20.26 21.85 7.68
C LEU A 133 20.27 20.33 7.81
N THR A 134 19.67 19.82 8.88
CA THR A 134 19.76 18.43 9.20
C THR A 134 18.43 17.72 9.00
N LEU A 135 18.50 16.57 8.32
CA LEU A 135 17.31 15.75 8.11
C LEU A 135 17.28 14.63 9.14
N GLY A 136 16.16 14.50 9.84
CA GLY A 136 15.95 13.39 10.75
C GLY A 136 15.32 12.20 10.07
N GLY A 137 15.16 11.10 10.80
CA GLY A 137 15.47 11.01 12.23
C GLY A 137 14.38 11.54 13.14
N ASP A 138 14.30 10.98 14.35
CA ASP A 138 13.32 11.44 15.33
C ASP A 138 13.76 12.72 16.01
N HIS A 139 12.82 13.35 16.73
CA HIS A 139 13.05 14.71 17.21
C HIS A 139 14.13 14.79 18.24
N TYR A 140 14.51 13.67 18.83
CA TYR A 140 15.53 13.73 19.88
C TYR A 140 16.82 14.34 19.30
N ILE A 141 17.07 14.13 18.01
CA ILE A 141 18.31 14.66 17.40
C ILE A 141 18.51 16.17 17.62
N THR A 142 17.41 16.92 17.76
CA THR A 142 17.52 18.36 17.92
C THR A 142 18.21 18.76 19.23
N TYR A 143 18.11 17.92 20.24
CA TYR A 143 18.75 18.25 21.53
C TYR A 143 20.31 18.32 21.42
N PRO A 144 20.97 17.23 20.98
CA PRO A 144 22.43 17.40 20.77
C PRO A 144 22.80 18.43 19.72
N LEU A 145 21.97 18.63 18.69
CA LEU A 145 22.21 19.68 17.71
C LEU A 145 22.18 21.05 18.39
N LEU A 146 21.18 21.28 19.23
CA LEU A 146 21.11 22.53 20.01
C LEU A 146 22.29 22.72 20.94
N ILE A 147 22.72 21.64 21.60
CA ILE A 147 23.94 21.71 22.44
C ILE A 147 25.12 22.26 21.62
N ALA A 148 25.39 21.66 20.47
CA ALA A 148 26.48 22.15 19.60
C ALA A 148 26.25 23.58 19.11
N HIS A 149 25.01 23.90 18.75
CA HIS A 149 24.71 25.26 18.25
C HIS A 149 24.85 26.30 19.33
N ALA A 150 24.46 25.96 20.55
CA ALA A 150 24.64 26.92 21.67
C ALA A 150 26.12 27.15 21.98
N GLN A 151 26.95 26.11 21.81
CA GLN A 151 28.42 26.24 21.95
C GLN A 151 28.96 27.26 20.98
N LYS A 152 28.49 27.23 19.73
CA LYS A 152 28.99 28.14 18.70
C LYS A 152 28.40 29.54 18.81
N TYR A 153 27.08 29.60 19.03
CA TYR A 153 26.36 30.84 18.87
C TYR A 153 26.02 31.50 20.20
N GLY A 154 26.32 30.82 21.31
CA GLY A 154 26.07 31.34 22.67
C GLY A 154 24.71 30.90 23.23
N LYS A 155 24.59 30.86 24.56
CA LYS A 155 23.31 30.63 25.25
C LYS A 155 22.76 31.98 25.74
N PRO A 156 21.43 32.19 25.67
CA PRO A 156 20.39 31.29 25.20
C PRO A 156 20.05 31.48 23.72
N LEU A 157 19.61 30.43 23.06
CA LEU A 157 19.12 30.56 21.69
C LEU A 157 17.62 30.76 21.68
N SER A 158 17.10 31.34 20.60
CA SER A 158 15.68 31.28 20.31
C SER A 158 15.36 29.99 19.56
N LEU A 159 14.27 29.34 19.95
CA LEU A 159 13.79 28.13 19.25
C LEU A 159 12.51 28.46 18.48
N ILE A 160 12.45 28.12 17.19
CA ILE A 160 11.21 28.17 16.43
C ILE A 160 10.88 26.71 16.12
N HIS A 161 9.79 26.21 16.72
CA HIS A 161 9.50 24.78 16.78
C HIS A 161 8.13 24.52 16.19
N PHE A 162 8.09 23.84 15.04
CA PHE A 162 6.83 23.42 14.38
C PHE A 162 6.56 21.96 14.76
N ASP A 163 5.38 21.67 15.33
CA ASP A 163 5.15 20.36 15.92
C ASP A 163 3.73 20.24 16.44
N ALA A 164 3.17 19.03 16.41
CA ALA A 164 1.91 18.82 17.16
C ALA A 164 2.18 18.70 18.66
N HIS A 165 3.46 18.43 18.99
CA HIS A 165 3.91 18.11 20.36
C HIS A 165 4.88 19.15 20.85
N CYS A 166 4.70 19.53 22.11
CA CYS A 166 5.59 20.53 22.72
C CYS A 166 6.98 19.97 23.05
N ASP A 167 7.07 18.64 23.25
CA ASP A 167 8.34 17.97 23.63
C ASP A 167 9.01 18.59 24.86
N THR A 168 8.18 19.15 25.74
CA THR A 168 8.63 19.79 26.98
C THR A 168 8.08 19.08 28.21
N TRP A 169 7.62 17.84 28.04
CA TRP A 169 7.16 17.07 29.21
C TRP A 169 8.33 16.83 30.13
N ALA A 170 8.08 16.92 31.45
CA ALA A 170 9.14 16.83 32.49
C ALA A 170 9.82 15.46 32.49
N ASP A 171 11.12 15.42 32.75
CA ASP A 171 11.86 14.17 32.68
C ASP A 171 12.98 14.14 33.70
N ASP A 175 20.11 11.63 30.92
CA ASP A 175 20.54 10.35 30.33
C ASP A 175 19.50 9.72 29.37
N SER A 176 18.22 10.00 29.59
CA SER A 176 17.17 9.35 28.82
C SER A 176 17.22 9.72 27.33
N LEU A 177 16.80 8.77 26.48
CA LEU A 177 16.72 8.93 25.03
C LEU A 177 15.23 9.03 24.63
N ASN A 178 14.69 10.24 24.64
CA ASN A 178 13.22 10.44 24.47
C ASN A 178 12.88 11.66 23.61
N HIS A 179 12.19 11.44 22.48
CA HIS A 179 11.91 12.55 21.55
C HIS A 179 10.85 13.50 22.02
N GLY A 180 10.29 13.26 23.21
CA GLY A 180 9.23 14.10 23.76
C GLY A 180 9.62 14.84 25.03
N THR A 181 10.86 14.69 25.48
CA THR A 181 11.29 15.40 26.68
C THR A 181 12.54 16.28 26.52
N MET A 182 13.10 16.31 25.31
CA MET A 182 14.42 16.94 25.13
C MET A 182 14.36 18.48 25.17
N PHE A 183 13.20 19.08 24.93
CA PHE A 183 13.08 20.54 25.06
C PHE A 183 12.80 21.01 26.49
N TYR A 184 12.29 20.11 27.33
CA TYR A 184 12.28 20.37 28.76
C TYR A 184 13.75 20.49 29.25
N LYS A 185 14.57 19.52 28.85
CA LYS A 185 16.00 19.54 29.13
C LYS A 185 16.64 20.79 28.56
N ALA A 186 16.32 21.12 27.30
CA ALA A 186 16.88 22.32 26.67
C ALA A 186 16.59 23.60 27.50
N VAL A 187 15.36 23.73 28.00
CA VAL A 187 14.98 24.88 28.84
C VAL A 187 15.72 24.80 30.17
N LYS A 188 15.69 23.63 30.80
CA LYS A 188 16.34 23.52 32.13
C LYS A 188 17.87 23.67 32.05
N ASP A 189 18.49 23.19 30.96
CA ASP A 189 19.94 23.33 30.69
C ASP A 189 20.35 24.78 30.43
N GLY A 190 19.37 25.65 30.16
CA GLY A 190 19.63 27.04 29.78
C GLY A 190 20.06 27.22 28.33
N LEU A 191 19.72 26.28 27.45
CA LEU A 191 20.08 26.35 26.03
C LEU A 191 19.24 27.35 25.25
N ILE A 192 17.94 27.39 25.58
CA ILE A 192 16.98 28.22 24.85
C ILE A 192 16.24 29.13 25.82
N ASP A 193 15.84 30.32 25.38
CA ASP A 193 15.00 31.18 26.21
C ASP A 193 13.52 31.04 25.80
N PRO A 194 12.71 30.46 26.68
CA PRO A 194 11.31 30.21 26.30
C PRO A 194 10.55 31.47 25.93
N LYS A 195 10.81 32.60 26.60
CA LYS A 195 10.10 33.85 26.28
C LYS A 195 10.39 34.34 24.85
N ALA A 196 11.55 33.96 24.32
CA ALA A 196 11.93 34.35 22.96
C ALA A 196 11.89 33.16 22.00
N SER A 197 11.09 32.16 22.34
CA SER A 197 10.94 30.96 21.55
C SER A 197 9.45 30.78 21.24
N VAL A 198 9.15 29.97 20.22
CA VAL A 198 7.75 29.84 19.81
C VAL A 198 7.51 28.43 19.27
N GLN A 199 6.36 27.87 19.63
CA GLN A 199 5.93 26.56 19.12
C GLN A 199 4.66 26.74 18.29
N VAL A 200 4.60 26.10 17.14
CA VAL A 200 3.56 26.36 16.14
C VAL A 200 2.95 25.03 15.70
N GLY A 201 1.63 24.94 15.78
CA GLY A 201 0.89 23.74 15.38
C GLY A 201 0.52 22.82 16.52
N ILE A 202 0.91 23.20 17.73
CA ILE A 202 0.71 22.38 18.94
C ILE A 202 -0.75 21.97 19.09
N ARG A 203 -0.98 20.69 19.42
CA ARG A 203 -2.31 20.21 19.68
C ARG A 203 -2.24 19.01 20.60
N THR A 204 -1.32 19.03 21.55
CA THR A 204 -1.27 18.01 22.58
C THR A 204 -1.01 18.73 23.92
N TRP A 205 -1.38 18.06 25.00
CA TRP A 205 -1.43 18.71 26.32
C TRP A 205 -0.18 18.55 27.13
N ASN A 206 0.24 19.64 27.78
CA ASN A 206 1.26 19.58 28.82
C ASN A 206 0.74 20.40 30.02
N ASP A 207 0.89 19.84 31.23
CA ASP A 207 0.60 20.60 32.47
C ASP A 207 1.47 21.84 32.63
N ASP A 208 2.60 21.88 31.93
CA ASP A 208 3.53 23.01 32.08
C ASP A 208 4.32 23.23 30.79
N TYR A 209 3.88 24.21 30.01
CA TYR A 209 4.50 24.52 28.72
C TYR A 209 5.79 25.32 28.84
N LEU A 210 6.23 25.57 30.08
CA LEU A 210 7.55 26.16 30.38
C LEU A 210 7.71 27.60 29.92
N GLY A 211 6.59 28.31 29.82
CA GLY A 211 6.54 29.71 29.37
C GLY A 211 6.95 29.95 27.91
N ILE A 212 7.00 28.89 27.09
CA ILE A 212 7.29 29.06 25.66
C ILE A 212 6.01 29.61 25.03
N ASN A 213 6.14 30.54 24.09
CA ASN A 213 4.98 31.05 23.36
C ASN A 213 4.41 29.96 22.48
N VAL A 214 3.09 29.75 22.55
CA VAL A 214 2.47 28.69 21.74
C VAL A 214 1.41 29.25 20.81
N LEU A 215 1.54 28.94 19.53
CA LEU A 215 0.50 29.23 18.56
C LEU A 215 -0.06 27.87 18.16
N ASP A 216 -1.14 27.44 18.80
CA ASP A 216 -1.61 26.06 18.59
C ASP A 216 -2.23 25.90 17.18
N ALA A 217 -2.46 24.65 16.77
CA ALA A 217 -3.03 24.40 15.48
C ALA A 217 -4.31 25.24 15.22
N ALA A 218 -5.23 25.27 16.21
CA ALA A 218 -6.48 26.01 16.06
C ALA A 218 -6.20 27.50 15.85
N TRP A 219 -5.21 28.03 16.54
CA TRP A 219 -4.84 29.44 16.45
C TRP A 219 -4.39 29.76 15.04
N VAL A 220 -3.58 28.88 14.47
CA VAL A 220 -3.10 29.09 13.10
C VAL A 220 -4.26 29.03 12.11
N HIS A 221 -5.16 28.05 12.29
CA HIS A 221 -6.33 27.94 11.45
C HIS A 221 -7.22 29.17 11.54
N GLU A 222 -7.37 29.72 12.74
CA GLU A 222 -8.21 30.89 12.97
C GLU A 222 -7.61 32.17 12.42
N HIS A 223 -6.30 32.38 12.64
CA HIS A 223 -5.68 33.67 12.35
C HIS A 223 -4.88 33.73 11.09
N GLY A 224 -4.41 32.59 10.58
CA GLY A 224 -3.77 32.56 9.27
C GLY A 224 -2.26 32.60 9.32
N ALA A 225 -1.65 32.31 8.18
CA ALA A 225 -0.19 32.22 8.07
C ALA A 225 0.51 33.57 8.26
N ARG A 226 -0.02 34.65 7.69
CA ARG A 226 0.62 35.98 7.87
C ARG A 226 0.63 36.39 9.34
N ALA A 227 -0.50 36.25 10.04
CA ALA A 227 -0.56 36.56 11.47
C ALA A 227 0.45 35.70 12.24
N THR A 228 0.57 34.42 11.85
CA THR A 228 1.48 33.49 12.54
C THR A 228 2.93 33.90 12.32
N LEU A 229 3.30 34.12 11.07
CA LEU A 229 4.70 34.44 10.77
C LEU A 229 5.07 35.79 11.44
N GLU A 230 4.15 36.75 11.47
CA GLU A 230 4.44 38.05 12.12
C GLU A 230 4.63 37.90 13.62
N ARG A 231 3.87 37.02 14.24
CA ARG A 231 3.99 36.75 15.67
CA ARG A 231 3.99 36.77 15.67
C ARG A 231 5.34 36.10 15.97
N ILE A 232 5.73 35.15 15.12
CA ILE A 232 7.06 34.53 15.21
C ILE A 232 8.19 35.58 15.18
N GLU A 233 8.16 36.45 14.17
CA GLU A 233 9.21 37.44 13.99
C GLU A 233 9.30 38.35 15.20
N SER A 234 8.13 38.76 15.67
CA SER A 234 7.99 39.54 16.89
C SER A 234 8.64 38.89 18.11
N ILE A 235 8.38 37.60 18.31
CA ILE A 235 8.89 36.86 19.46
C ILE A 235 10.42 36.74 19.44
N VAL A 236 10.98 36.42 18.28
CA VAL A 236 12.40 36.09 18.20
C VAL A 236 13.26 37.33 17.97
N GLY A 237 12.67 38.37 17.40
CA GLY A 237 13.42 39.57 17.04
C GLY A 237 14.68 39.24 16.26
N GLY A 238 15.83 39.76 16.68
CA GLY A 238 17.08 39.49 16.00
C GLY A 238 17.97 38.45 16.68
N ARG A 239 17.41 37.73 17.64
CA ARG A 239 18.15 36.74 18.42
C ARG A 239 18.55 35.56 17.53
N PRO A 240 19.72 34.95 17.78
CA PRO A 240 20.11 33.76 17.02
C PRO A 240 19.07 32.68 17.22
N ALA A 241 18.51 32.18 16.12
CA ALA A 241 17.34 31.29 16.18
C ALA A 241 17.58 30.02 15.41
N TYR A 242 17.21 28.90 16.03
CA TYR A 242 17.29 27.57 15.42
C TYR A 242 15.85 27.16 15.12
N LEU A 243 15.60 26.71 13.88
CA LEU A 243 14.24 26.29 13.48
C LEU A 243 14.18 24.78 13.39
N THR A 244 13.25 24.18 14.12
CA THR A 244 13.12 22.71 14.10
C THR A 244 11.72 22.38 13.64
N PHE A 245 11.64 21.61 12.54
CA PHE A 245 10.35 21.35 11.93
C PHE A 245 10.05 19.86 12.02
N ASP A 246 9.15 19.49 12.93
CA ASP A 246 8.62 18.12 13.02
C ASP A 246 7.48 18.01 12.04
N ILE A 247 7.59 17.04 11.12
CA ILE A 247 6.64 16.94 10.02
C ILE A 247 5.23 16.63 10.55
N ASP A 248 5.15 16.10 11.77
CA ASP A 248 3.80 15.89 12.35
C ASP A 248 3.05 17.18 12.76
N CYS A 249 3.69 18.33 12.58
CA CYS A 249 2.99 19.60 12.63
C CYS A 249 1.84 19.59 11.62
N LEU A 250 2.12 19.04 10.43
CA LEU A 250 1.09 18.93 9.40
C LEU A 250 0.05 17.88 9.80
N ASP A 251 -1.18 18.10 9.38
CA ASP A 251 -2.21 17.11 9.63
C ASP A 251 -1.78 15.78 8.99
N PRO A 252 -2.21 14.65 9.57
CA PRO A 252 -1.94 13.34 8.98
C PRO A 252 -2.38 13.18 7.52
N ALA A 253 -3.37 13.95 7.06
CA ALA A 253 -3.74 13.95 5.62
C ALA A 253 -2.57 14.35 4.73
N PHE A 254 -1.79 15.35 5.18
CA PHE A 254 -0.64 15.85 4.45
C PHE A 254 0.64 15.10 4.82
N ALA A 255 0.70 14.54 6.03
CA ALA A 255 1.91 13.88 6.53
C ALA A 255 1.56 12.57 7.25
N PRO A 256 1.08 11.58 6.47
CA PRO A 256 0.75 10.29 7.08
C PRO A 256 1.99 9.55 7.55
N GLY A 257 3.14 9.86 6.93
CA GLY A 257 4.40 9.15 7.16
C GLY A 257 5.14 9.66 8.37
N THR A 258 4.58 9.43 9.55
CA THR A 258 5.23 9.91 10.77
C THR A 258 4.87 9.01 11.93
N GLY A 259 5.66 9.03 13.00
CA GLY A 259 5.50 8.03 14.08
C GLY A 259 4.38 8.34 15.07
N THR A 260 4.05 9.63 15.25
CA THR A 260 3.03 10.05 16.24
C THR A 260 2.03 11.01 15.58
N PRO A 261 1.15 10.49 14.69
CA PRO A 261 0.22 11.38 13.99
C PRO A 261 -0.92 11.84 14.90
N VAL A 262 -1.27 13.13 14.80
CA VAL A 262 -2.32 13.74 15.63
C VAL A 262 -3.28 14.52 14.75
N ALA A 263 -4.57 14.21 14.79
CA ALA A 263 -5.53 14.89 13.91
C ALA A 263 -5.63 16.40 14.18
N GLY A 264 -5.98 17.15 13.15
CA GLY A 264 -6.34 18.56 13.26
C GLY A 264 -5.19 19.51 12.99
N GLY A 265 -4.22 19.06 12.19
CA GLY A 265 -2.98 19.78 11.99
C GLY A 265 -3.01 20.79 10.86
N LEU A 266 -1.83 21.29 10.52
CA LEU A 266 -1.68 22.31 9.47
C LEU A 266 -1.64 21.67 8.07
N SER A 267 -2.00 22.47 7.07
CA SER A 267 -1.72 22.04 5.67
C SER A 267 -0.28 22.37 5.32
N SER A 268 0.23 21.72 4.28
CA SER A 268 1.56 22.14 3.78
C SER A 268 1.49 23.58 3.27
N ALA A 269 0.36 24.02 2.71
CA ALA A 269 0.24 25.40 2.22
C ALA A 269 0.45 26.37 3.39
N GLN A 270 -0.20 26.10 4.51
CA GLN A 270 -0.04 26.99 5.69
C GLN A 270 1.40 27.02 6.16
N ALA A 271 2.00 25.84 6.33
CA ALA A 271 3.35 25.71 6.88
C ALA A 271 4.38 26.40 5.96
N LEU A 272 4.26 26.16 4.65
CA LEU A 272 5.21 26.79 3.71
C LEU A 272 5.03 28.31 3.62
N ALA A 273 3.79 28.78 3.69
CA ALA A 273 3.55 30.23 3.72
C ALA A 273 4.25 30.87 4.93
N ILE A 274 4.23 30.17 6.06
CA ILE A 274 4.90 30.68 7.27
C ILE A 274 6.41 30.65 7.09
N VAL A 275 6.97 29.48 6.74
CA VAL A 275 8.44 29.39 6.59
C VAL A 275 8.99 30.39 5.57
N ARG A 276 8.30 30.52 4.42
CA ARG A 276 8.79 31.40 3.32
C ARG A 276 8.88 32.84 3.76
N GLY A 277 8.09 33.19 4.76
CA GLY A 277 8.05 34.57 5.23
C GLY A 277 9.03 34.93 6.33
N LEU A 278 9.91 34.00 6.68
CA LEU A 278 10.82 34.18 7.81
C LEU A 278 12.18 34.81 7.51
N GLY A 279 12.24 35.61 6.44
CA GLY A 279 13.50 36.24 6.00
C GLY A 279 14.15 37.22 6.98
N GLY A 280 13.36 37.78 7.90
CA GLY A 280 13.89 38.68 8.93
C GLY A 280 14.52 37.99 10.13
N VAL A 281 14.29 36.69 10.26
CA VAL A 281 14.83 35.91 11.38
C VAL A 281 16.33 35.65 11.22
N ASN A 282 17.08 35.79 12.31
CA ASN A 282 18.50 35.44 12.38
C ASN A 282 18.66 33.92 12.49
N LEU A 283 18.44 33.25 11.37
CA LEU A 283 18.36 31.79 11.34
C LEU A 283 19.75 31.17 11.33
N ILE A 284 20.10 30.47 12.40
CA ILE A 284 21.47 29.98 12.57
C ILE A 284 21.64 28.52 12.21
N GLY A 285 20.52 27.79 12.13
CA GLY A 285 20.55 26.34 11.91
C GLY A 285 19.11 25.86 11.85
N ALA A 286 18.90 24.69 11.26
CA ALA A 286 17.54 24.16 11.15
C ALA A 286 17.54 22.66 10.96
N ASP A 287 16.42 22.03 11.28
CA ASP A 287 16.29 20.61 10.97
C ASP A 287 14.84 20.31 10.57
N VAL A 288 14.64 19.18 9.91
CA VAL A 288 13.33 18.73 9.49
C VAL A 288 13.29 17.26 9.87
N VAL A 289 12.39 16.90 10.79
CA VAL A 289 12.48 15.62 11.49
C VAL A 289 11.18 14.82 11.42
N GLU A 290 11.32 13.55 11.79
CA GLU A 290 10.19 12.61 12.03
C GLU A 290 9.54 12.06 10.74
N VAL A 291 10.14 12.27 9.58
CA VAL A 291 9.66 11.53 8.40
C VAL A 291 9.93 10.03 8.57
N ALA A 292 8.87 9.23 8.47
CA ALA A 292 8.97 7.77 8.59
C ALA A 292 8.40 7.14 7.31
N PRO A 293 9.28 6.79 6.35
CA PRO A 293 8.77 6.40 5.02
C PRO A 293 7.95 5.11 4.98
N ALA A 294 8.15 4.19 5.92
CA ALA A 294 7.31 3.00 5.99
C ALA A 294 5.82 3.38 6.10
N TYR A 295 5.51 4.57 6.65
CA TYR A 295 4.13 4.98 6.81
C TYR A 295 3.73 6.05 5.79
N ASP A 296 4.65 6.40 4.90
CA ASP A 296 4.33 7.43 3.92
C ASP A 296 3.49 6.82 2.81
N GLN A 297 2.77 7.69 2.11
CA GLN A 297 1.86 7.30 1.06
C GLN A 297 2.20 8.13 -0.17
N SER A 298 2.70 7.45 -1.21
CA SER A 298 3.16 8.11 -2.43
C SER A 298 4.10 9.28 -2.14
N GLU A 299 4.94 9.07 -1.11
CA GLU A 299 5.99 10.03 -0.72
C GLU A 299 5.49 11.40 -0.29
N ILE A 300 4.19 11.55 -0.01
CA ILE A 300 3.71 12.91 0.18
C ILE A 300 4.31 13.60 1.42
N THR A 301 4.61 12.82 2.46
CA THR A 301 5.17 13.38 3.70
C THR A 301 6.60 13.85 3.42
N ALA A 302 7.32 13.00 2.73
CA ALA A 302 8.72 13.28 2.41
C ALA A 302 8.80 14.47 1.47
N ILE A 303 7.82 14.56 0.54
CA ILE A 303 7.77 15.71 -0.39
C ILE A 303 7.53 17.01 0.38
N ALA A 304 6.58 17.00 1.31
CA ALA A 304 6.37 18.21 2.13
C ALA A 304 7.63 18.58 2.92
N ALA A 305 8.32 17.56 3.46
CA ALA A 305 9.56 17.78 4.22
C ALA A 305 10.66 18.36 3.33
N ALA A 306 10.78 17.83 2.11
CA ALA A 306 11.78 18.37 1.17
C ALA A 306 11.47 19.83 0.82
N HIS A 307 10.17 20.16 0.65
CA HIS A 307 9.77 21.56 0.37
C HIS A 307 10.17 22.48 1.51
N VAL A 308 9.94 22.06 2.76
CA VAL A 308 10.35 22.87 3.95
C VAL A 308 11.87 23.10 3.91
N ALA A 309 12.62 22.03 3.69
CA ALA A 309 14.09 22.16 3.58
C ALA A 309 14.51 23.10 2.44
N CYS A 310 13.89 22.96 1.27
CA CYS A 310 14.20 23.84 0.12
C CYS A 310 13.98 25.32 0.51
N ASP A 311 12.87 25.59 1.19
CA ASP A 311 12.55 26.97 1.55
C ASP A 311 13.52 27.51 2.58
N LEU A 312 14.00 26.66 3.49
CA LEU A 312 15.07 27.07 4.42
C LEU A 312 16.34 27.45 3.63
N LEU A 313 16.69 26.67 2.61
CA LEU A 313 17.85 27.03 1.78
C LEU A 313 17.64 28.38 1.11
N CYS A 314 16.42 28.61 0.62
CA CYS A 314 16.12 29.88 -0.04
C CYS A 314 16.21 31.07 0.94
N LEU A 315 15.78 30.86 2.18
CA LEU A 315 15.94 31.91 3.22
C LEU A 315 17.42 32.26 3.42
N TRP A 316 18.25 31.23 3.53
CA TRP A 316 19.70 31.45 3.65
C TRP A 316 20.32 32.12 2.46
N ARG A 317 19.84 31.80 1.25
CA ARG A 317 20.34 32.47 0.05
C ARG A 317 20.07 33.99 0.15
N GLN A 318 18.83 34.32 0.51
CA GLN A 318 18.44 35.71 0.66
C GLN A 318 19.25 36.44 1.74
N ARG A 319 19.51 35.76 2.84
CA ARG A 319 20.29 36.36 3.93
C ARG A 319 21.75 36.58 3.53
N LYS A 320 22.33 35.64 2.77
CA LYS A 320 23.68 35.81 2.27
C LYS A 320 23.74 37.00 1.31
N ALA A 321 22.72 37.12 0.46
CA ALA A 321 22.59 38.27 -0.44
C ALA A 321 22.36 39.60 0.31
N GLY A 322 21.59 39.57 1.40
CA GLY A 322 21.30 40.77 2.20
C GLY A 322 22.44 41.18 3.10
N ALA A 323 23.35 40.26 3.38
CA ALA A 323 24.60 40.55 4.07
C ALA A 323 25.60 41.09 3.06
N PRO B 2 38.28 14.16 6.60
CA PRO B 2 38.46 13.69 5.23
C PRO B 2 39.92 13.61 4.81
N GLY B 3 40.42 12.40 4.58
CA GLY B 3 41.82 12.21 4.17
C GLY B 3 42.84 12.19 5.31
N SER B 4 42.35 12.36 6.55
CA SER B 4 43.24 12.36 7.71
C SER B 4 43.90 10.99 7.87
N MET B 5 45.07 11.00 8.49
CA MET B 5 45.86 9.80 8.66
C MET B 5 45.11 8.76 9.49
N ASN B 6 45.00 7.55 8.93
CA ASN B 6 44.25 6.46 9.56
C ASN B 6 42.76 6.78 9.76
N GLU B 7 42.22 7.65 8.91
CA GLU B 7 40.76 7.94 8.88
C GLU B 7 39.99 6.62 8.81
N THR B 8 39.11 6.40 9.77
CA THR B 8 38.19 5.28 9.70
C THR B 8 37.01 5.77 8.87
N LEU B 9 36.47 4.90 8.01
CA LEU B 9 35.38 5.26 7.15
C LEU B 9 34.11 4.59 7.67
N TYR B 10 33.50 5.20 8.67
CA TYR B 10 32.22 4.74 9.15
C TYR B 10 31.18 5.52 8.39
N GLY B 11 30.51 4.85 7.43
CA GLY B 11 29.41 5.49 6.71
C GLY B 11 29.81 6.16 5.42
N ASP B 12 28.95 6.08 4.42
CA ASP B 12 29.06 6.85 3.17
C ASP B 12 30.32 6.47 2.38
N GLY B 13 30.66 5.19 2.41
CA GLY B 13 31.81 4.69 1.65
C GLY B 13 31.77 5.00 0.15
N ALA B 14 30.58 5.01 -0.44
CA ALA B 14 30.41 5.27 -1.88
C ALA B 14 31.02 6.61 -2.33
N ILE B 15 31.12 7.56 -1.41
CA ILE B 15 31.62 8.89 -1.73
C ILE B 15 32.93 9.23 -1.00
N ARG B 16 33.36 8.36 -0.08
CA ARG B 16 34.52 8.62 0.77
C ARG B 16 35.72 7.71 0.49
N ARG B 17 35.48 6.47 0.06
CA ARG B 17 36.61 5.54 -0.18
C ARG B 17 37.57 6.04 -1.26
N PRO B 18 38.86 6.09 -0.94
CA PRO B 18 39.84 6.58 -1.90
C PRO B 18 40.18 5.58 -3.01
N SER B 19 39.95 4.29 -2.79
CA SER B 19 40.29 3.22 -3.74
C SER B 19 39.02 2.54 -4.23
N VAL B 20 39.11 1.93 -5.42
CA VAL B 20 37.99 1.13 -5.96
C VAL B 20 37.79 -0.19 -5.23
N TYR B 21 38.82 -0.66 -4.50
CA TYR B 21 38.76 -1.89 -3.73
C TYR B 21 38.29 -1.67 -2.30
N GLY B 22 37.65 -2.69 -1.74
CA GLY B 22 37.36 -2.75 -0.30
C GLY B 22 35.96 -2.31 0.08
N SER B 23 35.47 -2.85 1.19
CA SER B 23 34.18 -2.42 1.77
C SER B 23 34.43 -1.54 2.97
N SER B 24 33.41 -0.82 3.39
CA SER B 24 33.53 -0.04 4.61
C SER B 24 32.24 -0.10 5.38
N ILE B 25 32.30 0.14 6.68
CA ILE B 25 31.17 0.00 7.58
C ILE B 25 30.03 0.97 7.20
N GLU B 26 28.79 0.45 7.17
CA GLU B 26 27.60 1.30 7.03
C GLU B 26 26.53 0.94 8.05
N ASN B 27 25.76 1.91 8.52
CA ASN B 27 24.43 1.60 9.06
C ASN B 27 23.54 1.24 7.87
N THR B 28 22.93 0.05 7.92
CA THR B 28 22.25 -0.49 6.73
C THR B 28 21.13 0.44 6.24
N TYR B 29 20.49 1.14 7.20
CA TYR B 29 19.36 2.06 7.01
C TYR B 29 19.78 3.50 6.66
N ALA B 30 21.06 3.73 6.42
CA ALA B 30 21.52 5.08 6.07
C ALA B 30 22.64 4.97 5.06
N GLY B 31 23.31 6.09 4.79
CA GLY B 31 24.49 6.07 3.91
C GLY B 31 24.17 6.21 2.44
N VAL B 32 25.15 6.67 1.65
CA VAL B 32 24.89 6.89 0.20
C VAL B 32 24.50 5.58 -0.48
N LEU B 33 23.40 5.62 -1.25
CA LEU B 33 22.79 4.41 -1.80
C LEU B 33 23.25 4.10 -3.24
N SER B 34 24.56 3.93 -3.44
CA SER B 34 25.03 3.35 -4.72
C SER B 34 24.85 1.84 -4.67
N PHE B 35 24.97 1.17 -5.81
CA PHE B 35 24.76 -0.26 -5.80
C PHE B 35 25.80 -0.99 -4.95
N MET B 36 25.34 -1.73 -3.94
CA MET B 36 26.22 -2.41 -2.98
C MET B 36 27.29 -1.48 -2.44
N ARG B 37 26.93 -0.21 -2.29
CA ARG B 37 27.82 0.83 -1.71
C ARG B 37 29.10 1.10 -2.49
N ARG B 38 29.19 0.62 -3.73
CA ARG B 38 30.39 0.79 -4.52
C ARG B 38 30.67 2.27 -4.85
N ASN B 39 31.94 2.59 -5.10
CA ASN B 39 32.28 3.99 -5.37
C ASN B 39 31.45 4.57 -6.50
N TYR B 40 30.84 5.72 -6.25
CA TYR B 40 30.27 6.53 -7.34
C TYR B 40 31.37 7.27 -8.09
N THR B 41 31.54 6.94 -9.35
CA THR B 41 32.58 7.58 -10.17
C THR B 41 32.37 7.28 -11.64
N ARG B 42 32.87 8.18 -12.49
CA ARG B 42 32.90 8.00 -13.95
C ARG B 42 34.34 7.65 -14.43
N ASP B 43 35.29 7.56 -13.50
CA ASP B 43 36.67 7.16 -13.80
C ASP B 43 36.80 5.65 -13.89
N LEU B 44 37.19 5.16 -15.06
CA LEU B 44 37.11 3.74 -15.32
C LEU B 44 38.46 3.00 -15.24
N ASP B 45 39.55 3.73 -14.99
CA ASP B 45 40.88 3.10 -14.89
C ASP B 45 40.94 2.10 -13.74
N GLY B 46 41.41 0.90 -14.05
CA GLY B 46 41.59 -0.16 -13.05
C GLY B 46 40.28 -0.79 -12.61
N VAL B 47 39.20 -0.54 -13.34
CA VAL B 47 37.86 -1.07 -12.96
C VAL B 47 37.55 -2.38 -13.67
N ASP B 48 37.07 -3.37 -12.92
CA ASP B 48 36.72 -4.67 -13.49
C ASP B 48 35.27 -4.75 -13.95
N VAL B 49 34.38 -4.17 -13.16
CA VAL B 49 32.95 -4.17 -13.49
C VAL B 49 32.34 -2.81 -13.21
N VAL B 50 31.57 -2.32 -14.18
CA VAL B 50 30.81 -1.07 -14.03
C VAL B 50 29.33 -1.39 -13.91
N VAL B 51 28.74 -0.99 -12.78
CA VAL B 51 27.29 -1.04 -12.60
C VAL B 51 26.73 0.31 -13.07
N SER B 52 25.66 0.30 -13.89
CA SER B 52 25.06 1.57 -14.28
C SER B 52 23.57 1.32 -14.47
N GLY B 53 22.79 2.38 -14.46
CA GLY B 53 21.35 2.27 -14.68
C GLY B 53 20.96 2.82 -16.05
N VAL B 54 19.91 2.24 -16.64
CA VAL B 54 19.29 2.82 -17.84
C VAL B 54 17.80 2.95 -17.52
N PRO B 55 17.35 4.16 -17.16
CA PRO B 55 16.01 4.31 -16.54
C PRO B 55 14.91 4.53 -17.58
N LEU B 56 14.71 3.51 -18.39
CA LEU B 56 13.76 3.60 -19.52
C LEU B 56 12.48 2.83 -19.22
N ASP B 57 11.31 3.40 -19.51
CA ASP B 57 10.11 2.55 -19.58
C ASP B 57 9.19 2.93 -20.74
N LEU B 58 9.74 3.68 -21.69
CA LEU B 58 8.96 4.09 -22.87
C LEU B 58 8.61 2.93 -23.81
N ALA B 59 9.31 1.82 -23.69
CA ALA B 59 9.10 0.69 -24.63
C ALA B 59 8.13 -0.35 -24.05
N THR B 60 7.59 -0.06 -22.87
CA THR B 60 6.72 -1.02 -22.15
C THR B 60 5.35 -1.19 -22.80
N THR B 61 4.78 -2.37 -22.65
CA THR B 61 3.49 -2.66 -23.29
C THR B 61 2.32 -2.71 -22.32
N PHE B 62 2.61 -2.82 -21.03
CA PHE B 62 1.53 -2.84 -20.04
C PHE B 62 1.79 -1.74 -19.02
N ARG B 63 2.15 -2.09 -17.80
CA ARG B 63 2.36 -1.03 -16.81
C ARG B 63 3.69 -0.34 -17.05
N SER B 64 3.68 0.99 -16.88
CA SER B 64 4.95 1.73 -16.86
C SER B 64 5.45 1.76 -15.40
N GLY B 65 6.71 2.13 -15.23
CA GLY B 65 7.29 2.21 -13.88
C GLY B 65 8.74 1.75 -13.82
N ALA B 66 9.16 0.98 -14.81
CA ALA B 66 10.55 0.50 -14.83
C ALA B 66 11.57 1.60 -14.91
N ARG B 67 11.16 2.83 -15.24
CA ARG B 67 12.13 3.92 -15.26
C ARG B 67 12.79 4.14 -13.88
N LEU B 68 12.10 3.80 -12.80
CA LEU B 68 12.62 3.93 -11.46
C LEU B 68 13.35 2.67 -10.97
N GLY B 69 13.43 1.67 -11.82
CA GLY B 69 14.07 0.40 -11.44
C GLY B 69 15.51 0.53 -10.90
N PRO B 70 16.35 1.33 -11.56
CA PRO B 70 17.73 1.36 -11.07
C PRO B 70 17.85 1.87 -9.64
N SER B 71 17.10 2.93 -9.32
CA SER B 71 17.14 3.46 -7.96
C SER B 71 16.61 2.42 -6.97
N ALA B 72 15.58 1.66 -7.39
CA ALA B 72 14.98 0.68 -6.50
C ALA B 72 15.96 -0.45 -6.21
N VAL B 73 16.68 -0.90 -7.23
CA VAL B 73 17.64 -1.98 -7.05
C VAL B 73 18.83 -1.51 -6.18
N ARG B 74 19.32 -0.28 -6.40
CA ARG B 74 20.32 0.28 -5.51
C ARG B 74 19.89 0.30 -4.04
N ALA B 75 18.68 0.81 -3.77
CA ALA B 75 18.17 0.86 -2.41
C ALA B 75 18.03 -0.54 -1.81
N ALA B 76 17.65 -1.52 -2.63
CA ALA B 76 17.45 -2.88 -2.16
C ALA B 76 18.74 -3.65 -1.92
N SER B 77 19.88 -3.07 -2.32
CA SER B 77 21.15 -3.78 -2.24
C SER B 77 21.88 -3.54 -0.90
N VAL B 78 21.31 -2.74 -0.01
CA VAL B 78 22.00 -2.36 1.26
C VAL B 78 22.39 -3.53 2.14
N GLN B 79 21.53 -4.53 2.29
CA GLN B 79 21.89 -5.65 3.14
C GLN B 79 22.99 -6.49 2.53
N LEU B 80 22.98 -6.64 1.22
CA LEU B 80 23.98 -7.42 0.51
C LEU B 80 25.38 -6.84 0.70
N ALA B 81 25.46 -5.54 0.95
CA ALA B 81 26.78 -4.92 1.23
C ALA B 81 27.33 -5.18 2.64
N GLU B 82 26.48 -5.63 3.56
CA GLU B 82 26.87 -5.74 4.97
C GLU B 82 27.72 -6.96 5.28
N LEU B 83 27.50 -8.04 4.53
CA LEU B 83 28.09 -9.34 4.81
C LEU B 83 28.72 -9.89 3.53
N ASN B 84 29.67 -10.82 3.66
CA ASN B 84 30.15 -11.54 2.49
C ASN B 84 28.93 -12.23 1.86
N PRO B 85 28.78 -12.14 0.53
CA PRO B 85 27.68 -12.85 -0.13
C PRO B 85 27.70 -14.35 0.17
N TYR B 86 26.50 -14.92 0.29
CA TYR B 86 26.33 -16.33 0.58
C TYR B 86 25.96 -17.10 -0.70
N PRO B 87 26.49 -18.33 -0.90
CA PRO B 87 27.35 -19.15 -0.06
C PRO B 87 28.83 -18.88 -0.33
N TRP B 88 29.10 -17.91 -1.21
CA TRP B 88 30.47 -17.53 -1.65
C TRP B 88 31.47 -17.39 -0.53
N GLY B 89 31.14 -16.55 0.45
CA GLY B 89 31.95 -16.48 1.67
C GLY B 89 33.22 -15.68 1.52
N PHE B 90 33.29 -14.84 0.50
CA PHE B 90 34.38 -13.88 0.36
C PHE B 90 33.76 -12.50 0.21
N ASP B 91 34.53 -11.45 0.50
CA ASP B 91 34.11 -10.10 0.14
C ASP B 91 34.63 -9.90 -1.27
N PRO B 92 33.71 -9.81 -2.26
CA PRO B 92 34.25 -9.77 -3.61
C PRO B 92 35.05 -8.51 -3.89
N PHE B 93 34.85 -7.46 -3.10
CA PHE B 93 35.43 -6.15 -3.47
C PHE B 93 36.86 -6.03 -2.99
N ASP B 94 37.33 -7.05 -2.28
CA ASP B 94 38.75 -7.10 -1.90
C ASP B 94 39.65 -7.31 -3.11
N ASP B 95 39.14 -7.98 -4.14
CA ASP B 95 39.95 -8.17 -5.33
C ASP B 95 39.24 -8.04 -6.66
N LEU B 96 37.97 -7.62 -6.62
CA LEU B 96 37.24 -7.25 -7.83
C LEU B 96 36.84 -5.77 -7.68
N ALA B 97 37.27 -4.98 -8.67
CA ALA B 97 37.09 -3.52 -8.65
C ALA B 97 35.77 -3.21 -9.38
N VAL B 98 34.78 -2.81 -8.58
CA VAL B 98 33.41 -2.57 -9.06
C VAL B 98 33.02 -1.16 -8.66
N ILE B 99 32.51 -0.38 -9.62
CA ILE B 99 32.03 0.98 -9.34
C ILE B 99 30.57 1.11 -9.75
N ASP B 100 29.92 2.15 -9.23
CA ASP B 100 28.60 2.56 -9.71
C ASP B 100 28.83 3.87 -10.50
N TYR B 101 28.58 3.79 -11.79
CA TYR B 101 28.78 4.85 -12.78
C TYR B 101 27.66 5.89 -12.66
N GLY B 102 26.59 5.55 -11.97
CA GLY B 102 25.35 6.32 -12.07
C GLY B 102 24.52 5.83 -13.26
N ASP B 103 23.87 6.75 -13.97
CA ASP B 103 22.94 6.34 -15.03
C ASP B 103 23.27 6.87 -16.42
N CYS B 104 22.74 6.16 -17.42
CA CYS B 104 22.74 6.64 -18.80
C CYS B 104 21.71 7.73 -18.92
N TRP B 105 22.15 8.98 -19.14
CA TRP B 105 21.23 10.06 -19.44
C TRP B 105 20.69 9.92 -20.85
N PHE B 106 19.41 10.26 -21.02
CA PHE B 106 18.85 10.37 -22.37
C PHE B 106 17.72 11.39 -22.35
N ASP B 107 17.40 11.89 -23.54
CA ASP B 107 16.33 12.86 -23.72
C ASP B 107 15.07 12.12 -24.13
N ALA B 108 14.24 11.79 -23.13
CA ALA B 108 13.01 11.05 -23.34
C ALA B 108 12.08 11.72 -24.32
N HIS B 109 12.20 13.04 -24.46
CA HIS B 109 11.28 13.80 -25.27
C HIS B 109 11.64 13.78 -26.73
N HIS B 110 12.82 13.18 -27.03
CA HIS B 110 13.23 12.79 -28.40
C HIS B 110 13.55 11.32 -28.46
N PRO B 111 12.50 10.51 -28.46
CA PRO B 111 12.69 9.07 -28.23
C PRO B 111 13.55 8.32 -29.26
N LEU B 112 13.68 8.85 -30.47
CA LEU B 112 14.57 8.19 -31.44
C LEU B 112 16.06 8.35 -31.08
N SER B 113 16.37 9.29 -30.17
CA SER B 113 17.76 9.45 -29.66
C SER B 113 18.15 8.45 -28.57
N ILE B 114 17.17 7.67 -28.07
CA ILE B 114 17.41 6.80 -26.90
C ILE B 114 18.32 5.61 -27.23
N LYS B 115 17.99 4.93 -28.34
CA LYS B 115 18.81 3.79 -28.78
C LYS B 115 20.29 4.20 -28.94
N PRO B 116 20.56 5.25 -29.75
CA PRO B 116 21.99 5.65 -29.86
C PRO B 116 22.62 6.10 -28.54
N ALA B 117 21.83 6.73 -27.64
CA ALA B 117 22.35 7.15 -26.32
C ALA B 117 22.83 5.91 -25.54
N ILE B 118 22.05 4.85 -25.57
CA ILE B 118 22.39 3.62 -24.87
C ILE B 118 23.62 2.93 -25.52
N VAL B 119 23.65 2.86 -26.85
CA VAL B 119 24.84 2.31 -27.55
C VAL B 119 26.09 3.09 -27.13
N GLU B 120 26.00 4.42 -27.07
CA GLU B 120 27.21 5.22 -26.78
C GLU B 120 27.64 5.11 -25.31
N HIS B 121 26.67 4.97 -24.41
CA HIS B 121 26.95 4.72 -23.01
C HIS B 121 27.75 3.44 -22.89
N ALA B 122 27.29 2.39 -23.54
CA ALA B 122 27.96 1.08 -23.47
C ALA B 122 29.31 1.15 -24.18
N ARG B 123 29.33 1.78 -25.37
CA ARG B 123 30.61 1.93 -26.08
C ARG B 123 31.67 2.59 -25.21
N THR B 124 31.30 3.68 -24.53
CA THR B 124 32.20 4.38 -23.67
C THR B 124 32.75 3.47 -22.56
N ILE B 125 31.86 2.73 -21.90
CA ILE B 125 32.30 1.88 -20.79
C ILE B 125 33.15 0.74 -21.33
N LEU B 126 32.75 0.18 -22.47
CA LEU B 126 33.48 -0.97 -23.01
C LEU B 126 34.90 -0.63 -23.49
N GLN B 127 35.18 0.66 -23.75
CA GLN B 127 36.51 1.08 -24.15
C GLN B 127 37.51 0.84 -23.00
N SER B 128 37.00 0.76 -21.78
CA SER B 128 37.84 0.53 -20.58
C SER B 128 38.21 -0.92 -20.34
N ASP B 129 37.61 -1.85 -21.09
CA ASP B 129 37.71 -3.27 -20.73
C ASP B 129 37.02 -3.73 -19.41
N ALA B 130 36.37 -2.83 -18.67
CA ALA B 130 35.44 -3.27 -17.62
C ALA B 130 34.29 -4.05 -18.24
N ARG B 131 33.71 -4.98 -17.49
CA ARG B 131 32.45 -5.63 -17.86
C ARG B 131 31.33 -4.69 -17.45
N MET B 132 30.18 -4.81 -18.11
CA MET B 132 28.99 -4.04 -17.75
C MET B 132 27.96 -4.90 -17.04
N LEU B 133 27.54 -4.45 -15.87
CA LEU B 133 26.35 -5.00 -15.20
C LEU B 133 25.31 -3.88 -15.17
N THR B 134 24.28 -3.99 -16.00
CA THR B 134 23.38 -2.86 -16.20
C THR B 134 22.02 -3.12 -15.53
N LEU B 135 21.49 -2.11 -14.87
CA LEU B 135 20.20 -2.20 -14.15
C LEU B 135 19.17 -1.46 -14.99
N GLY B 136 18.08 -2.14 -15.35
CA GLY B 136 16.99 -1.50 -16.05
C GLY B 136 15.94 -0.91 -15.08
N GLY B 137 14.90 -0.25 -15.60
CA GLY B 137 14.69 -0.04 -17.03
C GLY B 137 14.00 -1.24 -17.68
N ASP B 138 13.25 -0.95 -18.73
CA ASP B 138 12.54 -2.02 -19.43
C ASP B 138 13.47 -2.82 -20.35
N HIS B 139 12.99 -3.97 -20.81
CA HIS B 139 13.88 -4.90 -21.52
C HIS B 139 14.43 -4.40 -22.83
N TYR B 140 13.81 -3.37 -23.41
CA TYR B 140 14.32 -2.83 -24.67
C TYR B 140 15.80 -2.48 -24.55
N ILE B 141 16.23 -2.04 -23.36
CA ILE B 141 17.64 -1.58 -23.22
C ILE B 141 18.66 -2.63 -23.66
N THR B 142 18.30 -3.91 -23.55
CA THR B 142 19.24 -4.98 -23.86
C THR B 142 19.66 -5.01 -25.35
N TYR B 143 18.77 -4.55 -26.22
CA TYR B 143 19.08 -4.50 -27.64
C TYR B 143 20.25 -3.54 -27.94
N PRO B 144 20.15 -2.24 -27.56
CA PRO B 144 21.34 -1.43 -27.82
C PRO B 144 22.58 -1.87 -27.02
N LEU B 145 22.37 -2.49 -25.85
CA LEU B 145 23.50 -3.02 -25.09
C LEU B 145 24.17 -4.14 -25.87
N LEU B 146 23.38 -5.01 -26.48
CA LEU B 146 23.93 -6.08 -27.31
C LEU B 146 24.68 -5.53 -28.54
N ILE B 147 24.15 -4.48 -29.15
CA ILE B 147 24.83 -3.84 -30.29
C ILE B 147 26.25 -3.45 -29.88
N ALA B 148 26.37 -2.77 -28.74
CA ALA B 148 27.66 -2.27 -28.30
C ALA B 148 28.57 -3.44 -27.90
N HIS B 149 27.99 -4.46 -27.27
CA HIS B 149 28.76 -5.66 -26.90
C HIS B 149 29.29 -6.45 -28.10
N ALA B 150 28.49 -6.59 -29.15
CA ALA B 150 28.95 -7.23 -30.38
C ALA B 150 30.09 -6.47 -31.03
N GLN B 151 30.11 -5.13 -30.91
CA GLN B 151 31.24 -4.33 -31.42
C GLN B 151 32.56 -4.78 -30.78
N LYS B 152 32.52 -5.03 -29.48
CA LYS B 152 33.74 -5.36 -28.74
C LYS B 152 34.09 -6.84 -28.81
N TYR B 153 33.09 -7.70 -28.64
CA TYR B 153 33.27 -9.14 -28.45
C TYR B 153 32.98 -9.98 -29.69
N GLY B 154 32.53 -9.32 -30.75
CA GLY B 154 32.20 -10.00 -32.00
C GLY B 154 30.77 -10.50 -32.00
N LYS B 155 30.34 -10.98 -33.15
CA LYS B 155 29.01 -11.56 -33.26
C LYS B 155 29.06 -12.85 -34.08
N PRO B 156 28.11 -13.77 -33.86
CA PRO B 156 26.98 -13.66 -32.93
C PRO B 156 27.32 -14.08 -31.49
N LEU B 157 26.66 -13.45 -30.52
CA LEU B 157 26.85 -13.77 -29.10
C LEU B 157 25.85 -14.82 -28.65
N SER B 158 26.19 -15.55 -27.60
CA SER B 158 25.22 -16.42 -26.93
C SER B 158 24.41 -15.59 -25.95
N LEU B 159 23.09 -15.71 -26.03
CA LEU B 159 22.23 -15.04 -25.05
C LEU B 159 21.70 -16.03 -24.02
N ILE B 160 21.85 -15.67 -22.76
CA ILE B 160 21.22 -16.45 -21.67
C ILE B 160 20.16 -15.51 -21.10
N HIS B 161 18.90 -15.88 -21.29
CA HIS B 161 17.78 -14.94 -21.12
C HIS B 161 16.75 -15.51 -20.17
N PHE B 162 16.63 -14.89 -18.99
CA PHE B 162 15.66 -15.34 -17.98
C PHE B 162 14.44 -14.43 -18.11
N ASP B 163 13.23 -14.99 -18.30
CA ASP B 163 12.07 -14.15 -18.64
C ASP B 163 10.84 -15.01 -18.71
N ALA B 164 9.70 -14.45 -18.34
CA ALA B 164 8.43 -15.07 -18.71
C ALA B 164 8.14 -14.96 -20.21
N HIS B 165 8.83 -14.02 -20.89
CA HIS B 165 8.56 -13.62 -22.29
C HIS B 165 9.79 -13.80 -23.18
N CYS B 166 9.56 -14.30 -24.38
CA CYS B 166 10.66 -14.53 -25.33
C CYS B 166 11.18 -13.23 -25.95
N ASP B 167 10.33 -12.21 -25.99
CA ASP B 167 10.68 -10.92 -26.60
C ASP B 167 11.19 -11.04 -28.04
N THR B 168 10.73 -12.08 -28.73
CA THR B 168 11.07 -12.33 -30.13
C THR B 168 9.85 -12.31 -31.06
N TRP B 169 8.73 -11.70 -30.62
CA TRP B 169 7.57 -11.52 -31.47
C TRP B 169 7.95 -10.63 -32.65
N ALA B 170 7.44 -10.97 -33.82
CA ALA B 170 7.86 -10.27 -35.05
C ALA B 170 7.44 -8.80 -35.03
N ASP B 171 8.31 -7.94 -35.54
CA ASP B 171 8.04 -6.52 -35.60
C ASP B 171 8.66 -6.02 -36.90
N ASP B 172 7.85 -5.57 -37.83
CA ASP B 172 8.41 -5.18 -39.13
C ASP B 172 8.92 -3.73 -39.14
N ALA B 173 8.96 -3.08 -37.98
CA ALA B 173 9.50 -1.72 -37.86
C ALA B 173 10.73 -1.69 -36.99
N PRO B 174 11.92 -1.68 -37.62
CA PRO B 174 13.16 -1.70 -36.83
C PRO B 174 13.23 -0.55 -35.82
N ASP B 175 12.71 0.62 -36.16
CA ASP B 175 12.82 1.79 -35.27
C ASP B 175 11.84 1.79 -34.08
N SER B 176 11.00 0.77 -33.98
CA SER B 176 10.03 0.76 -32.86
C SER B 176 10.73 0.65 -31.50
N LEU B 177 10.07 1.14 -30.45
CA LEU B 177 10.62 1.14 -29.12
C LEU B 177 9.69 0.20 -28.37
N ASN B 178 10.03 -1.08 -28.39
CA ASN B 178 9.14 -2.15 -27.86
C ASN B 178 9.96 -3.20 -27.13
N HIS B 179 9.69 -3.36 -25.82
CA HIS B 179 10.43 -4.32 -24.99
C HIS B 179 10.11 -5.77 -25.28
N GLY B 180 9.18 -6.01 -26.20
CA GLY B 180 8.75 -7.36 -26.53
C GLY B 180 9.18 -7.82 -27.88
N THR B 181 9.86 -6.95 -28.64
CA THR B 181 10.26 -7.36 -30.00
C THR B 181 11.75 -7.11 -30.27
N MET B 182 12.48 -6.62 -29.27
CA MET B 182 13.89 -6.26 -29.52
C MET B 182 14.82 -7.46 -29.73
N PHE B 183 14.43 -8.64 -29.25
CA PHE B 183 15.26 -9.83 -29.56
C PHE B 183 14.95 -10.47 -30.90
N TYR B 184 13.76 -10.21 -31.44
CA TYR B 184 13.52 -10.48 -32.85
C TYR B 184 14.54 -9.66 -33.66
N LYS B 185 14.66 -8.37 -33.35
CA LYS B 185 15.60 -7.51 -34.09
C LYS B 185 17.04 -8.00 -33.89
N ALA B 186 17.39 -8.37 -32.65
CA ALA B 186 18.73 -8.86 -32.34
C ALA B 186 19.07 -10.14 -33.16
N VAL B 187 18.09 -11.05 -33.31
CA VAL B 187 18.31 -12.23 -34.16
C VAL B 187 18.44 -11.86 -35.63
N LYS B 188 17.54 -11.00 -36.12
CA LYS B 188 17.62 -10.56 -37.51
C LYS B 188 18.94 -9.80 -37.81
N ASP B 189 19.46 -9.06 -36.84
CA ASP B 189 20.75 -8.35 -37.02
C ASP B 189 21.95 -9.29 -36.92
N GLY B 190 21.73 -10.55 -36.56
CA GLY B 190 22.84 -11.49 -36.32
C GLY B 190 23.65 -11.21 -35.05
N LEU B 191 23.05 -10.49 -34.09
CA LEU B 191 23.73 -10.18 -32.82
C LEU B 191 23.85 -11.39 -31.94
N ILE B 192 22.85 -12.26 -32.01
CA ILE B 192 22.83 -13.45 -31.17
C ILE B 192 22.59 -14.71 -31.99
N ASP B 193 23.15 -15.82 -31.52
CA ASP B 193 23.08 -17.07 -32.25
C ASP B 193 22.00 -17.91 -31.59
N PRO B 194 20.86 -18.12 -32.30
CA PRO B 194 19.75 -18.80 -31.60
C PRO B 194 20.06 -20.20 -31.13
N LYS B 195 20.78 -21.00 -31.95
CA LYS B 195 21.13 -22.36 -31.57
C LYS B 195 22.03 -22.45 -30.31
N ALA B 196 22.79 -21.39 -30.03
CA ALA B 196 23.67 -21.31 -28.86
C ALA B 196 23.15 -20.33 -27.83
N SER B 197 21.83 -20.10 -27.85
CA SER B 197 21.19 -19.20 -26.89
C SER B 197 20.06 -19.94 -26.21
N VAL B 198 19.63 -19.41 -25.07
CA VAL B 198 18.64 -20.15 -24.27
C VAL B 198 17.77 -19.18 -23.48
N GLN B 199 16.48 -19.52 -23.41
CA GLN B 199 15.50 -18.70 -22.72
C GLN B 199 14.91 -19.55 -21.60
N VAL B 200 14.91 -19.02 -20.40
CA VAL B 200 14.64 -19.80 -19.17
C VAL B 200 13.47 -19.16 -18.38
N GLY B 201 12.46 -19.96 -18.07
CA GLY B 201 11.29 -19.49 -17.31
C GLY B 201 10.13 -19.04 -18.21
N ILE B 202 10.30 -19.20 -19.52
CA ILE B 202 9.28 -18.84 -20.53
C ILE B 202 7.92 -19.42 -20.20
N ARG B 203 6.88 -18.60 -20.31
CA ARG B 203 5.53 -19.09 -20.08
C ARG B 203 4.52 -18.21 -20.83
N THR B 204 4.94 -17.74 -22.02
CA THR B 204 4.04 -17.05 -22.95
C THR B 204 4.35 -17.54 -24.35
N TRP B 205 3.37 -17.38 -25.23
CA TRP B 205 3.39 -18.06 -26.52
C TRP B 205 3.87 -17.20 -27.66
N ASN B 206 4.73 -17.78 -28.49
CA ASN B 206 5.11 -17.18 -29.79
C ASN B 206 5.00 -18.26 -30.85
N ASP B 207 4.40 -17.91 -31.99
CA ASP B 207 4.32 -18.82 -33.14
C ASP B 207 5.71 -19.15 -33.71
N ASP B 208 6.68 -18.30 -33.42
CA ASP B 208 8.02 -18.51 -33.99
C ASP B 208 9.10 -18.02 -33.00
N TYR B 209 9.67 -18.96 -32.26
CA TYR B 209 10.69 -18.66 -31.25
C TYR B 209 12.07 -18.51 -31.89
N LEU B 210 12.10 -18.58 -33.23
CA LEU B 210 13.33 -18.29 -34.02
C LEU B 210 14.47 -19.29 -33.79
N GLY B 211 14.13 -20.50 -33.33
CA GLY B 211 15.12 -21.55 -33.13
C GLY B 211 15.92 -21.40 -31.83
N ILE B 212 15.59 -20.43 -30.99
CA ILE B 212 16.24 -20.27 -29.68
C ILE B 212 15.80 -21.44 -28.77
N ASN B 213 16.73 -22.02 -28.01
CA ASN B 213 16.37 -23.08 -27.05
C ASN B 213 15.52 -22.52 -25.92
N VAL B 214 14.39 -23.18 -25.61
CA VAL B 214 13.46 -22.66 -24.58
C VAL B 214 13.32 -23.71 -23.48
N LEU B 215 13.57 -23.29 -22.25
CA LEU B 215 13.36 -24.12 -21.07
C LEU B 215 12.23 -23.40 -20.33
N ASP B 216 11.00 -23.84 -20.56
CA ASP B 216 9.87 -23.07 -20.03
C ASP B 216 9.74 -23.22 -18.51
N ALA B 217 8.93 -22.35 -17.89
CA ALA B 217 8.75 -22.43 -16.45
C ALA B 217 8.40 -23.87 -16.00
N ALA B 218 7.47 -24.53 -16.68
CA ALA B 218 7.09 -25.90 -16.30
C ALA B 218 8.31 -26.84 -16.35
N TRP B 219 9.16 -26.61 -17.32
CA TRP B 219 10.34 -27.48 -17.50
C TRP B 219 11.27 -27.31 -16.33
N VAL B 220 11.47 -26.06 -15.90
CA VAL B 220 12.34 -25.76 -14.79
C VAL B 220 11.78 -26.39 -13.51
N HIS B 221 10.46 -26.28 -13.32
CA HIS B 221 9.82 -26.83 -12.14
C HIS B 221 9.95 -28.33 -12.12
N GLU B 222 9.79 -28.95 -13.28
CA GLU B 222 9.86 -30.41 -13.41
C GLU B 222 11.27 -30.97 -13.19
N HIS B 223 12.27 -30.30 -13.77
CA HIS B 223 13.62 -30.87 -13.84
C HIS B 223 14.56 -30.32 -12.81
N GLY B 224 14.31 -29.10 -12.35
CA GLY B 224 15.05 -28.54 -11.22
C GLY B 224 16.21 -27.66 -11.67
N ALA B 225 16.79 -26.95 -10.71
CA ALA B 225 17.81 -25.96 -10.99
C ALA B 225 19.11 -26.55 -11.54
N ARG B 226 19.56 -27.68 -11.01
CA ARG B 226 20.84 -28.26 -11.46
C ARG B 226 20.71 -28.68 -12.92
N ALA B 227 19.60 -29.32 -13.26
CA ALA B 227 19.36 -29.75 -14.63
C ALA B 227 19.28 -28.56 -15.61
N THR B 228 18.68 -27.47 -15.14
CA THR B 228 18.52 -26.27 -15.95
C THR B 228 19.89 -25.65 -16.19
N LEU B 229 20.64 -25.52 -15.09
CA LEU B 229 21.97 -24.99 -15.14
C LEU B 229 22.85 -25.80 -16.10
N GLU B 230 22.73 -27.12 -16.05
CA GLU B 230 23.56 -27.97 -16.90
C GLU B 230 23.17 -27.88 -18.38
N ARG B 231 21.87 -27.71 -18.63
CA ARG B 231 21.40 -27.51 -20.00
C ARG B 231 21.91 -26.16 -20.57
N ILE B 232 21.86 -25.09 -19.77
CA ILE B 232 22.45 -23.79 -20.16
C ILE B 232 23.93 -23.93 -20.55
N GLU B 233 24.71 -24.58 -19.70
CA GLU B 233 26.15 -24.76 -19.95
C GLU B 233 26.37 -25.51 -21.25
N SER B 234 25.54 -26.54 -21.48
CA SER B 234 25.64 -27.36 -22.67
C SER B 234 25.36 -26.55 -23.95
N ILE B 235 24.39 -25.65 -23.86
CA ILE B 235 23.99 -24.85 -25.00
C ILE B 235 25.04 -23.77 -25.36
N VAL B 236 25.53 -23.05 -24.36
CA VAL B 236 26.45 -21.93 -24.63
C VAL B 236 27.92 -22.34 -24.78
N GLY B 237 28.27 -23.51 -24.24
CA GLY B 237 29.65 -23.99 -24.26
C GLY B 237 30.59 -22.89 -23.78
N GLY B 238 31.62 -22.58 -24.59
CA GLY B 238 32.55 -21.53 -24.21
C GLY B 238 32.40 -20.24 -25.03
N ARG B 239 31.25 -20.09 -25.68
CA ARG B 239 31.00 -18.91 -26.50
C ARG B 239 30.82 -17.69 -25.59
N PRO B 240 31.20 -16.51 -26.08
CA PRO B 240 30.96 -15.28 -25.34
C PRO B 240 29.47 -15.15 -25.10
N ALA B 241 29.09 -14.97 -23.84
CA ALA B 241 27.67 -15.01 -23.48
C ALA B 241 27.28 -13.77 -22.72
N TYR B 242 26.09 -13.25 -23.04
CA TYR B 242 25.53 -12.10 -22.33
C TYR B 242 24.30 -12.62 -21.58
N LEU B 243 24.18 -12.30 -20.30
CA LEU B 243 23.06 -12.83 -19.50
C LEU B 243 22.10 -11.69 -19.23
N THR B 244 20.84 -11.86 -19.60
CA THR B 244 19.84 -10.81 -19.40
C THR B 244 18.75 -11.38 -18.52
N PHE B 245 18.55 -10.76 -17.38
CA PHE B 245 17.59 -11.26 -16.40
C PHE B 245 16.41 -10.31 -16.25
N ASP B 246 15.26 -10.71 -16.80
CA ASP B 246 14.01 -9.95 -16.62
C ASP B 246 13.40 -10.48 -15.33
N ILE B 247 13.25 -9.62 -14.33
CA ILE B 247 12.73 -10.02 -13.01
C ILE B 247 11.36 -10.73 -13.09
N ASP B 248 10.61 -10.50 -14.16
CA ASP B 248 9.33 -11.21 -14.34
C ASP B 248 9.48 -12.70 -14.69
N CYS B 249 10.74 -13.15 -14.84
CA CYS B 249 11.02 -14.60 -14.82
C CYS B 249 10.45 -15.21 -13.49
N LEU B 250 10.59 -14.47 -12.40
CA LEU B 250 10.12 -14.92 -11.11
C LEU B 250 8.59 -14.84 -11.07
N ASP B 251 7.98 -15.76 -10.36
CA ASP B 251 6.54 -15.69 -10.14
C ASP B 251 6.18 -14.34 -9.54
N PRO B 252 4.99 -13.81 -9.88
CA PRO B 252 4.52 -12.56 -9.23
C PRO B 252 4.54 -12.58 -7.70
N ALA B 253 4.48 -13.76 -7.08
CA ALA B 253 4.60 -13.81 -5.61
C ALA B 253 5.94 -13.29 -5.13
N PHE B 254 7.00 -13.59 -5.89
CA PHE B 254 8.35 -13.20 -5.55
C PHE B 254 8.71 -11.87 -6.20
N ALA B 255 8.06 -11.55 -7.32
CA ALA B 255 8.42 -10.33 -8.08
C ALA B 255 7.11 -9.61 -8.49
N PRO B 256 6.38 -9.04 -7.51
CA PRO B 256 5.13 -8.34 -7.87
C PRO B 256 5.41 -7.01 -8.59
N GLY B 257 6.60 -6.47 -8.35
CA GLY B 257 6.97 -5.14 -8.85
C GLY B 257 7.49 -5.21 -10.27
N THR B 258 6.60 -5.49 -11.22
CA THR B 258 7.02 -5.60 -12.61
C THR B 258 5.85 -5.23 -13.52
N GLY B 259 6.16 -4.83 -14.76
CA GLY B 259 5.11 -4.29 -15.65
C GLY B 259 4.22 -5.33 -16.31
N THR B 260 4.73 -6.55 -16.50
CA THR B 260 4.00 -7.64 -17.20
C THR B 260 4.07 -8.95 -16.41
N PRO B 261 3.37 -9.01 -15.27
CA PRO B 261 3.40 -10.20 -14.40
C PRO B 261 2.63 -11.37 -15.04
N VAL B 262 3.23 -12.56 -14.95
CA VAL B 262 2.61 -13.78 -15.52
C VAL B 262 2.68 -14.89 -14.46
N ALA B 263 1.52 -15.43 -14.10
CA ALA B 263 1.50 -16.48 -13.05
C ALA B 263 2.30 -17.72 -13.46
N GLY B 264 2.80 -18.46 -12.47
CA GLY B 264 3.44 -19.79 -12.68
C GLY B 264 4.96 -19.75 -12.81
N GLY B 265 5.61 -18.72 -12.30
CA GLY B 265 7.04 -18.52 -12.56
C GLY B 265 7.96 -19.20 -11.53
N LEU B 266 9.22 -18.81 -11.59
CA LEU B 266 10.25 -19.33 -10.72
C LEU B 266 10.27 -18.68 -9.35
N SER B 267 10.75 -19.44 -8.34
CA SER B 267 11.07 -18.82 -7.07
C SER B 267 12.45 -18.11 -7.14
N SER B 268 12.73 -17.17 -6.23
CA SER B 268 14.06 -16.61 -6.20
C SER B 268 15.10 -17.70 -5.86
N ALA B 269 14.71 -18.70 -5.03
CA ALA B 269 15.61 -19.80 -4.71
C ALA B 269 16.05 -20.53 -5.97
N GLN B 270 15.10 -20.87 -6.83
CA GLN B 270 15.44 -21.54 -8.11
C GLN B 270 16.35 -20.68 -8.98
N ALA B 271 15.96 -19.42 -9.17
CA ALA B 271 16.74 -18.54 -10.04
C ALA B 271 18.17 -18.37 -9.53
N LEU B 272 18.31 -18.14 -8.22
CA LEU B 272 19.63 -17.86 -7.67
C LEU B 272 20.50 -19.13 -7.73
N ALA B 273 19.87 -20.30 -7.52
CA ALA B 273 20.60 -21.57 -7.59
C ALA B 273 21.19 -21.73 -9.00
N ILE B 274 20.41 -21.35 -10.01
CA ILE B 274 20.88 -21.41 -11.41
C ILE B 274 22.01 -20.40 -11.64
N VAL B 275 21.78 -19.13 -11.32
CA VAL B 275 22.78 -18.08 -11.57
C VAL B 275 24.09 -18.37 -10.87
N ARG B 276 24.00 -18.81 -9.62
CA ARG B 276 25.19 -19.11 -8.85
C ARG B 276 26.05 -20.22 -9.43
N GLY B 277 25.45 -21.07 -10.25
CA GLY B 277 26.18 -22.22 -10.79
C GLY B 277 26.84 -21.95 -12.15
N LEU B 278 26.73 -20.72 -12.64
CA LEU B 278 27.14 -20.39 -14.02
C LEU B 278 28.61 -20.00 -14.17
N GLY B 279 29.44 -20.38 -13.21
CA GLY B 279 30.88 -20.08 -13.22
C GLY B 279 31.69 -20.55 -14.41
N GLY B 280 31.20 -21.56 -15.13
CA GLY B 280 31.92 -22.05 -16.31
C GLY B 280 31.61 -21.27 -17.56
N VAL B 281 30.65 -20.37 -17.50
CA VAL B 281 30.21 -19.62 -18.69
C VAL B 281 31.14 -18.44 -18.94
N ASN B 282 31.45 -18.19 -20.21
CA ASN B 282 32.23 -17.03 -20.63
C ASN B 282 31.34 -15.77 -20.64
N LEU B 283 31.06 -15.27 -19.45
CA LEU B 283 30.08 -14.22 -19.25
C LEU B 283 30.73 -12.87 -19.55
N ILE B 284 30.31 -12.22 -20.64
CA ILE B 284 30.94 -10.97 -21.12
C ILE B 284 30.27 -9.70 -20.59
N GLY B 285 29.03 -9.85 -20.14
CA GLY B 285 28.18 -8.70 -19.75
C GLY B 285 26.85 -9.23 -19.26
N ALA B 286 26.12 -8.39 -18.53
CA ALA B 286 24.81 -8.84 -18.00
C ALA B 286 23.92 -7.65 -17.69
N ASP B 287 22.62 -7.92 -17.56
CA ASP B 287 21.70 -6.90 -17.09
C ASP B 287 20.56 -7.53 -16.29
N VAL B 288 19.93 -6.70 -15.47
CA VAL B 288 18.80 -7.14 -14.66
C VAL B 288 17.75 -6.05 -14.87
N VAL B 289 16.61 -6.45 -15.45
CA VAL B 289 15.65 -5.46 -15.98
C VAL B 289 14.24 -5.67 -15.45
N GLU B 290 13.42 -4.63 -15.68
CA GLU B 290 11.96 -4.62 -15.53
C GLU B 290 11.50 -4.50 -14.07
N VAL B 291 12.40 -4.14 -13.16
CA VAL B 291 11.92 -3.81 -11.80
C VAL B 291 11.12 -2.48 -11.86
N ALA B 292 9.87 -2.50 -11.36
CA ALA B 292 8.99 -1.33 -11.38
C ALA B 292 8.54 -1.06 -9.94
N PRO B 293 9.25 -0.17 -9.22
CA PRO B 293 9.03 -0.08 -7.76
C PRO B 293 7.62 0.39 -7.36
N ALA B 294 6.93 1.11 -8.23
CA ALA B 294 5.54 1.50 -7.89
C ALA B 294 4.65 0.30 -7.68
N TYR B 295 5.01 -0.85 -8.27
CA TYR B 295 4.27 -2.11 -8.08
C TYR B 295 4.97 -3.07 -7.12
N ASP B 296 6.11 -2.64 -6.58
CA ASP B 296 6.80 -3.52 -5.61
C ASP B 296 6.10 -3.52 -4.24
N GLN B 297 6.38 -4.55 -3.47
CA GLN B 297 5.76 -4.69 -2.16
C GLN B 297 6.87 -4.96 -1.16
N SER B 298 7.10 -3.99 -0.26
CA SER B 298 8.19 -4.11 0.71
C SER B 298 9.53 -4.45 0.04
N GLU B 299 9.72 -3.88 -1.15
CA GLU B 299 10.94 -4.00 -1.94
C GLU B 299 11.32 -5.42 -2.32
N ILE B 300 10.42 -6.38 -2.15
CA ILE B 300 10.86 -7.78 -2.36
C ILE B 300 11.36 -8.03 -3.80
N THR B 301 10.77 -7.33 -4.78
CA THR B 301 11.19 -7.51 -6.17
C THR B 301 12.58 -6.98 -6.40
N ALA B 302 12.78 -5.75 -5.91
CA ALA B 302 14.08 -5.11 -6.00
C ALA B 302 15.16 -5.89 -5.23
N ILE B 303 14.79 -6.47 -4.09
CA ILE B 303 15.71 -7.27 -3.29
C ILE B 303 16.14 -8.50 -4.12
N ALA B 304 15.17 -9.17 -4.73
CA ALA B 304 15.54 -10.32 -5.56
C ALA B 304 16.48 -9.91 -6.72
N ALA B 305 16.17 -8.79 -7.38
CA ALA B 305 16.99 -8.26 -8.48
C ALA B 305 18.41 -7.95 -8.00
N ALA B 306 18.51 -7.33 -6.82
CA ALA B 306 19.83 -7.01 -6.22
C ALA B 306 20.63 -8.29 -5.93
N HIS B 307 19.95 -9.35 -5.49
CA HIS B 307 20.63 -10.66 -5.26
C HIS B 307 21.19 -11.19 -6.55
N VAL B 308 20.40 -11.14 -7.63
CA VAL B 308 20.87 -11.63 -8.96
C VAL B 308 22.14 -10.86 -9.36
N ALA B 309 22.10 -9.54 -9.20
CA ALA B 309 23.21 -8.68 -9.57
C ALA B 309 24.43 -9.02 -8.71
N CYS B 310 24.19 -9.29 -7.43
CA CYS B 310 25.28 -9.60 -6.51
C CYS B 310 25.95 -10.91 -6.94
N ASP B 311 25.14 -11.90 -7.24
CA ASP B 311 25.69 -13.18 -7.71
C ASP B 311 26.46 -13.07 -9.02
N LEU B 312 26.00 -12.21 -9.94
CA LEU B 312 26.75 -11.92 -11.16
C LEU B 312 28.13 -11.34 -10.85
N LEU B 313 28.20 -10.37 -9.93
CA LEU B 313 29.51 -9.86 -9.46
C LEU B 313 30.40 -10.98 -8.92
N CYS B 314 29.83 -11.89 -8.15
CA CYS B 314 30.61 -12.94 -7.53
C CYS B 314 31.15 -13.89 -8.59
N LEU B 315 30.35 -14.15 -9.63
CA LEU B 315 30.81 -14.98 -10.76
C LEU B 315 32.04 -14.34 -11.39
N TRP B 316 31.98 -13.03 -11.62
CA TRP B 316 33.16 -12.33 -12.14
C TRP B 316 34.36 -12.34 -11.21
N ARG B 317 34.12 -12.21 -9.90
CA ARG B 317 35.23 -12.26 -8.91
C ARG B 317 35.92 -13.62 -9.06
N GLN B 318 35.12 -14.67 -9.17
CA GLN B 318 35.69 -16.02 -9.28
C GLN B 318 36.49 -16.23 -10.55
N ARG B 319 36.00 -15.71 -11.67
CA ARG B 319 36.73 -15.74 -12.93
C ARG B 319 38.07 -14.97 -12.88
N LYS B 320 38.06 -13.78 -12.27
CA LYS B 320 39.29 -13.00 -12.10
C LYS B 320 40.26 -13.71 -11.15
N ALA B 321 39.76 -14.15 -9.99
CA ALA B 321 40.60 -14.83 -8.99
C ALA B 321 41.18 -16.16 -9.49
N GLY B 322 40.42 -16.87 -10.33
CA GLY B 322 40.86 -18.15 -10.89
C GLY B 322 41.89 -18.01 -11.99
N ALA B 323 41.96 -16.82 -12.59
CA ALA B 323 42.95 -16.53 -13.64
C ALA B 323 44.21 -15.83 -13.07
N ARG B 324 44.16 -15.44 -11.80
CA ARG B 324 45.23 -14.67 -11.15
C ARG B 324 46.58 -15.40 -11.11
N THR C 8 -21.33 -22.27 26.65
CA THR C 8 -20.66 -21.68 25.44
C THR C 8 -20.99 -20.19 25.33
N LEU C 9 -19.96 -19.36 25.31
CA LEU C 9 -20.14 -17.91 25.28
C LEU C 9 -20.04 -17.44 23.84
N TYR C 10 -20.76 -16.36 23.54
CA TYR C 10 -20.75 -15.80 22.18
C TYR C 10 -20.11 -14.44 22.21
N GLY C 11 -18.85 -14.38 21.73
CA GLY C 11 -18.12 -13.13 21.61
C GLY C 11 -17.25 -12.78 22.80
N ASP C 12 -16.02 -12.34 22.53
CA ASP C 12 -15.12 -11.81 23.57
C ASP C 12 -14.77 -12.84 24.66
N GLY C 13 -14.51 -14.07 24.24
CA GLY C 13 -14.12 -15.12 25.21
C GLY C 13 -12.87 -14.78 26.02
N ALA C 14 -11.95 -14.02 25.42
CA ALA C 14 -10.66 -13.67 26.08
C ALA C 14 -10.84 -12.93 27.41
N ILE C 15 -11.96 -12.22 27.53
CA ILE C 15 -12.24 -11.41 28.73
C ILE C 15 -13.47 -11.91 29.50
N ARG C 16 -14.14 -12.95 28.99
CA ARG C 16 -15.38 -13.45 29.59
C ARG C 16 -15.30 -14.86 30.19
N ARG C 17 -14.51 -15.77 29.60
CA ARG C 17 -14.47 -17.17 30.09
C ARG C 17 -13.95 -17.24 31.51
N PRO C 18 -14.69 -17.91 32.40
CA PRO C 18 -14.17 -18.07 33.75
C PRO C 18 -13.08 -19.15 33.85
N SER C 19 -13.06 -20.09 32.92
CA SER C 19 -12.03 -21.14 32.90
C SER C 19 -10.95 -20.83 31.88
N VAL C 20 -9.71 -21.26 32.17
CA VAL C 20 -8.61 -21.11 31.23
C VAL C 20 -8.70 -22.13 30.08
N TYR C 21 -9.49 -23.18 30.25
CA TYR C 21 -9.72 -24.18 29.20
C TYR C 21 -10.91 -23.83 28.29
N GLY C 22 -10.83 -24.29 27.04
CA GLY C 22 -11.96 -24.27 26.12
C GLY C 22 -12.01 -23.05 25.21
N SER C 23 -12.77 -23.16 24.12
CA SER C 23 -12.91 -22.07 23.15
C SER C 23 -14.32 -21.48 23.25
N SER C 24 -14.53 -20.30 22.67
CA SER C 24 -15.83 -19.67 22.64
C SER C 24 -16.15 -19.34 21.17
N ILE C 25 -17.39 -18.99 20.89
CA ILE C 25 -17.78 -18.61 19.53
C ILE C 25 -17.38 -17.16 19.32
N GLU C 26 -16.67 -16.88 18.23
CA GLU C 26 -16.29 -15.50 17.89
C GLU C 26 -16.67 -15.20 16.45
N ASN C 27 -17.08 -13.97 16.18
CA ASN C 27 -17.00 -13.47 14.80
C ASN C 27 -15.53 -13.22 14.49
N THR C 28 -15.04 -13.79 13.38
CA THR C 28 -13.60 -13.78 13.12
C THR C 28 -13.08 -12.36 12.99
N TYR C 29 -13.94 -11.48 12.50
CA TYR C 29 -13.61 -10.06 12.24
C TYR C 29 -13.89 -9.14 13.44
N ALA C 30 -14.18 -9.70 14.61
CA ALA C 30 -14.43 -8.86 15.79
C ALA C 30 -13.89 -9.57 17.03
N GLY C 31 -14.23 -9.07 18.21
CA GLY C 31 -13.88 -9.73 19.48
C GLY C 31 -12.51 -9.37 19.98
N VAL C 32 -12.31 -9.49 21.29
CA VAL C 32 -11.01 -9.15 21.88
C VAL C 32 -9.85 -9.94 21.23
N LEU C 33 -8.79 -9.22 20.86
CA LEU C 33 -7.69 -9.79 20.07
C LEU C 33 -6.48 -10.28 20.88
N SER C 34 -6.71 -11.19 21.84
CA SER C 34 -5.61 -11.89 22.47
C SER C 34 -5.12 -12.99 21.54
N PHE C 35 -3.94 -13.53 21.83
CA PHE C 35 -3.45 -14.57 20.95
C PHE C 35 -4.37 -15.80 20.93
N MET C 36 -4.86 -16.15 19.73
CA MET C 36 -5.87 -17.21 19.57
C MET C 36 -7.00 -17.15 20.61
N ARG C 37 -7.39 -15.91 20.95
CA ARG C 37 -8.55 -15.62 21.79
C ARG C 37 -8.39 -16.16 23.20
N ARG C 38 -7.16 -16.51 23.61
CA ARG C 38 -6.95 -17.09 24.96
C ARG C 38 -7.16 -16.05 26.05
N ASN C 39 -7.50 -16.50 27.28
CA ASN C 39 -7.83 -15.57 28.36
C ASN C 39 -6.70 -14.57 28.59
N TYR C 40 -7.06 -13.30 28.67
CA TYR C 40 -6.13 -12.26 29.09
C TYR C 40 -6.05 -12.29 30.61
N THR C 41 -4.87 -12.62 31.14
CA THR C 41 -4.68 -12.71 32.59
C THR C 41 -3.19 -12.76 32.94
N ARG C 42 -2.88 -12.29 34.15
CA ARG C 42 -1.55 -12.41 34.77
C ARG C 42 -1.53 -13.51 35.86
N ASP C 43 -2.68 -14.17 36.08
CA ASP C 43 -2.76 -15.31 37.03
C ASP C 43 -2.23 -16.61 36.40
N LEU C 44 -1.13 -17.11 36.92
CA LEU C 44 -0.44 -18.22 36.28
C LEU C 44 -0.72 -19.59 36.89
N ASP C 45 -1.58 -19.63 37.91
CA ASP C 45 -1.87 -20.86 38.62
C ASP C 45 -2.53 -21.89 37.66
N GLY C 46 -1.94 -23.07 37.55
CA GLY C 46 -2.51 -24.13 36.70
C GLY C 46 -2.32 -23.91 35.20
N VAL C 47 -1.46 -22.97 34.83
CA VAL C 47 -1.30 -22.64 33.40
C VAL C 47 -0.19 -23.49 32.77
N ASP C 48 -0.44 -24.01 31.57
CA ASP C 48 0.54 -24.82 30.83
C ASP C 48 1.47 -23.99 29.95
N VAL C 49 0.91 -23.03 29.23
CA VAL C 49 1.70 -22.17 28.36
C VAL C 49 1.24 -20.73 28.52
N VAL C 50 2.21 -19.83 28.61
CA VAL C 50 1.95 -18.40 28.67
C VAL C 50 2.45 -17.76 27.38
N VAL C 51 1.54 -17.17 26.62
CA VAL C 51 1.93 -16.37 25.46
C VAL C 51 2.12 -14.94 25.98
N SER C 52 3.25 -14.33 25.64
CA SER C 52 3.43 -12.91 25.96
C SER C 52 4.21 -12.24 24.83
N GLY C 53 4.13 -10.92 24.78
CA GLY C 53 4.90 -10.22 23.75
C GLY C 53 6.06 -9.47 24.35
N VAL C 54 7.14 -9.34 23.58
CA VAL C 54 8.21 -8.40 23.96
C VAL C 54 8.43 -7.42 22.80
N PRO C 55 7.86 -6.20 22.91
CA PRO C 55 7.73 -5.31 21.75
C PRO C 55 9.01 -4.47 21.53
N LEU C 56 10.11 -5.17 21.23
CA LEU C 56 11.45 -4.55 21.07
C LEU C 56 11.85 -4.44 19.60
N ASP C 57 12.32 -3.27 19.18
CA ASP C 57 13.06 -3.22 17.91
C ASP C 57 14.29 -2.34 17.98
N LEU C 58 14.73 -2.05 19.20
CA LEU C 58 15.92 -1.19 19.37
C LEU C 58 17.23 -1.87 18.96
N ALA C 59 17.21 -3.21 18.84
CA ALA C 59 18.41 -3.98 18.55
C ALA C 59 18.59 -4.25 17.04
N THR C 60 17.66 -3.75 16.23
CA THR C 60 17.66 -4.01 14.78
C THR C 60 18.78 -3.33 14.02
N THR C 61 19.19 -3.95 12.92
CA THR C 61 20.27 -3.42 12.12
C THR C 61 19.81 -2.81 10.78
N PHE C 62 18.59 -3.12 10.34
CA PHE C 62 18.10 -2.51 9.11
C PHE C 62 16.79 -1.80 9.37
N ARG C 63 15.67 -2.33 8.89
CA ARG C 63 14.39 -1.66 9.13
C ARG C 63 13.93 -1.85 10.56
N SER C 64 13.37 -0.79 11.14
CA SER C 64 12.69 -0.93 12.42
C SER C 64 11.21 -1.27 12.18
N GLY C 65 10.54 -1.74 13.21
CA GLY C 65 9.12 -2.04 13.07
C GLY C 65 8.70 -3.26 13.86
N ALA C 66 9.65 -4.10 14.25
CA ALA C 66 9.32 -5.30 15.04
C ALA C 66 8.66 -4.99 16.39
N ARG C 67 8.75 -3.76 16.87
CA ARG C 67 8.10 -3.41 18.15
C ARG C 67 6.59 -3.66 18.09
N LEU C 68 6.00 -3.61 16.90
CA LEU C 68 4.57 -3.86 16.74
C LEU C 68 4.25 -5.32 16.39
N GLY C 69 5.27 -6.18 16.38
CA GLY C 69 5.11 -7.60 16.03
C GLY C 69 4.09 -8.34 16.88
N PRO C 70 4.14 -8.15 18.22
CA PRO C 70 3.21 -8.94 19.02
C PRO C 70 1.74 -8.62 18.70
N SER C 71 1.41 -7.34 18.56
CA SER C 71 0.00 -7.00 18.23
C SER C 71 -0.40 -7.56 16.84
N ALA C 72 0.54 -7.57 15.89
CA ALA C 72 0.25 -8.04 14.51
C ALA C 72 0.03 -9.53 14.52
N VAL C 73 0.80 -10.27 15.31
CA VAL C 73 0.64 -11.74 15.34
C VAL C 73 -0.68 -12.08 16.07
N ARG C 74 -1.00 -11.38 17.16
CA ARG C 74 -2.33 -11.57 17.81
C ARG C 74 -3.49 -11.35 16.80
N ALA C 75 -3.45 -10.23 16.07
CA ALA C 75 -4.50 -9.94 15.08
C ALA C 75 -4.58 -11.02 13.99
N ALA C 76 -3.43 -11.52 13.57
CA ALA C 76 -3.37 -12.53 12.53
C ALA C 76 -3.79 -13.92 12.99
N SER C 77 -4.02 -14.08 14.30
CA SER C 77 -4.31 -15.41 14.83
C SER C 77 -5.82 -15.71 14.85
N VAL C 78 -6.66 -14.77 14.40
CA VAL C 78 -8.14 -14.94 14.54
C VAL C 78 -8.70 -16.17 13.81
N GLN C 79 -8.24 -16.45 12.59
CA GLN C 79 -8.77 -17.61 11.89
C GLN C 79 -8.37 -18.91 12.58
N LEU C 80 -7.17 -18.93 13.15
CA LEU C 80 -6.64 -20.16 13.73
C LEU C 80 -7.48 -20.55 14.96
N ALA C 81 -8.13 -19.55 15.56
CA ALA C 81 -8.96 -19.82 16.74
C ALA C 81 -10.34 -20.38 16.38
N GLU C 82 -10.73 -20.25 15.12
CA GLU C 82 -12.09 -20.59 14.71
C GLU C 82 -12.30 -22.10 14.52
N LEU C 83 -11.24 -22.80 14.12
CA LEU C 83 -11.32 -24.22 13.77
C LEU C 83 -10.26 -25.02 14.53
N ASN C 84 -10.45 -26.32 14.68
CA ASN C 84 -9.34 -27.15 15.17
C ASN C 84 -8.14 -26.98 14.26
N PRO C 85 -6.94 -26.79 14.83
CA PRO C 85 -5.75 -26.71 13.97
C PRO C 85 -5.58 -27.93 13.07
N TYR C 86 -5.10 -27.67 11.86
CA TYR C 86 -4.87 -28.70 10.86
C TYR C 86 -3.36 -29.05 10.82
N PRO C 87 -3.01 -30.35 10.70
CA PRO C 87 -3.80 -31.55 10.53
C PRO C 87 -4.17 -32.21 11.87
N TRP C 88 -3.82 -31.54 12.97
CA TRP C 88 -4.02 -32.05 14.33
C TRP C 88 -5.41 -32.58 14.60
N GLY C 89 -6.42 -31.79 14.25
CA GLY C 89 -7.80 -32.23 14.38
C GLY C 89 -8.32 -32.29 15.81
N PHE C 90 -7.68 -31.58 16.74
CA PHE C 90 -8.22 -31.41 18.11
C PHE C 90 -8.26 -29.93 18.44
N ASP C 91 -9.05 -29.54 19.42
CA ASP C 91 -8.95 -28.18 19.94
C ASP C 91 -7.90 -28.24 21.06
N PRO C 92 -6.70 -27.64 20.86
CA PRO C 92 -5.68 -27.84 21.89
C PRO C 92 -6.08 -27.29 23.25
N PHE C 93 -7.05 -26.35 23.28
CA PHE C 93 -7.40 -25.63 24.50
C PHE C 93 -8.38 -26.40 25.38
N ASP C 94 -8.82 -27.56 24.92
CA ASP C 94 -9.62 -28.43 25.79
C ASP C 94 -8.75 -29.09 26.86
N ASP C 95 -7.52 -29.40 26.50
CA ASP C 95 -6.58 -30.13 27.36
C ASP C 95 -5.36 -29.32 27.76
N LEU C 96 -5.10 -28.21 27.07
CA LEU C 96 -3.91 -27.42 27.36
C LEU C 96 -4.34 -26.04 27.81
N ALA C 97 -3.90 -25.63 29.00
CA ALA C 97 -4.24 -24.32 29.56
C ALA C 97 -3.26 -23.29 29.02
N VAL C 98 -3.75 -22.45 28.11
CA VAL C 98 -2.91 -21.39 27.49
C VAL C 98 -3.55 -20.04 27.80
N ILE C 99 -2.75 -19.07 28.27
CA ILE C 99 -3.23 -17.72 28.50
C ILE C 99 -2.42 -16.71 27.70
N ASP C 100 -2.97 -15.52 27.53
CA ASP C 100 -2.20 -14.39 26.98
C ASP C 100 -1.95 -13.43 28.14
N TYR C 101 -0.69 -13.33 28.53
CA TYR C 101 -0.20 -12.48 29.62
C TYR C 101 -0.23 -10.98 29.30
N GLY C 102 -0.33 -10.65 28.02
CA GLY C 102 -0.01 -9.29 27.59
C GLY C 102 1.47 -9.21 27.26
N ASP C 103 2.07 -8.06 27.54
CA ASP C 103 3.44 -7.81 27.15
C ASP C 103 4.39 -7.54 28.31
N CYS C 104 5.67 -7.75 28.04
CA CYS C 104 6.73 -7.30 28.94
C CYS C 104 6.88 -5.79 28.77
N TRP C 105 6.59 -5.04 29.83
CA TRP C 105 6.83 -3.61 29.81
C TRP C 105 8.30 -3.36 29.99
N PHE C 106 8.82 -2.36 29.29
CA PHE C 106 10.18 -1.89 29.55
C PHE C 106 10.25 -0.40 29.22
N ASP C 107 11.25 0.25 29.83
CA ASP C 107 11.54 1.65 29.64
C ASP C 107 12.53 1.78 28.48
N ALA C 108 12.02 2.04 27.27
CA ALA C 108 12.86 2.11 26.09
C ALA C 108 13.82 3.28 26.15
N HIS C 109 13.46 4.30 26.92
CA HIS C 109 14.27 5.54 27.03
C HIS C 109 15.48 5.36 27.89
N HIS C 110 15.54 4.19 28.54
CA HIS C 110 16.72 3.73 29.30
C HIS C 110 17.12 2.35 28.87
N PRO C 111 17.75 2.27 27.68
CA PRO C 111 17.88 0.97 27.01
C PRO C 111 18.72 -0.09 27.73
N LEU C 112 19.64 0.32 28.61
CA LEU C 112 20.40 -0.63 29.45
C LEU C 112 19.50 -1.41 30.41
N SER C 113 18.29 -0.92 30.68
CA SER C 113 17.36 -1.60 31.59
C SER C 113 16.58 -2.71 30.91
N ILE C 114 16.64 -2.77 29.58
CA ILE C 114 15.79 -3.69 28.82
C ILE C 114 16.13 -5.17 29.02
N LYS C 115 17.41 -5.52 28.91
CA LYS C 115 17.84 -6.91 29.12
C LYS C 115 17.38 -7.43 30.50
N PRO C 116 17.70 -6.72 31.60
CA PRO C 116 17.19 -7.23 32.88
C PRO C 116 15.68 -7.27 32.98
N ALA C 117 14.96 -6.31 32.35
CA ALA C 117 13.50 -6.35 32.31
C ALA C 117 12.99 -7.63 31.68
N ILE C 118 13.60 -8.03 30.57
CA ILE C 118 13.17 -9.25 29.87
C ILE C 118 13.54 -10.51 30.70
N VAL C 119 14.74 -10.55 31.29
CA VAL C 119 15.10 -11.65 32.18
C VAL C 119 14.09 -11.79 33.31
N GLU C 120 13.70 -10.68 33.93
CA GLU C 120 12.77 -10.72 35.05
C GLU C 120 11.36 -11.14 34.66
N HIS C 121 10.89 -10.66 33.50
CA HIS C 121 9.64 -11.11 32.89
C HIS C 121 9.62 -12.61 32.78
N ALA C 122 10.68 -13.18 32.20
CA ALA C 122 10.80 -14.63 32.02
C ALA C 122 10.96 -15.37 33.36
N ARG C 123 11.83 -14.88 34.24
CA ARG C 123 11.98 -15.47 35.58
C ARG C 123 10.63 -15.61 36.31
N THR C 124 9.83 -14.53 36.29
CA THR C 124 8.49 -14.48 36.90
C THR C 124 7.57 -15.56 36.34
N ILE C 125 7.47 -15.62 35.00
CA ILE C 125 6.60 -16.60 34.38
C ILE C 125 7.06 -18.02 34.68
N LEU C 126 8.37 -18.23 34.60
CA LEU C 126 8.93 -19.57 34.76
C LEU C 126 8.75 -20.11 36.18
N GLN C 127 8.63 -19.23 37.17
CA GLN C 127 8.36 -19.68 38.55
C GLN C 127 7.05 -20.47 38.65
N SER C 128 6.17 -20.32 37.66
CA SER C 128 4.88 -21.03 37.63
C SER C 128 4.97 -22.42 36.99
N ASP C 129 6.12 -22.79 36.45
CA ASP C 129 6.23 -24.02 35.63
C ASP C 129 5.48 -24.02 34.27
N ALA C 130 4.74 -22.96 33.93
CA ALA C 130 4.22 -22.80 32.57
C ALA C 130 5.39 -22.69 31.60
N ARG C 131 5.21 -23.16 30.37
CA ARG C 131 6.15 -22.89 29.27
C ARG C 131 5.90 -21.48 28.76
N MET C 132 6.95 -20.87 28.20
CA MET C 132 6.80 -19.58 27.54
C MET C 132 6.77 -19.73 26.03
N LEU C 133 5.73 -19.16 25.41
CA LEU C 133 5.71 -18.93 23.96
C LEU C 133 5.71 -17.42 23.77
N THR C 134 6.83 -16.87 23.33
CA THR C 134 6.99 -15.43 23.34
C THR C 134 6.95 -14.86 21.91
N LEU C 135 6.15 -13.82 21.70
CA LEU C 135 6.07 -13.09 20.41
C LEU C 135 6.98 -11.87 20.42
N GLY C 136 7.87 -11.77 19.42
CA GLY C 136 8.71 -10.59 19.26
C GLY C 136 8.06 -9.54 18.34
N GLY C 137 8.69 -8.38 18.18
CA GLY C 137 9.98 -8.06 18.79
C GLY C 137 11.16 -8.58 17.97
N ASP C 138 12.29 -7.89 18.03
CA ASP C 138 13.48 -8.31 17.28
C ASP C 138 14.18 -9.50 17.98
N HIS C 139 15.14 -10.11 17.30
CA HIS C 139 15.71 -11.36 17.80
C HIS C 139 16.53 -11.21 19.05
N TYR C 140 16.94 -9.99 19.38
CA TYR C 140 17.72 -9.81 20.59
C TYR C 140 16.97 -10.41 21.82
N ILE C 141 15.63 -10.39 21.80
CA ILE C 141 14.86 -10.79 22.99
C ILE C 141 15.22 -12.22 23.44
N THR C 142 15.64 -13.05 22.50
CA THR C 142 15.85 -14.46 22.77
C THR C 142 17.07 -14.66 23.70
N TYR C 143 18.00 -13.71 23.65
CA TYR C 143 19.14 -13.77 24.60
C TYR C 143 18.73 -13.68 26.08
N PRO C 144 18.06 -12.58 26.52
CA PRO C 144 17.60 -12.60 27.93
C PRO C 144 16.59 -13.74 28.23
N LEU C 145 15.77 -14.11 27.26
CA LEU C 145 14.90 -15.28 27.45
C LEU C 145 15.73 -16.56 27.71
N LEU C 146 16.83 -16.75 26.97
CA LEU C 146 17.66 -17.95 27.16
C LEU C 146 18.33 -17.88 28.53
N ILE C 147 18.67 -16.67 28.98
CA ILE C 147 19.27 -16.52 30.31
C ILE C 147 18.31 -17.07 31.37
N ALA C 148 17.05 -16.63 31.32
CA ALA C 148 16.06 -17.11 32.30
C ALA C 148 15.78 -18.61 32.15
N HIS C 149 15.74 -19.09 30.91
CA HIS C 149 15.47 -20.52 30.68
C HIS C 149 16.59 -21.41 31.17
N ALA C 150 17.83 -20.93 31.08
CA ALA C 150 18.99 -21.64 31.60
C ALA C 150 18.96 -21.72 33.12
N GLN C 151 18.50 -20.66 33.80
CA GLN C 151 18.30 -20.70 35.26
C GLN C 151 17.37 -21.83 35.67
N LYS C 152 16.28 -22.00 34.94
CA LYS C 152 15.31 -23.03 35.27
C LYS C 152 15.68 -24.45 34.80
N TYR C 153 16.10 -24.57 33.55
CA TYR C 153 16.27 -25.89 32.92
C TYR C 153 17.71 -26.35 32.86
N GLY C 154 18.62 -25.52 33.37
CA GLY C 154 20.05 -25.87 33.36
C GLY C 154 20.76 -25.40 32.08
N LYS C 155 22.09 -25.49 32.10
CA LYS C 155 22.95 -25.07 30.99
C LYS C 155 23.83 -26.27 30.65
N PRO C 156 24.18 -26.48 29.37
CA PRO C 156 23.75 -25.72 28.17
C PRO C 156 22.45 -26.27 27.57
N LEU C 157 21.68 -25.40 26.94
CA LEU C 157 20.46 -25.79 26.25
C LEU C 157 20.76 -26.12 24.80
N SER C 158 19.90 -26.92 24.19
CA SER C 158 19.91 -27.10 22.74
C SER C 158 19.07 -25.98 22.13
N LEU C 159 19.61 -25.31 21.12
CA LEU C 159 18.85 -24.28 20.39
C LEU C 159 18.43 -24.80 19.02
N ILE C 160 17.13 -24.68 18.70
CA ILE C 160 16.62 -24.95 17.34
C ILE C 160 16.25 -23.58 16.77
N HIS C 161 16.98 -23.13 15.77
CA HIS C 161 16.96 -21.72 15.35
C HIS C 161 16.63 -21.66 13.88
N PHE C 162 15.46 -21.11 13.56
CA PHE C 162 15.01 -20.95 12.16
C PHE C 162 15.28 -19.50 11.81
N ASP C 163 16.07 -19.28 10.76
CA ASP C 163 16.52 -17.91 10.50
C ASP C 163 17.29 -17.87 9.21
N ALA C 164 17.25 -16.71 8.54
CA ALA C 164 18.14 -16.53 7.39
C ALA C 164 19.54 -16.22 7.89
N HIS C 165 19.60 -15.78 9.16
CA HIS C 165 20.84 -15.29 9.83
C HIS C 165 21.24 -16.11 11.02
N CYS C 166 22.54 -16.34 11.16
CA CYS C 166 23.07 -17.15 12.29
C CYS C 166 23.05 -16.36 13.61
N ASP C 167 23.12 -15.03 13.51
CA ASP C 167 23.15 -14.15 14.71
C ASP C 167 24.28 -14.48 15.68
N THR C 168 25.39 -14.95 15.13
CA THR C 168 26.54 -15.39 15.92
C THR C 168 27.78 -14.62 15.50
N TRP C 169 27.58 -13.48 14.85
CA TRP C 169 28.71 -12.63 14.47
C TRP C 169 29.33 -12.10 15.72
N ALA C 170 30.66 -12.02 15.71
CA ALA C 170 31.44 -11.71 16.91
C ALA C 170 31.15 -10.31 17.47
N ASP C 171 31.07 -10.19 18.78
CA ASP C 171 30.74 -8.93 19.44
C ASP C 171 31.23 -9.05 20.87
N ASP C 172 32.35 -8.40 21.15
CA ASP C 172 32.96 -8.51 22.47
C ASP C 172 32.64 -7.34 23.39
N ALA C 173 31.63 -6.55 23.01
CA ALA C 173 31.11 -5.53 23.91
C ALA C 173 29.86 -6.10 24.59
N PRO C 174 29.94 -6.31 25.92
CA PRO C 174 28.89 -7.02 26.68
C PRO C 174 27.52 -6.33 26.66
N ASP C 175 27.48 -5.04 27.01
CA ASP C 175 26.23 -4.30 27.16
C ASP C 175 25.52 -3.96 25.83
N SER C 176 26.08 -4.38 24.70
CA SER C 176 25.51 -3.99 23.39
C SER C 176 24.13 -4.59 23.14
N LEU C 177 23.34 -3.90 22.32
CA LEU C 177 21.96 -4.26 22.02
C LEU C 177 21.86 -4.54 20.52
N ASN C 178 22.03 -5.80 20.13
CA ASN C 178 22.21 -6.15 18.72
C ASN C 178 21.58 -7.50 18.40
N HIS C 179 20.57 -7.49 17.51
CA HIS C 179 19.85 -8.72 17.15
C HIS C 179 20.66 -9.68 16.32
N GLY C 180 21.88 -9.31 15.95
CA GLY C 180 22.71 -10.18 15.12
C GLY C 180 23.93 -10.76 15.81
N THR C 181 24.08 -10.51 17.10
CA THR C 181 25.29 -10.96 17.82
C THR C 181 24.93 -11.63 19.13
N MET C 182 23.63 -11.71 19.45
CA MET C 182 23.24 -12.21 20.77
C MET C 182 23.43 -13.72 20.94
N PHE C 183 23.49 -14.46 19.84
CA PHE C 183 23.76 -15.90 19.97
C PHE C 183 25.25 -16.21 20.04
N TYR C 184 26.09 -15.29 19.58
CA TYR C 184 27.51 -15.34 19.91
C TYR C 184 27.66 -15.22 21.45
N LYS C 185 26.96 -14.23 22.02
CA LYS C 185 26.95 -14.04 23.47
C LYS C 185 26.42 -15.26 24.22
N ALA C 186 25.29 -15.80 23.75
CA ALA C 186 24.71 -17.03 24.30
C ALA C 186 25.70 -18.20 24.31
N VAL C 187 26.47 -18.38 23.23
CA VAL C 187 27.48 -19.44 23.18
C VAL C 187 28.62 -19.10 24.14
N LYS C 188 29.10 -17.86 24.13
CA LYS C 188 30.20 -17.48 25.06
C LYS C 188 29.80 -17.61 26.51
N ASP C 189 28.53 -17.32 26.83
CA ASP C 189 28.02 -17.47 28.20
C ASP C 189 27.75 -18.92 28.58
N GLY C 190 27.91 -19.86 27.64
CA GLY C 190 27.62 -21.28 27.94
C GLY C 190 26.13 -21.61 28.01
N LEU C 191 25.28 -20.72 27.47
CA LEU C 191 23.82 -20.92 27.51
C LEU C 191 23.34 -22.00 26.55
N ILE C 192 24.00 -22.14 25.42
CA ILE C 192 23.60 -23.14 24.43
C ILE C 192 24.81 -23.99 24.01
N ASP C 193 24.54 -25.26 23.74
CA ASP C 193 25.56 -26.20 23.26
C ASP C 193 25.60 -26.27 21.73
N PRO C 194 26.65 -25.69 21.10
CA PRO C 194 26.69 -25.61 19.63
C PRO C 194 26.55 -26.97 18.92
N LYS C 195 27.25 -27.98 19.42
CA LYS C 195 27.22 -29.33 18.84
C LYS C 195 25.82 -29.96 18.85
N ALA C 196 24.98 -29.56 19.82
CA ALA C 196 23.63 -30.09 19.98
C ALA C 196 22.57 -29.03 19.65
N SER C 197 22.98 -28.04 18.85
CA SER C 197 22.09 -26.99 18.37
C SER C 197 22.09 -26.99 16.84
N VAL C 198 21.08 -26.33 16.27
CA VAL C 198 20.91 -26.38 14.82
C VAL C 198 20.25 -25.11 14.31
N GLN C 199 20.77 -24.61 13.18
CA GLN C 199 20.25 -23.41 12.53
C GLN C 199 19.73 -23.81 11.14
N VAL C 200 18.48 -23.43 10.86
CA VAL C 200 17.73 -23.95 9.73
C VAL C 200 17.26 -22.77 8.85
N GLY C 201 17.61 -22.80 7.57
CA GLY C 201 17.17 -21.76 6.61
C GLY C 201 18.23 -20.71 6.37
N ILE C 202 19.38 -20.85 7.03
CA ILE C 202 20.51 -19.91 6.90
C ILE C 202 20.88 -19.59 5.46
N ARG C 203 21.10 -18.32 5.16
CA ARG C 203 21.57 -17.96 3.83
C ARG C 203 22.31 -16.63 3.89
N THR C 204 23.02 -16.44 5.00
CA THR C 204 23.97 -15.35 5.10
C THR C 204 25.29 -15.89 5.67
N TRP C 205 26.37 -15.17 5.44
CA TRP C 205 27.72 -15.66 5.76
C TRP C 205 28.27 -15.23 7.10
N ASN C 206 28.91 -16.18 7.79
CA ASN C 206 29.71 -15.93 9.00
C ASN C 206 31.01 -16.67 8.82
N ASP C 207 32.13 -16.00 9.10
CA ASP C 207 33.45 -16.65 9.05
C ASP C 207 33.58 -17.73 10.12
N ASP C 208 32.72 -17.67 11.12
CA ASP C 208 32.79 -18.57 12.27
C ASP C 208 31.42 -18.85 12.87
N TYR C 209 30.86 -19.98 12.47
CA TYR C 209 29.52 -20.37 12.93
C TYR C 209 29.54 -21.02 14.33
N LEU C 210 30.71 -20.96 14.96
CA LEU C 210 30.91 -21.45 16.34
C LEU C 210 30.66 -22.96 16.52
N GLY C 211 30.72 -23.71 15.44
CA GLY C 211 30.47 -25.16 15.47
C GLY C 211 29.00 -25.52 15.62
N ILE C 212 28.10 -24.55 15.43
CA ILE C 212 26.67 -24.85 15.45
C ILE C 212 26.36 -25.56 14.13
N ASN C 213 25.55 -26.62 14.17
CA ASN C 213 25.16 -27.31 12.92
C ASN C 213 24.24 -26.41 12.08
N VAL C 214 24.58 -26.30 10.80
CA VAL C 214 23.83 -25.39 9.90
C VAL C 214 23.19 -26.21 8.79
N LEU C 215 21.89 -26.08 8.62
CA LEU C 215 21.17 -26.64 7.49
C LEU C 215 20.65 -25.45 6.68
N ASP C 216 21.39 -25.08 5.64
CA ASP C 216 21.10 -23.81 5.00
C ASP C 216 19.85 -23.91 4.10
N ALA C 217 19.35 -22.77 3.60
CA ALA C 217 18.11 -22.77 2.83
C ALA C 217 18.28 -23.71 1.64
N ALA C 218 19.42 -23.64 0.95
CA ALA C 218 19.66 -24.54 -0.18
C ALA C 218 19.57 -26.03 0.23
N TRP C 219 20.04 -26.35 1.42
CA TRP C 219 20.04 -27.73 1.91
C TRP C 219 18.61 -28.18 2.17
N VAL C 220 17.81 -27.30 2.77
CA VAL C 220 16.38 -27.61 2.98
C VAL C 220 15.64 -27.82 1.65
N HIS C 221 15.85 -26.91 0.69
CA HIS C 221 15.22 -27.08 -0.62
C HIS C 221 15.62 -28.35 -1.30
N GLU C 222 16.89 -28.74 -1.15
CA GLU C 222 17.38 -29.95 -1.81
C GLU C 222 16.87 -31.24 -1.16
N HIS C 223 16.87 -31.27 0.17
CA HIS C 223 16.59 -32.50 0.92
C HIS C 223 15.17 -32.64 1.42
N GLY C 224 14.48 -31.52 1.64
CA GLY C 224 13.06 -31.60 1.96
C GLY C 224 12.79 -31.52 3.45
N ALA C 225 11.51 -31.37 3.81
CA ALA C 225 11.12 -31.16 5.22
C ALA C 225 11.38 -32.38 6.12
N ARG C 226 11.04 -33.56 5.66
CA ARG C 226 11.24 -34.79 6.43
C ARG C 226 12.72 -34.97 6.76
N ALA C 227 13.60 -34.81 5.77
CA ALA C 227 15.04 -34.95 5.98
C ALA C 227 15.54 -33.90 6.96
N THR C 228 15.01 -32.69 6.85
CA THR C 228 15.39 -31.61 7.76
C THR C 228 14.91 -31.91 9.18
N LEU C 229 13.64 -32.27 9.34
CA LEU C 229 13.15 -32.49 10.70
C LEU C 229 13.87 -33.67 11.36
N GLU C 230 14.19 -34.69 10.58
CA GLU C 230 14.90 -35.85 11.11
C GLU C 230 16.34 -35.50 11.52
N ARG C 231 16.98 -34.60 10.76
CA ARG C 231 18.30 -34.15 11.13
C ARG C 231 18.25 -33.33 12.42
N ILE C 232 17.24 -32.46 12.57
CA ILE C 232 17.06 -31.70 13.82
C ILE C 232 16.94 -32.64 15.03
N GLU C 233 16.06 -33.64 14.92
CA GLU C 233 15.84 -34.59 16.02
C GLU C 233 17.11 -35.30 16.39
N SER C 234 17.87 -35.70 15.38
CA SER C 234 19.12 -36.38 15.55
C SER C 234 20.14 -35.52 16.32
N ILE C 235 20.19 -34.23 16.01
CA ILE C 235 21.10 -33.32 16.66
C ILE C 235 20.74 -33.03 18.11
N VAL C 236 19.46 -32.78 18.41
CA VAL C 236 19.06 -32.36 19.76
C VAL C 236 18.81 -33.55 20.70
N GLY C 237 18.51 -34.72 20.13
CA GLY C 237 18.16 -35.89 20.95
C GLY C 237 17.06 -35.54 21.95
N GLY C 238 17.26 -35.94 23.21
CA GLY C 238 16.32 -35.62 24.27
C GLY C 238 16.71 -34.46 25.17
N ARG C 239 17.69 -33.65 24.73
CA ARG C 239 18.15 -32.49 25.49
CA ARG C 239 18.15 -32.51 25.51
C ARG C 239 17.07 -31.43 25.59
N PRO C 240 17.01 -30.71 26.72
CA PRO C 240 16.08 -29.58 26.81
C PRO C 240 16.39 -28.58 25.68
N ALA C 241 15.35 -28.29 24.89
CA ALA C 241 15.55 -27.55 23.63
C ALA C 241 14.65 -26.34 23.62
N TYR C 242 15.22 -25.22 23.18
CA TYR C 242 14.48 -23.97 23.01
C TYR C 242 14.38 -23.72 21.51
N LEU C 243 13.17 -23.45 21.04
CA LEU C 243 12.95 -23.19 19.60
C LEU C 243 12.73 -21.71 19.36
N THR C 244 13.54 -21.12 18.49
CA THR C 244 13.43 -19.69 18.21
C THR C 244 13.21 -19.53 16.70
N PHE C 245 12.09 -18.91 16.34
CA PHE C 245 11.70 -18.86 14.91
C PHE C 245 11.70 -17.41 14.44
N ASP C 246 12.75 -17.02 13.72
CA ASP C 246 12.79 -15.71 13.05
C ASP C 246 12.00 -15.84 11.74
N ILE C 247 10.95 -15.03 11.58
CA ILE C 247 10.06 -15.14 10.43
C ILE C 247 10.82 -14.91 9.10
N ASP C 248 11.98 -14.25 9.17
CA ASP C 248 12.79 -14.06 7.94
C ASP C 248 13.47 -15.35 7.45
N CYS C 249 13.31 -16.46 8.18
CA CYS C 249 13.63 -17.78 7.65
C CYS C 249 12.85 -18.00 6.35
N LEU C 250 11.58 -17.59 6.39
CA LEU C 250 10.74 -17.68 5.20
C LEU C 250 11.21 -16.71 4.11
N ASP C 251 11.03 -17.11 2.86
CA ASP C 251 11.35 -16.23 1.74
C ASP C 251 10.55 -14.93 1.87
N PRO C 252 11.13 -13.80 1.43
CA PRO C 252 10.35 -12.55 1.42
C PRO C 252 8.99 -12.61 0.69
N ALA C 253 8.79 -13.53 -0.26
CA ALA C 253 7.44 -13.73 -0.84
C ALA C 253 6.40 -14.12 0.20
N PHE C 254 6.80 -14.95 1.17
CA PHE C 254 5.89 -15.43 2.20
C PHE C 254 5.93 -14.53 3.45
N ALA C 255 7.05 -13.86 3.67
CA ALA C 255 7.23 -13.05 4.86
C ALA C 255 7.87 -11.68 4.47
N PRO C 256 7.09 -10.83 3.77
CA PRO C 256 7.65 -9.52 3.38
C PRO C 256 7.80 -8.60 4.58
N GLY C 257 7.03 -8.87 5.64
CA GLY C 257 6.95 -7.97 6.79
C GLY C 257 8.03 -8.29 7.81
N THR C 258 9.26 -7.95 7.44
CA THR C 258 10.36 -8.21 8.33
C THR C 258 11.49 -7.22 8.04
N GLY C 259 12.38 -7.03 9.03
CA GLY C 259 13.36 -5.95 8.93
C GLY C 259 14.59 -6.24 8.09
N THR C 260 14.93 -7.52 7.92
CA THR C 260 16.12 -7.95 7.18
C THR C 260 15.75 -9.08 6.21
N PRO C 261 15.01 -8.76 5.13
CA PRO C 261 14.59 -9.79 4.16
C PRO C 261 15.76 -10.28 3.29
N VAL C 262 15.86 -11.59 3.09
CA VAL C 262 16.92 -12.18 2.28
C VAL C 262 16.30 -13.17 1.29
N ALA C 263 16.54 -12.98 -0.02
CA ALA C 263 15.94 -13.88 -1.02
C ALA C 263 16.39 -15.33 -0.88
N GLY C 264 15.54 -16.23 -1.37
CA GLY C 264 15.86 -17.65 -1.56
C GLY C 264 15.49 -18.47 -0.32
N GLY C 265 14.50 -18.01 0.44
CA GLY C 265 14.13 -18.66 1.71
C GLY C 265 13.11 -19.78 1.62
N LEU C 266 12.57 -20.18 2.78
CA LEU C 266 11.63 -21.29 2.85
C LEU C 266 10.19 -20.82 2.55
N SER C 267 9.36 -21.73 2.06
CA SER C 267 7.92 -21.49 2.02
C SER C 267 7.34 -21.73 3.41
N SER C 268 6.17 -21.16 3.68
CA SER C 268 5.47 -21.51 4.91
C SER C 268 5.11 -23.01 4.93
N ALA C 269 4.82 -23.62 3.77
CA ALA C 269 4.53 -25.07 3.70
C ALA C 269 5.74 -25.86 4.25
N GLN C 270 6.95 -25.48 3.85
CA GLN C 270 8.15 -26.21 4.32
C GLN C 270 8.36 -26.04 5.81
N ALA C 271 8.31 -24.78 6.26
CA ALA C 271 8.57 -24.45 7.67
C ALA C 271 7.54 -25.14 8.59
N LEU C 272 6.26 -25.09 8.20
CA LEU C 272 5.23 -25.72 9.04
C LEU C 272 5.35 -27.23 9.02
N ALA C 273 5.72 -27.82 7.89
CA ALA C 273 5.91 -29.28 7.83
C ALA C 273 7.00 -29.71 8.82
N ILE C 274 8.07 -28.94 8.91
CA ILE C 274 9.16 -29.22 9.85
C ILE C 274 8.68 -29.06 11.29
N VAL C 275 8.12 -27.89 11.60
CA VAL C 275 7.66 -27.58 12.98
C VAL C 275 6.65 -28.60 13.48
N ARG C 276 5.66 -28.95 12.64
CA ARG C 276 4.65 -29.91 13.03
C ARG C 276 5.22 -31.30 13.36
N GLY C 277 6.39 -31.60 12.80
CA GLY C 277 7.03 -32.90 12.99
C GLY C 277 7.94 -33.02 14.20
N LEU C 278 8.00 -31.98 15.03
CA LEU C 278 8.96 -31.91 16.15
C LEU C 278 8.44 -32.45 17.50
N GLY C 279 7.41 -33.30 17.47
CA GLY C 279 6.78 -33.84 18.69
C GLY C 279 7.70 -34.67 19.57
N GLY C 280 8.81 -35.17 19.02
CA GLY C 280 9.75 -35.97 19.80
C GLY C 280 10.75 -35.14 20.59
N VAL C 281 10.82 -33.84 20.28
CA VAL C 281 11.78 -32.95 20.89
C VAL C 281 11.35 -32.51 22.30
N ASN C 282 12.31 -32.42 23.22
CA ASN C 282 12.06 -31.95 24.60
C ASN C 282 11.96 -30.41 24.63
N LEU C 283 10.83 -29.93 24.14
CA LEU C 283 10.64 -28.51 23.89
C LEU C 283 10.30 -27.80 25.17
N ILE C 284 11.22 -26.96 25.65
CA ILE C 284 11.04 -26.31 26.94
C ILE C 284 10.55 -24.87 26.88
N GLY C 285 10.59 -24.28 25.68
CA GLY C 285 10.18 -22.89 25.48
C GLY C 285 10.40 -22.52 24.03
N ALA C 286 9.76 -21.44 23.58
CA ALA C 286 9.86 -21.08 22.17
C ALA C 286 9.53 -19.61 21.96
N ASP C 287 10.04 -19.06 20.87
CA ASP C 287 9.59 -17.73 20.48
C ASP C 287 9.44 -17.60 18.96
N VAL C 288 8.72 -16.56 18.55
CA VAL C 288 8.51 -16.27 17.13
C VAL C 288 8.73 -14.76 16.99
N VAL C 289 9.77 -14.39 16.22
CA VAL C 289 10.31 -13.05 16.31
C VAL C 289 10.40 -12.41 14.92
N GLU C 290 10.58 -11.09 14.94
CA GLU C 290 10.93 -10.25 13.78
C GLU C 290 9.77 -9.91 12.83
N VAL C 291 8.54 -10.19 13.23
CA VAL C 291 7.41 -9.68 12.44
C VAL C 291 7.35 -8.14 12.55
N ALA C 292 7.38 -7.46 11.40
CA ALA C 292 7.36 -5.99 11.38
C ALA C 292 6.15 -5.57 10.55
N PRO C 293 5.01 -5.24 11.22
CA PRO C 293 3.76 -5.12 10.45
C PRO C 293 3.72 -3.95 9.46
N ALA C 294 4.54 -2.91 9.70
CA ALA C 294 4.59 -1.81 8.69
C ALA C 294 5.02 -2.32 7.33
N TYR C 295 5.76 -3.44 7.29
CA TYR C 295 6.27 -3.99 6.02
C TYR C 295 5.46 -5.21 5.59
N ASP C 296 4.44 -5.54 6.39
CA ASP C 296 3.61 -6.69 6.01
C ASP C 296 2.63 -6.29 4.90
N GLN C 297 2.15 -7.32 4.21
CA GLN C 297 1.29 -7.14 3.05
C GLN C 297 0.09 -8.04 3.28
N SER C 298 -1.08 -7.44 3.48
CA SER C 298 -2.31 -8.18 3.82
C SER C 298 -2.08 -9.23 4.92
N GLU C 299 -1.27 -8.83 5.90
CA GLU C 299 -0.95 -9.62 7.10
C GLU C 299 -0.32 -10.98 6.84
N ILE C 300 0.17 -11.24 5.63
CA ILE C 300 0.60 -12.63 5.34
C ILE C 300 1.77 -13.08 6.22
N THR C 301 2.66 -12.14 6.55
CA THR C 301 3.78 -12.47 7.45
C THR C 301 3.28 -12.86 8.86
N ALA C 302 2.41 -12.01 9.40
CA ALA C 302 1.85 -12.22 10.74
C ALA C 302 1.02 -13.48 10.75
N ILE C 303 0.33 -13.77 9.64
CA ILE C 303 -0.42 -15.03 9.53
C ILE C 303 0.51 -16.24 9.59
N ALA C 304 1.61 -16.24 8.82
CA ALA C 304 2.59 -17.34 8.87
C ALA C 304 3.14 -17.46 10.31
N ALA C 305 3.43 -16.33 10.97
CA ALA C 305 3.97 -16.36 12.33
C ALA C 305 2.95 -16.94 13.31
N ALA C 306 1.68 -16.53 13.16
CA ALA C 306 0.63 -17.09 14.02
C ALA C 306 0.49 -18.61 13.83
N HIS C 307 0.64 -19.08 12.58
CA HIS C 307 0.58 -20.52 12.28
C HIS C 307 1.69 -21.25 13.02
N VAL C 308 2.92 -20.71 12.98
CA VAL C 308 4.05 -21.36 13.71
C VAL C 308 3.73 -21.47 15.20
N ALA C 309 3.27 -20.36 15.78
CA ALA C 309 2.93 -20.31 17.20
C ALA C 309 1.83 -21.33 17.53
N CYS C 310 0.83 -21.42 16.66
CA CYS C 310 -0.27 -22.40 16.82
C CYS C 310 0.27 -23.83 16.87
N ASP C 311 1.17 -24.14 15.95
CA ASP C 311 1.71 -25.49 15.87
C ASP C 311 2.57 -25.82 17.09
N LEU C 312 3.28 -24.82 17.61
CA LEU C 312 4.06 -24.98 18.86
C LEU C 312 3.10 -25.33 20.01
N LEU C 313 1.96 -24.64 20.07
CA LEU C 313 0.96 -24.97 21.10
C LEU C 313 0.45 -26.41 20.93
N CYS C 314 0.24 -26.84 19.70
CA CYS C 314 -0.24 -28.21 19.47
C CYS C 314 0.82 -29.25 19.87
N LEU C 315 2.11 -28.95 19.63
CA LEU C 315 3.19 -29.82 20.08
C LEU C 315 3.15 -30.01 21.61
N TRP C 316 3.03 -28.91 22.34
CA TRP C 316 2.87 -28.95 23.79
C TRP C 316 1.64 -29.70 24.25
N ARG C 317 0.51 -29.54 23.56
CA ARG C 317 -0.68 -30.30 23.90
C ARG C 317 -0.38 -31.80 23.79
N GLN C 318 0.31 -32.19 22.71
CA GLN C 318 0.66 -33.61 22.52
C GLN C 318 1.62 -34.11 23.59
N ARG C 319 2.58 -33.28 23.95
CA ARG C 319 3.53 -33.68 24.98
C ARG C 319 2.89 -33.77 26.36
N LYS C 320 1.92 -32.88 26.64
CA LYS C 320 1.13 -33.02 27.88
C LYS C 320 0.37 -34.34 27.89
N ALA C 321 -0.26 -34.69 26.77
CA ALA C 321 -1.02 -35.93 26.63
C ALA C 321 -0.13 -37.17 26.77
N GLY C 322 1.09 -37.09 26.24
CA GLY C 322 2.12 -38.10 26.53
C GLY C 322 2.74 -37.83 27.89
N GLU D 7 -39.73 0.42 -17.24
CA GLU D 7 -38.62 -0.08 -18.11
C GLU D 7 -37.25 0.42 -17.67
N THR D 8 -37.09 0.67 -16.36
CA THR D 8 -35.77 0.86 -15.77
C THR D 8 -35.08 -0.50 -15.71
N LEU D 9 -33.81 -0.53 -16.10
CA LEU D 9 -33.03 -1.75 -16.18
C LEU D 9 -32.23 -1.87 -14.89
N TYR D 10 -31.98 -3.11 -14.47
CA TYR D 10 -31.22 -3.36 -13.27
C TYR D 10 -29.91 -4.02 -13.67
N GLY D 11 -28.85 -3.22 -13.58
CA GLY D 11 -27.46 -3.67 -13.82
C GLY D 11 -26.99 -3.55 -15.25
N ASP D 12 -25.73 -3.14 -15.42
CA ASP D 12 -25.08 -3.10 -16.74
C ASP D 12 -25.77 -2.19 -17.75
N GLY D 13 -26.23 -1.04 -17.29
CA GLY D 13 -26.90 -0.06 -18.15
C GLY D 13 -26.07 0.37 -19.35
N ALA D 14 -24.74 0.47 -19.14
CA ALA D 14 -23.83 0.98 -20.16
C ALA D 14 -23.84 0.13 -21.43
N ILE D 15 -24.20 -1.14 -21.28
CA ILE D 15 -24.25 -2.06 -22.42
C ILE D 15 -25.65 -2.54 -22.77
N ARG D 16 -26.65 -2.09 -22.01
CA ARG D 16 -28.02 -2.54 -22.24
C ARG D 16 -29.03 -1.49 -22.66
N ARG D 17 -28.86 -0.24 -22.24
CA ARG D 17 -29.90 0.80 -22.55
C ARG D 17 -29.97 1.02 -24.05
N PRO D 18 -31.19 0.97 -24.62
CA PRO D 18 -31.32 1.30 -26.06
C PRO D 18 -31.22 2.80 -26.33
N SER D 19 -31.53 3.62 -25.33
CA SER D 19 -31.44 5.08 -25.48
C SER D 19 -30.14 5.62 -24.89
N VAL D 20 -29.61 6.69 -25.48
CA VAL D 20 -28.46 7.40 -24.88
C VAL D 20 -28.83 8.19 -23.63
N TYR D 21 -30.14 8.44 -23.45
CA TYR D 21 -30.64 9.16 -22.26
C TYR D 21 -31.00 8.23 -21.12
N GLY D 22 -30.91 8.74 -19.89
CA GLY D 22 -31.45 8.07 -18.72
C GLY D 22 -30.43 7.25 -17.95
N SER D 23 -30.72 7.01 -16.67
CA SER D 23 -29.87 6.21 -15.81
C SER D 23 -30.51 4.83 -15.59
N SER D 24 -29.72 3.89 -15.09
CA SER D 24 -30.22 2.58 -14.74
C SER D 24 -29.85 2.30 -13.28
N ILE D 25 -30.49 1.29 -12.70
CA ILE D 25 -30.13 0.88 -11.34
C ILE D 25 -28.85 0.01 -11.40
N GLU D 26 -27.84 0.35 -10.58
CA GLU D 26 -26.60 -0.43 -10.52
C GLU D 26 -26.29 -0.74 -9.07
N ASN D 27 -25.75 -1.94 -8.79
CA ASN D 27 -24.96 -2.10 -7.57
C ASN D 27 -23.65 -1.36 -7.75
N THR D 28 -23.33 -0.48 -6.79
CA THR D 28 -22.23 0.46 -7.00
C THR D 28 -20.91 -0.29 -7.18
N TYR D 29 -20.82 -1.46 -6.52
CA TYR D 29 -19.61 -2.29 -6.52
C TYR D 29 -19.56 -3.28 -7.69
N ALA D 30 -20.49 -3.15 -8.64
CA ALA D 30 -20.48 -4.06 -9.80
C ALA D 30 -20.91 -3.31 -11.05
N GLY D 31 -21.21 -4.06 -12.10
CA GLY D 31 -21.69 -3.43 -13.36
C GLY D 31 -20.60 -2.87 -14.24
N VAL D 32 -20.90 -2.79 -15.54
CA VAL D 32 -19.93 -2.28 -16.53
C VAL D 32 -19.41 -0.89 -16.13
N LEU D 33 -18.09 -0.71 -16.21
CA LEU D 33 -17.41 0.47 -15.64
C LEU D 33 -17.10 1.55 -16.72
N SER D 34 -18.12 1.97 -17.47
CA SER D 34 -17.93 3.15 -18.34
C SER D 34 -18.02 4.41 -17.47
N PHE D 35 -17.62 5.53 -18.01
CA PHE D 35 -17.68 6.72 -17.19
C PHE D 35 -19.12 7.09 -16.81
N MET D 36 -19.36 7.22 -15.50
CA MET D 36 -20.70 7.41 -14.92
C MET D 36 -21.76 6.50 -15.56
N ARG D 37 -21.35 5.25 -15.84
CA ARG D 37 -22.21 4.23 -16.45
C ARG D 37 -22.83 4.57 -17.79
N ARG D 38 -22.30 5.57 -18.48
CA ARG D 38 -22.91 6.01 -19.76
C ARG D 38 -22.75 4.96 -20.86
N ASN D 39 -23.62 5.01 -21.87
CA ASN D 39 -23.56 4.00 -22.95
C ASN D 39 -22.18 3.91 -23.58
N TYR D 40 -21.67 2.69 -23.71
CA TYR D 40 -20.45 2.48 -24.47
C TYR D 40 -20.85 2.37 -25.92
N THR D 41 -20.38 3.31 -26.75
CA THR D 41 -20.73 3.30 -28.17
C THR D 41 -19.80 4.21 -28.95
N ARG D 42 -19.64 3.94 -30.25
CA ARG D 42 -18.90 4.82 -31.17
C ARG D 42 -19.88 5.59 -32.09
N ASP D 43 -21.19 5.42 -31.88
CA ASP D 43 -22.22 6.09 -32.69
C ASP D 43 -22.44 7.48 -32.08
N LEU D 44 -22.12 8.53 -32.83
CA LEU D 44 -22.14 9.88 -32.28
C LEU D 44 -23.39 10.68 -32.62
N ASP D 45 -24.31 10.06 -33.36
CA ASP D 45 -25.53 10.73 -33.79
CA ASP D 45 -25.50 10.77 -33.78
C ASP D 45 -26.37 11.14 -32.58
N GLY D 46 -26.76 12.41 -32.52
CA GLY D 46 -27.59 12.90 -31.43
C GLY D 46 -26.87 13.04 -30.09
N VAL D 47 -25.54 12.93 -30.08
CA VAL D 47 -24.81 12.97 -28.80
C VAL D 47 -24.36 14.40 -28.45
N ASP D 48 -24.52 14.78 -27.18
CA ASP D 48 -24.14 16.12 -26.69
C ASP D 48 -22.69 16.15 -26.17
N VAL D 49 -22.26 15.10 -25.47
CA VAL D 49 -20.90 15.08 -24.93
C VAL D 49 -20.36 13.67 -25.09
N VAL D 50 -19.14 13.61 -25.61
CA VAL D 50 -18.40 12.35 -25.72
C VAL D 50 -17.27 12.32 -24.69
N VAL D 51 -17.33 11.33 -23.79
CA VAL D 51 -16.23 11.06 -22.85
C VAL D 51 -15.32 10.05 -23.56
N SER D 52 -14.02 10.33 -23.60
CA SER D 52 -13.05 9.36 -24.15
C SER D 52 -11.78 9.46 -23.33
N GLY D 53 -10.97 8.40 -23.37
CA GLY D 53 -9.65 8.40 -22.73
C GLY D 53 -8.53 8.50 -23.76
N VAL D 54 -7.43 9.11 -23.32
CA VAL D 54 -6.17 9.10 -24.09
C VAL D 54 -5.07 8.63 -23.14
N PRO D 55 -4.75 7.33 -23.20
CA PRO D 55 -3.95 6.67 -22.15
C PRO D 55 -2.45 6.88 -22.39
N LEU D 56 -2.00 8.13 -22.35
CA LEU D 56 -0.61 8.47 -22.65
C LEU D 56 0.19 8.75 -21.38
N ASP D 57 1.40 8.22 -21.29
CA ASP D 57 2.32 8.78 -20.28
C ASP D 57 3.76 8.94 -20.79
N LEU D 58 3.93 8.88 -22.11
CA LEU D 58 5.29 8.95 -22.67
C LEU D 58 5.92 10.34 -22.59
N ALA D 59 5.11 11.37 -22.35
CA ALA D 59 5.62 12.74 -22.28
C ALA D 59 5.99 13.13 -20.86
N THR D 60 5.77 12.25 -19.88
CA THR D 60 5.98 12.61 -18.45
C THR D 60 7.48 12.85 -18.11
N THR D 61 7.69 13.73 -17.13
CA THR D 61 9.06 14.09 -16.73
C THR D 61 9.49 13.47 -15.40
N PHE D 62 8.56 12.98 -14.60
CA PHE D 62 8.95 12.31 -13.36
C PHE D 62 8.35 10.90 -13.34
N ARG D 63 7.33 10.66 -12.52
CA ARG D 63 6.77 9.30 -12.47
C ARG D 63 5.92 9.03 -13.70
N SER D 64 6.01 7.82 -14.25
CA SER D 64 5.03 7.36 -15.24
C SER D 64 3.84 6.70 -14.51
N GLY D 65 2.77 6.43 -15.22
CA GLY D 65 1.58 5.81 -14.65
C GLY D 65 0.28 6.41 -15.14
N ALA D 66 0.35 7.62 -15.69
CA ALA D 66 -0.89 8.27 -16.19
C ALA D 66 -1.55 7.52 -17.37
N ARG D 67 -0.84 6.54 -17.95
CA ARG D 67 -1.44 5.76 -19.05
C ARG D 67 -2.67 5.00 -18.55
N LEU D 68 -2.72 4.69 -17.26
CA LEU D 68 -3.86 4.00 -16.66
C LEU D 68 -4.92 4.97 -16.08
N GLY D 69 -4.68 6.26 -16.25
CA GLY D 69 -5.63 7.27 -15.73
C GLY D 69 -7.10 7.12 -16.16
N PRO D 70 -7.35 6.88 -17.46
CA PRO D 70 -8.75 6.82 -17.88
C PRO D 70 -9.53 5.71 -17.21
N SER D 71 -8.91 4.53 -17.12
CA SER D 71 -9.58 3.42 -16.41
C SER D 71 -9.81 3.72 -14.91
N ALA D 72 -8.87 4.44 -14.28
CA ALA D 72 -8.99 4.76 -12.83
C ALA D 72 -10.13 5.75 -12.61
N VAL D 73 -10.24 6.74 -13.48
CA VAL D 73 -11.31 7.74 -13.36
C VAL D 73 -12.66 7.08 -13.64
N ARG D 74 -12.71 6.18 -14.62
CA ARG D 74 -13.97 5.48 -14.82
C ARG D 74 -14.40 4.68 -13.58
N ALA D 75 -13.48 3.89 -13.02
CA ALA D 75 -13.80 3.07 -11.83
C ALA D 75 -14.23 3.95 -10.66
N ALA D 76 -13.60 5.12 -10.55
CA ALA D 76 -13.88 6.10 -9.46
C ALA D 76 -15.19 6.88 -9.61
N SER D 77 -15.87 6.72 -10.74
CA SER D 77 -17.08 7.48 -11.04
C SER D 77 -18.36 6.75 -10.62
N VAL D 78 -18.22 5.53 -10.05
CA VAL D 78 -19.42 4.72 -9.77
C VAL D 78 -20.39 5.36 -8.78
N GLN D 79 -19.90 5.98 -7.72
CA GLN D 79 -20.82 6.62 -6.77
C GLN D 79 -21.54 7.82 -7.37
N LEU D 80 -20.83 8.57 -8.20
CA LEU D 80 -21.47 9.71 -8.89
C LEU D 80 -22.65 9.33 -9.76
N ALA D 81 -22.68 8.08 -10.26
CA ALA D 81 -23.80 7.61 -11.08
C ALA D 81 -25.01 7.24 -10.26
N GLU D 82 -24.81 7.02 -8.96
CA GLU D 82 -25.90 6.48 -8.11
C GLU D 82 -26.95 7.51 -7.73
N LEU D 83 -26.53 8.76 -7.61
CA LEU D 83 -27.43 9.82 -7.11
C LEU D 83 -27.37 10.99 -8.06
N ASN D 84 -28.38 11.87 -8.03
CA ASN D 84 -28.23 13.15 -8.74
C ASN D 84 -27.00 13.88 -8.19
N PRO D 85 -26.18 14.46 -9.08
CA PRO D 85 -25.04 15.23 -8.60
C PRO D 85 -25.47 16.37 -7.68
N TYR D 86 -24.65 16.60 -6.65
CA TYR D 86 -24.86 17.69 -5.69
C TYR D 86 -23.96 18.91 -6.04
N PRO D 87 -24.46 20.15 -5.86
CA PRO D 87 -25.74 20.62 -5.38
C PRO D 87 -26.80 20.69 -6.47
N TRP D 88 -26.45 20.25 -7.68
CA TRP D 88 -27.33 20.40 -8.87
C TRP D 88 -28.73 19.88 -8.68
N GLY D 89 -28.86 18.65 -8.17
CA GLY D 89 -30.17 18.07 -7.86
C GLY D 89 -30.99 17.67 -9.08
N PHE D 90 -30.31 17.42 -10.20
CA PHE D 90 -30.95 16.80 -11.34
C PHE D 90 -30.12 15.60 -11.79
N ASP D 91 -30.73 14.68 -12.54
CA ASP D 91 -29.96 13.66 -13.24
C ASP D 91 -29.59 14.24 -14.60
N PRO D 92 -28.30 14.56 -14.81
CA PRO D 92 -27.93 15.24 -16.05
C PRO D 92 -28.29 14.43 -17.30
N PHE D 93 -28.37 13.11 -17.14
CA PHE D 93 -28.55 12.27 -18.31
C PHE D 93 -29.99 12.13 -18.81
N ASP D 94 -30.95 12.72 -18.09
CA ASP D 94 -32.31 12.80 -18.61
C ASP D 94 -32.40 13.76 -19.79
N ASP D 95 -31.54 14.78 -19.82
CA ASP D 95 -31.61 15.85 -20.82
C ASP D 95 -30.36 16.02 -21.66
N LEU D 96 -29.23 15.53 -21.15
CA LEU D 96 -27.95 15.64 -21.83
C LEU D 96 -27.52 14.25 -22.28
N ALA D 97 -27.28 14.09 -23.59
CA ALA D 97 -26.86 12.80 -24.16
C ALA D 97 -25.35 12.68 -24.07
N VAL D 98 -24.89 11.81 -23.16
CA VAL D 98 -23.47 11.62 -22.91
C VAL D 98 -23.15 10.14 -23.14
N ILE D 99 -22.11 9.88 -23.91
CA ILE D 99 -21.65 8.51 -24.11
C ILE D 99 -20.19 8.36 -23.73
N ASP D 100 -19.80 7.10 -23.54
CA ASP D 100 -18.38 6.76 -23.34
C ASP D 100 -17.91 6.06 -24.62
N TYR D 101 -17.04 6.74 -25.36
CA TYR D 101 -16.50 6.32 -26.65
C TYR D 101 -15.45 5.21 -26.51
N GLY D 102 -14.96 5.00 -25.29
CA GLY D 102 -13.74 4.21 -25.09
C GLY D 102 -12.55 5.13 -25.22
N ASP D 103 -11.47 4.60 -25.78
CA ASP D 103 -10.18 5.28 -25.80
C ASP D 103 -9.67 5.56 -27.18
N CYS D 104 -8.83 6.57 -27.27
CA CYS D 104 -8.03 6.83 -28.46
C CYS D 104 -6.94 5.77 -28.53
N TRP D 105 -7.00 4.90 -29.54
CA TRP D 105 -5.89 4.00 -29.78
C TRP D 105 -4.70 4.73 -30.36
N PHE D 106 -3.50 4.31 -29.98
CA PHE D 106 -2.31 4.80 -30.66
C PHE D 106 -1.20 3.76 -30.53
N ASP D 107 -0.23 3.84 -31.44
CA ASP D 107 0.90 2.93 -31.46
C ASP D 107 2.01 3.56 -30.62
N ALA D 108 2.07 3.18 -29.36
CA ALA D 108 3.01 3.82 -28.41
C ALA D 108 4.45 3.59 -28.83
N HIS D 109 4.70 2.53 -29.60
CA HIS D 109 6.06 2.15 -29.97
C HIS D 109 6.57 2.95 -31.14
N HIS D 110 5.68 3.76 -31.73
CA HIS D 110 6.02 4.82 -32.69
C HIS D 110 5.58 6.16 -32.16
N PRO D 111 6.34 6.72 -31.20
CA PRO D 111 5.84 7.88 -30.46
C PRO D 111 5.58 9.13 -31.29
N LEU D 112 6.25 9.26 -32.44
CA LEU D 112 5.99 10.40 -33.34
C LEU D 112 4.59 10.35 -33.96
N SER D 113 3.97 9.16 -33.92
CA SER D 113 2.62 8.98 -34.48
C SER D 113 1.50 9.41 -33.50
N ILE D 114 1.85 9.70 -32.25
CA ILE D 114 0.85 9.90 -31.21
C ILE D 114 0.10 11.23 -31.37
N LYS D 115 0.84 12.31 -31.59
CA LYS D 115 0.21 13.62 -31.83
C LYS D 115 -0.85 13.55 -32.97
N PRO D 116 -0.48 13.04 -34.17
CA PRO D 116 -1.53 13.00 -35.20
C PRO D 116 -2.67 12.03 -34.86
N ALA D 117 -2.39 10.94 -34.13
CA ALA D 117 -3.47 10.04 -33.69
C ALA D 117 -4.51 10.78 -32.82
N ILE D 118 -4.03 11.60 -31.89
CA ILE D 118 -4.94 12.32 -30.99
C ILE D 118 -5.70 13.43 -31.76
N VAL D 119 -4.99 14.15 -32.63
CA VAL D 119 -5.68 15.15 -33.46
C VAL D 119 -6.82 14.48 -34.27
N GLU D 120 -6.56 13.31 -34.83
CA GLU D 120 -7.57 12.63 -35.65
C GLU D 120 -8.76 12.10 -34.82
N HIS D 121 -8.44 11.61 -33.63
CA HIS D 121 -9.47 11.18 -32.68
C HIS D 121 -10.41 12.35 -32.38
N ALA D 122 -9.83 13.51 -32.07
CA ALA D 122 -10.65 14.68 -31.76
C ALA D 122 -11.40 15.19 -33.01
N ARG D 123 -10.73 15.22 -34.16
CA ARG D 123 -11.37 15.65 -35.43
CA ARG D 123 -11.38 15.67 -35.40
C ARG D 123 -12.64 14.85 -35.68
N THR D 124 -12.52 13.53 -35.54
CA THR D 124 -13.62 12.60 -35.78
C THR D 124 -14.81 12.90 -34.89
N ILE D 125 -14.53 13.04 -33.59
CA ILE D 125 -15.58 13.35 -32.61
C ILE D 125 -16.19 14.72 -32.86
N LEU D 126 -15.34 15.72 -33.11
CA LEU D 126 -15.84 17.08 -33.30
C LEU D 126 -16.72 17.24 -34.56
N GLN D 127 -16.56 16.35 -35.54
CA GLN D 127 -17.41 16.36 -36.74
C GLN D 127 -18.90 16.14 -36.40
N SER D 128 -19.16 15.46 -35.29
CA SER D 128 -20.51 15.20 -34.78
C SER D 128 -21.15 16.41 -34.08
N ASP D 129 -20.39 17.46 -33.82
CA ASP D 129 -20.84 18.58 -32.96
C ASP D 129 -21.04 18.23 -31.47
N ALA D 130 -20.74 17.00 -31.03
CA ALA D 130 -20.67 16.73 -29.59
C ALA D 130 -19.50 17.51 -29.01
N ARG D 131 -19.60 17.85 -27.73
CA ARG D 131 -18.44 18.31 -26.93
C ARG D 131 -17.57 17.11 -26.56
N MET D 132 -16.27 17.35 -26.39
CA MET D 132 -15.34 16.35 -25.85
C MET D 132 -15.02 16.64 -24.40
N LEU D 133 -15.22 15.62 -23.55
CA LEU D 133 -14.70 15.62 -22.19
C LEU D 133 -13.68 14.48 -22.16
N THR D 134 -12.39 14.82 -22.15
CA THR D 134 -11.36 13.81 -22.36
C THR D 134 -10.63 13.50 -21.05
N LEU D 135 -10.42 12.21 -20.77
CA LEU D 135 -9.69 11.75 -19.57
C LEU D 135 -8.27 11.36 -19.98
N GLY D 136 -7.29 11.95 -19.29
CA GLY D 136 -5.90 11.62 -19.50
C GLY D 136 -5.46 10.47 -18.57
N GLY D 137 -4.23 9.99 -18.72
CA GLY D 137 -3.26 10.52 -19.69
C GLY D 137 -2.50 11.71 -19.16
N ASP D 138 -1.27 11.87 -19.63
CA ASP D 138 -0.46 13.01 -19.25
C ASP D 138 -0.89 14.28 -19.98
N HIS D 139 -0.43 15.42 -19.49
CA HIS D 139 -0.94 16.69 -19.98
C HIS D 139 -0.62 17.00 -21.43
N TYR D 140 0.35 16.29 -22.01
CA TYR D 140 0.69 16.54 -23.41
C TYR D 140 -0.55 16.37 -24.27
N ILE D 141 -1.49 15.52 -23.84
CA ILE D 141 -2.66 15.23 -24.71
C ILE D 141 -3.44 16.51 -25.06
N THR D 142 -3.34 17.52 -24.19
CA THR D 142 -4.12 18.74 -24.41
C THR D 142 -3.68 19.54 -25.64
N TYR D 143 -2.40 19.43 -26.03
CA TYR D 143 -1.92 20.16 -27.18
C TYR D 143 -2.60 19.70 -28.49
N PRO D 144 -2.52 18.39 -28.86
CA PRO D 144 -3.29 17.94 -30.04
C PRO D 144 -4.81 18.14 -29.86
N LEU D 145 -5.35 18.00 -28.65
CA LEU D 145 -6.77 18.32 -28.44
C LEU D 145 -7.07 19.79 -28.81
N LEU D 146 -6.19 20.71 -28.39
CA LEU D 146 -6.36 22.12 -28.75
C LEU D 146 -6.26 22.38 -30.24
N ILE D 147 -5.37 21.68 -30.94
CA ILE D 147 -5.24 21.80 -32.39
C ILE D 147 -6.60 21.52 -33.04
N ALA D 148 -7.20 20.38 -32.68
CA ALA D 148 -8.50 19.99 -33.25
C ALA D 148 -9.61 20.96 -32.85
N HIS D 149 -9.62 21.43 -31.60
CA HIS D 149 -10.63 22.35 -31.15
C HIS D 149 -10.54 23.68 -31.82
N ALA D 150 -9.30 24.15 -32.05
CA ALA D 150 -9.12 25.44 -32.72
C ALA D 150 -9.62 25.36 -34.17
N GLN D 151 -9.50 24.18 -34.79
CA GLN D 151 -10.04 23.98 -36.13
C GLN D 151 -11.54 24.24 -36.15
N LYS D 152 -12.24 23.75 -35.13
CA LYS D 152 -13.70 23.80 -35.13
C LYS D 152 -14.21 25.15 -34.63
N TYR D 153 -13.61 25.61 -33.54
CA TYR D 153 -14.12 26.75 -32.80
C TYR D 153 -13.39 28.07 -33.06
N GLY D 154 -12.34 28.02 -33.88
CA GLY D 154 -11.54 29.20 -34.21
C GLY D 154 -10.38 29.41 -33.25
N LYS D 155 -9.47 30.30 -33.62
CA LYS D 155 -8.35 30.63 -32.74
C LYS D 155 -8.07 32.14 -32.75
N PRO D 156 -7.49 32.68 -31.66
CA PRO D 156 -7.05 31.98 -30.47
C PRO D 156 -8.18 31.70 -29.48
N LEU D 157 -8.07 30.58 -28.78
CA LEU D 157 -9.03 30.20 -27.78
C LEU D 157 -8.61 30.73 -26.39
N SER D 158 -9.58 30.91 -25.50
CA SER D 158 -9.26 31.14 -24.09
C SER D 158 -8.98 29.79 -23.43
N LEU D 159 -7.91 29.70 -22.65
CA LEU D 159 -7.62 28.48 -21.89
C LEU D 159 -7.83 28.74 -20.39
N ILE D 160 -8.62 27.88 -19.75
CA ILE D 160 -8.72 27.83 -18.28
C ILE D 160 -7.96 26.58 -17.85
N HIS D 161 -6.82 26.79 -17.17
CA HIS D 161 -5.82 25.75 -16.93
C HIS D 161 -5.60 25.63 -15.43
N PHE D 162 -6.05 24.51 -14.83
CA PHE D 162 -5.78 24.24 -13.41
C PHE D 162 -4.57 23.31 -13.33
N ASP D 163 -3.55 23.70 -12.57
CA ASP D 163 -2.28 22.93 -12.59
C ASP D 163 -1.32 23.52 -11.58
N ALA D 164 -0.45 22.69 -11.00
CA ALA D 164 0.69 23.23 -10.23
C ALA D 164 1.75 23.80 -11.21
N HIS D 165 1.65 23.44 -12.49
CA HIS D 165 2.66 23.74 -13.53
C HIS D 165 2.10 24.54 -14.67
N CYS D 166 2.86 25.53 -15.14
CA CYS D 166 2.42 26.40 -16.25
C CYS D 166 2.50 25.67 -17.61
N ASP D 167 3.38 24.67 -17.70
CA ASP D 167 3.59 23.94 -18.96
C ASP D 167 3.91 24.82 -20.15
N THR D 168 4.57 25.95 -19.88
CA THR D 168 4.91 26.95 -20.89
C THR D 168 6.42 27.19 -20.91
N TRP D 169 7.21 26.24 -20.36
CA TRP D 169 8.66 26.37 -20.43
C TRP D 169 9.09 26.25 -21.87
N ALA D 170 10.08 27.03 -22.27
CA ALA D 170 10.52 27.12 -23.67
C ALA D 170 11.03 25.79 -24.21
N ASP D 171 10.68 25.49 -25.46
CA ASP D 171 11.12 24.27 -26.09
C ASP D 171 11.16 24.55 -27.59
N ASP D 172 12.37 24.49 -28.15
CA ASP D 172 12.63 24.88 -29.54
C ASP D 172 12.37 23.79 -30.59
N ALA D 173 12.17 22.54 -30.18
CA ALA D 173 12.02 21.45 -31.17
C ALA D 173 10.60 20.89 -31.24
N ASP D 175 8.84 18.86 -32.57
CA ASP D 175 8.49 17.45 -32.60
C ASP D 175 8.62 16.76 -31.23
N SER D 176 9.13 17.48 -30.23
CA SER D 176 9.31 16.88 -28.88
C SER D 176 8.00 16.42 -28.21
N LEU D 177 8.11 15.43 -27.32
CA LEU D 177 6.94 14.85 -26.63
C LEU D 177 7.11 15.14 -25.14
N ASN D 178 6.61 16.30 -24.73
CA ASN D 178 6.87 16.79 -23.37
C ASN D 178 5.66 17.44 -22.70
N HIS D 179 5.17 16.85 -21.60
CA HIS D 179 3.98 17.37 -20.91
C HIS D 179 4.18 18.71 -20.21
N GLY D 180 5.42 19.22 -20.26
CA GLY D 180 5.77 20.48 -19.61
C GLY D 180 6.04 21.60 -20.58
N THR D 181 5.97 21.32 -21.87
CA THR D 181 6.30 22.39 -22.82
C THR D 181 5.22 22.58 -23.91
N MET D 182 4.15 21.80 -23.86
CA MET D 182 3.12 21.86 -24.93
C MET D 182 2.32 23.16 -25.00
N PHE D 183 2.19 23.89 -23.89
CA PHE D 183 1.48 25.18 -23.91
C PHE D 183 2.32 26.35 -24.38
N TYR D 184 3.64 26.21 -24.26
CA TYR D 184 4.55 27.07 -25.00
C TYR D 184 4.29 26.89 -26.50
N LYS D 185 4.22 25.64 -26.97
CA LYS D 185 3.98 25.39 -28.40
C LYS D 185 2.60 25.92 -28.77
N ALA D 186 1.61 25.70 -27.90
CA ALA D 186 0.23 26.16 -28.13
C ALA D 186 0.15 27.69 -28.29
N VAL D 187 0.83 28.43 -27.42
CA VAL D 187 0.89 29.90 -27.55
C VAL D 187 1.61 30.33 -28.85
N LYS D 188 2.74 29.70 -29.17
CA LYS D 188 3.49 30.05 -30.39
C LYS D 188 2.68 29.74 -31.66
N ASP D 189 1.92 28.64 -31.63
CA ASP D 189 1.08 28.24 -32.75
C ASP D 189 -0.14 29.16 -32.89
N GLY D 190 -0.35 30.08 -31.96
CA GLY D 190 -1.54 30.96 -31.95
C GLY D 190 -2.85 30.26 -31.56
N LEU D 191 -2.74 29.14 -30.83
CA LEU D 191 -3.90 28.36 -30.44
C LEU D 191 -4.64 29.01 -29.27
N ILE D 192 -3.90 29.69 -28.40
CA ILE D 192 -4.51 30.29 -27.22
CA ILE D 192 -4.52 30.30 -27.23
C ILE D 192 -4.10 31.75 -27.02
N ASP D 193 -5.04 32.53 -26.47
CA ASP D 193 -4.87 33.97 -26.30
C ASP D 193 -4.41 34.18 -24.88
N PRO D 194 -3.11 34.51 -24.67
CA PRO D 194 -2.62 34.60 -23.29
C PRO D 194 -3.39 35.58 -22.40
N LYS D 195 -3.69 36.76 -22.93
CA LYS D 195 -4.38 37.79 -22.14
C LYS D 195 -5.78 37.37 -21.69
N ALA D 196 -6.43 36.49 -22.45
CA ALA D 196 -7.74 35.97 -22.09
C ALA D 196 -7.68 34.53 -21.62
N SER D 197 -6.52 34.14 -21.08
CA SER D 197 -6.33 32.80 -20.53
C SER D 197 -5.86 32.92 -19.10
N VAL D 198 -6.05 31.86 -18.32
CA VAL D 198 -5.70 31.91 -16.90
C VAL D 198 -5.22 30.55 -16.42
N GLN D 199 -4.23 30.60 -15.54
CA GLN D 199 -3.65 29.38 -14.95
C GLN D 199 -3.86 29.47 -13.45
N VAL D 200 -4.43 28.41 -12.88
CA VAL D 200 -4.95 28.44 -11.51
C VAL D 200 -4.30 27.34 -10.65
N GLY D 201 -3.73 27.72 -9.52
CA GLY D 201 -3.07 26.78 -8.61
C GLY D 201 -1.58 26.64 -8.85
N ILE D 202 -1.06 27.42 -9.80
CA ILE D 202 0.38 27.43 -10.12
C ILE D 202 1.23 27.55 -8.86
N ARG D 203 2.27 26.72 -8.81
CA ARG D 203 3.23 26.85 -7.72
C ARG D 203 4.59 26.31 -8.17
N THR D 204 4.90 26.57 -9.43
CA THR D 204 6.24 26.31 -9.92
C THR D 204 6.65 27.50 -10.77
N TRP D 205 7.97 27.67 -10.91
CA TRP D 205 8.56 28.87 -11.52
C TRP D 205 8.87 28.77 -13.00
N ASN D 206 8.49 29.82 -13.73
CA ASN D 206 8.88 30.07 -15.13
C ASN D 206 9.40 31.49 -15.23
N ASP D 207 10.53 31.65 -15.89
CA ASP D 207 11.08 32.98 -16.18
C ASP D 207 10.20 33.80 -17.13
N ASP D 208 9.36 33.11 -17.90
CA ASP D 208 8.48 33.73 -18.89
C ASP D 208 7.15 33.00 -18.98
N TYR D 209 6.15 33.50 -18.25
CA TYR D 209 4.80 32.92 -18.31
C TYR D 209 3.99 33.34 -19.55
N LEU D 210 4.64 33.99 -20.50
CA LEU D 210 4.06 34.29 -21.83
C LEU D 210 2.85 35.24 -21.80
N GLY D 211 2.75 36.04 -20.75
CA GLY D 211 1.64 36.97 -20.61
C GLY D 211 0.35 36.31 -20.16
N ILE D 212 0.39 35.01 -19.84
CA ILE D 212 -0.83 34.36 -19.36
C ILE D 212 -1.13 34.80 -17.93
N ASN D 213 -2.40 35.04 -17.60
CA ASN D 213 -2.79 35.39 -16.24
C ASN D 213 -2.57 34.22 -15.30
N VAL D 214 -1.85 34.47 -14.21
CA VAL D 214 -1.56 33.41 -13.23
C VAL D 214 -2.22 33.73 -11.88
N LEU D 215 -3.02 32.78 -11.38
CA LEU D 215 -3.57 32.87 -10.04
C LEU D 215 -2.90 31.72 -9.27
N ASP D 216 -1.82 32.02 -8.56
CA ASP D 216 -1.03 30.93 -7.95
C ASP D 216 -1.75 30.29 -6.75
N ALA D 217 -1.23 29.16 -6.29
CA ALA D 217 -1.93 28.45 -5.20
C ALA D 217 -2.10 29.39 -4.00
N ALA D 218 -1.08 30.17 -3.69
CA ALA D 218 -1.13 31.04 -2.51
C ALA D 218 -2.23 32.09 -2.69
N TRP D 219 -2.40 32.56 -3.92
CA TRP D 219 -3.42 33.56 -4.23
C TRP D 219 -4.79 32.98 -4.00
N VAL D 220 -4.99 31.73 -4.43
CA VAL D 220 -6.27 31.03 -4.23
C VAL D 220 -6.50 30.87 -2.73
N HIS D 221 -5.47 30.49 -1.99
CA HIS D 221 -5.65 30.32 -0.53
C HIS D 221 -5.96 31.61 0.15
N GLU D 222 -5.31 32.69 -0.29
CA GLU D 222 -5.46 33.99 0.36
C GLU D 222 -6.82 34.62 0.02
N HIS D 223 -7.27 34.48 -1.23
CA HIS D 223 -8.49 35.17 -1.71
C HIS D 223 -9.74 34.36 -1.69
N GLY D 224 -9.59 33.04 -1.76
CA GLY D 224 -10.72 32.12 -1.69
C GLY D 224 -11.25 31.71 -3.06
N ALA D 225 -12.03 30.63 -3.05
CA ALA D 225 -12.58 30.03 -4.26
C ALA D 225 -13.49 30.99 -5.03
N ARG D 226 -14.34 31.73 -4.30
CA ARG D 226 -15.29 32.66 -4.95
C ARG D 226 -14.54 33.77 -5.70
N ALA D 227 -13.57 34.40 -5.04
CA ALA D 227 -12.70 35.39 -5.70
C ALA D 227 -11.97 34.84 -6.93
N THR D 228 -11.48 33.61 -6.81
CA THR D 228 -10.78 32.94 -7.92
C THR D 228 -11.71 32.70 -9.07
N LEU D 229 -12.88 32.14 -8.79
CA LEU D 229 -13.90 31.96 -9.82
C LEU D 229 -14.22 33.28 -10.56
N GLU D 230 -14.41 34.35 -9.80
CA GLU D 230 -14.86 35.62 -10.41
C GLU D 230 -13.75 36.20 -11.26
N ARG D 231 -12.48 35.97 -10.85
CA ARG D 231 -11.36 36.47 -11.62
C ARG D 231 -11.24 35.68 -12.92
N ILE D 232 -11.44 34.36 -12.84
CA ILE D 232 -11.46 33.55 -14.07
C ILE D 232 -12.52 34.05 -15.07
N GLU D 233 -13.73 34.26 -14.55
CA GLU D 233 -14.83 34.72 -15.38
C GLU D 233 -14.48 36.06 -16.04
N SER D 234 -13.86 36.98 -15.28
CA SER D 234 -13.51 38.30 -15.79
CA SER D 234 -13.55 38.30 -15.83
C SER D 234 -12.50 38.17 -16.94
N ILE D 235 -11.57 37.22 -16.79
CA ILE D 235 -10.50 37.05 -17.77
C ILE D 235 -11.04 36.49 -19.09
N VAL D 236 -11.91 35.48 -19.02
CA VAL D 236 -12.39 34.86 -20.26
C VAL D 236 -13.59 35.55 -20.88
N GLY D 237 -14.35 36.30 -20.08
CA GLY D 237 -15.59 36.94 -20.57
C GLY D 237 -16.46 35.94 -21.31
N GLY D 238 -16.95 36.36 -22.47
CA GLY D 238 -17.80 35.54 -23.31
C GLY D 238 -17.07 34.79 -24.42
N ARG D 239 -15.73 34.69 -24.35
CA ARG D 239 -14.95 34.05 -25.41
C ARG D 239 -15.09 32.53 -25.38
N PRO D 240 -14.90 31.86 -26.53
CA PRO D 240 -14.85 30.38 -26.47
C PRO D 240 -13.68 29.90 -25.61
N ALA D 241 -13.93 28.98 -24.70
CA ALA D 241 -12.88 28.59 -23.73
C ALA D 241 -12.74 27.09 -23.66
N TYR D 242 -11.51 26.63 -23.49
CA TYR D 242 -11.24 25.20 -23.26
C TYR D 242 -10.72 25.08 -21.84
N LEU D 243 -11.26 24.12 -21.07
CA LEU D 243 -10.86 23.96 -19.67
C LEU D 243 -10.02 22.68 -19.53
N THR D 244 -8.81 22.83 -18.99
CA THR D 244 -7.92 21.67 -18.84
C THR D 244 -7.54 21.57 -17.34
N PHE D 245 -7.87 20.43 -16.75
CA PHE D 245 -7.69 20.26 -15.31
C PHE D 245 -6.64 19.19 -15.06
N ASP D 246 -5.45 19.62 -14.67
CA ASP D 246 -4.40 18.68 -14.22
C ASP D 246 -4.66 18.44 -12.76
N ILE D 247 -4.90 17.17 -12.41
CA ILE D 247 -5.20 16.80 -11.03
C ILE D 247 -4.12 17.24 -10.02
N ASP D 248 -2.89 17.45 -10.48
CA ASP D 248 -1.82 17.93 -9.57
C ASP D 248 -2.01 19.41 -9.15
N CYS D 249 -3.02 20.07 -9.72
CA CYS D 249 -3.53 21.33 -9.13
C CYS D 249 -3.84 21.13 -7.63
N LEU D 250 -4.47 20.01 -7.32
CA LEU D 250 -4.84 19.70 -5.93
C LEU D 250 -3.58 19.35 -5.15
N ASP D 251 -3.61 19.65 -3.86
CA ASP D 251 -2.48 19.27 -3.04
C ASP D 251 -2.27 17.74 -3.03
N PRO D 252 -1.03 17.26 -2.86
CA PRO D 252 -0.78 15.82 -2.81
C PRO D 252 -1.62 15.11 -1.75
N ALA D 253 -2.05 15.81 -0.69
CA ALA D 253 -2.97 15.19 0.30
C ALA D 253 -4.29 14.73 -0.36
N PHE D 254 -4.79 15.51 -1.32
CA PHE D 254 -6.06 15.23 -2.01
C PHE D 254 -5.83 14.41 -3.29
N ALA D 255 -4.63 14.56 -3.86
CA ALA D 255 -4.32 13.93 -5.15
C ALA D 255 -2.92 13.32 -5.09
N PRO D 256 -2.75 12.25 -4.29
CA PRO D 256 -1.41 11.64 -4.21
C PRO D 256 -1.03 10.90 -5.49
N GLY D 257 -2.06 10.54 -6.26
CA GLY D 257 -1.89 9.69 -7.45
C GLY D 257 -1.59 10.49 -8.69
N THR D 258 -0.39 11.06 -8.74
CA THR D 258 -0.05 11.88 -9.88
C THR D 258 1.47 11.84 -10.06
N GLY D 259 1.94 12.20 -11.25
CA GLY D 259 3.35 12.01 -11.62
C GLY D 259 4.31 13.05 -11.08
N THR D 260 3.80 14.26 -10.85
CA THR D 260 4.63 15.39 -10.44
C THR D 260 3.95 16.13 -9.28
N PRO D 261 3.93 15.49 -8.08
CA PRO D 261 3.25 16.15 -6.95
C PRO D 261 4.02 17.33 -6.39
N VAL D 262 3.32 18.44 -6.14
CA VAL D 262 3.94 19.64 -5.59
C VAL D 262 3.15 20.09 -4.34
N ALA D 263 3.83 20.22 -3.19
CA ALA D 263 3.16 20.61 -1.95
C ALA D 263 2.52 22.00 -2.06
N GLY D 264 1.44 22.19 -1.29
CA GLY D 264 0.85 23.53 -1.08
C GLY D 264 -0.32 23.80 -2.01
N GLY D 265 -0.96 22.74 -2.52
CA GLY D 265 -2.01 22.89 -3.54
C GLY D 265 -3.42 23.13 -3.01
N LEU D 266 -4.38 23.06 -3.91
CA LEU D 266 -5.80 23.30 -3.59
C LEU D 266 -6.42 22.06 -2.94
N SER D 267 -7.45 22.28 -2.14
CA SER D 267 -8.31 21.18 -1.73
C SER D 267 -9.31 20.86 -2.86
N SER D 268 -9.91 19.66 -2.82
CA SER D 268 -11.00 19.36 -3.72
C SER D 268 -12.20 20.27 -3.48
N ALA D 269 -12.44 20.69 -2.22
CA ALA D 269 -13.55 21.63 -1.94
C ALA D 269 -13.34 22.93 -2.71
N GLN D 270 -12.11 23.45 -2.67
CA GLN D 270 -11.80 24.69 -3.42
C GLN D 270 -11.98 24.52 -4.92
N ALA D 271 -11.40 23.45 -5.46
CA ALA D 271 -11.47 23.23 -6.91
C ALA D 271 -12.90 23.05 -7.40
N LEU D 272 -13.68 22.24 -6.68
CA LEU D 272 -15.06 22.01 -7.08
C LEU D 272 -15.92 23.27 -6.93
N ALA D 273 -15.65 24.07 -5.90
CA ALA D 273 -16.40 25.31 -5.74
C ALA D 273 -16.16 26.23 -6.94
N ILE D 274 -14.93 26.21 -7.47
CA ILE D 274 -14.62 27.01 -8.67
C ILE D 274 -15.29 26.42 -9.89
N VAL D 275 -15.08 25.14 -10.14
CA VAL D 275 -15.59 24.53 -11.37
C VAL D 275 -17.11 24.65 -11.45
N ARG D 276 -17.79 24.37 -10.34
CA ARG D 276 -19.25 24.40 -10.31
C ARG D 276 -19.81 25.77 -10.62
N GLY D 277 -19.01 26.81 -10.43
CA GLY D 277 -19.47 28.18 -10.68
C GLY D 277 -19.22 28.72 -12.08
N LEU D 278 -18.64 27.92 -12.97
CA LEU D 278 -18.24 28.35 -14.30
C LEU D 278 -19.34 28.19 -15.36
N GLY D 279 -20.60 28.17 -14.91
CA GLY D 279 -21.75 27.90 -15.79
C GLY D 279 -22.03 28.91 -16.89
N GLY D 280 -21.62 30.17 -16.68
CA GLY D 280 -21.77 31.21 -17.72
C GLY D 280 -20.69 31.23 -18.80
N VAL D 281 -19.63 30.42 -18.61
CA VAL D 281 -18.51 30.38 -19.56
C VAL D 281 -18.87 29.61 -20.83
N ASN D 282 -18.41 30.09 -21.98
CA ASN D 282 -18.62 29.35 -23.21
C ASN D 282 -17.56 28.25 -23.29
N LEU D 283 -17.76 27.17 -22.54
CA LEU D 283 -16.81 26.05 -22.53
C LEU D 283 -17.05 25.17 -23.74
N ILE D 284 -16.05 25.09 -24.62
CA ILE D 284 -16.18 24.38 -25.88
C ILE D 284 -15.76 22.92 -25.74
N GLY D 285 -15.04 22.61 -24.67
CA GLY D 285 -14.43 21.29 -24.52
C GLY D 285 -13.61 21.33 -23.23
N ALA D 286 -13.28 20.14 -22.71
CA ALA D 286 -12.49 20.07 -21.48
C ALA D 286 -11.77 18.75 -21.35
N ASP D 287 -10.77 18.74 -20.47
CA ASP D 287 -10.11 17.47 -20.13
C ASP D 287 -9.68 17.45 -18.66
N VAL D 288 -9.44 16.25 -18.16
CA VAL D 288 -9.02 16.05 -16.78
C VAL D 288 -7.89 15.03 -16.87
N VAL D 289 -6.68 15.47 -16.49
CA VAL D 289 -5.46 14.75 -16.85
C VAL D 289 -4.59 14.44 -15.62
N GLU D 290 -3.63 13.53 -15.86
CA GLU D 290 -2.48 13.25 -14.96
C GLU D 290 -2.83 12.36 -13.77
N VAL D 291 -4.03 11.77 -13.77
CA VAL D 291 -4.30 10.73 -12.77
C VAL D 291 -3.41 9.50 -13.04
N ALA D 292 -2.66 9.09 -12.01
CA ALA D 292 -1.72 7.95 -12.11
C ALA D 292 -2.05 6.93 -11.01
N PRO D 293 -2.88 5.91 -11.34
CA PRO D 293 -3.46 5.11 -10.26
C PRO D 293 -2.45 4.27 -9.46
N ALA D 294 -1.29 3.98 -10.04
CA ALA D 294 -0.25 3.23 -9.27
C ALA D 294 0.16 4.04 -8.02
N TYR D 295 0.00 5.37 -8.06
CA TYR D 295 0.34 6.23 -6.92
C TYR D 295 -0.89 6.70 -6.15
N ASP D 296 -2.08 6.26 -6.56
CA ASP D 296 -3.28 6.70 -5.87
C ASP D 296 -3.42 5.90 -4.56
N GLN D 297 -4.24 6.42 -3.67
CA GLN D 297 -4.39 5.82 -2.36
C GLN D 297 -5.89 5.77 -2.12
N SER D 298 -6.42 4.54 -2.07
CA SER D 298 -7.86 4.31 -1.93
C SER D 298 -8.66 5.14 -2.93
N GLU D 299 -8.11 5.25 -4.13
CA GLU D 299 -8.72 5.93 -5.28
C GLU D 299 -9.07 7.40 -5.06
N ILE D 300 -8.51 8.04 -4.03
CA ILE D 300 -9.04 9.40 -3.75
C ILE D 300 -8.72 10.41 -4.88
N THR D 301 -7.59 10.24 -5.54
CA THR D 301 -7.22 11.12 -6.67
C THR D 301 -8.22 10.96 -7.83
N ALA D 302 -8.46 9.69 -8.17
CA ALA D 302 -9.38 9.37 -9.29
C ALA D 302 -10.81 9.80 -8.94
N ILE D 303 -11.16 9.72 -7.65
CA ILE D 303 -12.49 10.18 -7.20
C ILE D 303 -12.61 11.70 -7.41
N ALA D 304 -11.58 12.44 -7.01
CA ALA D 304 -11.61 13.88 -7.20
C ALA D 304 -11.70 14.21 -8.69
N ALA D 305 -10.95 13.50 -9.54
CA ALA D 305 -10.96 13.75 -11.01
C ALA D 305 -12.37 13.47 -11.55
N ALA D 306 -12.99 12.38 -11.08
CA ALA D 306 -14.33 12.00 -11.54
C ALA D 306 -15.36 13.07 -11.16
N HIS D 307 -15.20 13.65 -9.96
CA HIS D 307 -16.08 14.74 -9.49
C HIS D 307 -15.93 15.95 -10.40
N VAL D 308 -14.69 16.32 -10.75
CA VAL D 308 -14.49 17.44 -11.72
C VAL D 308 -15.20 17.16 -13.05
N ALA D 309 -14.99 15.97 -13.60
CA ALA D 309 -15.64 15.58 -14.83
C ALA D 309 -17.18 15.63 -14.74
N CYS D 310 -17.74 15.12 -13.64
CA CYS D 310 -19.18 15.17 -13.39
C CYS D 310 -19.68 16.61 -13.41
N ASP D 311 -18.98 17.47 -12.71
CA ASP D 311 -19.42 18.88 -12.68
C ASP D 311 -19.38 19.56 -14.03
N LEU D 312 -18.36 19.22 -14.85
CA LEU D 312 -18.27 19.72 -16.23
C LEU D 312 -19.49 19.28 -17.05
N LEU D 313 -19.87 18.01 -16.90
CA LEU D 313 -21.09 17.54 -17.53
C LEU D 313 -22.33 18.35 -17.07
N CYS D 314 -22.42 18.64 -15.79
CA CYS D 314 -23.57 19.39 -15.26
C CYS D 314 -23.60 20.82 -15.82
N LEU D 315 -22.43 21.43 -16.01
CA LEU D 315 -22.38 22.75 -16.67
C LEU D 315 -22.97 22.69 -18.07
N TRP D 316 -22.59 21.66 -18.84
CA TRP D 316 -23.18 21.51 -20.16
C TRP D 316 -24.66 21.22 -20.14
N ARG D 317 -25.12 20.45 -19.17
CA ARG D 317 -26.54 20.16 -19.08
C ARG D 317 -27.31 21.47 -18.88
N GLN D 318 -26.83 22.30 -17.96
CA GLN D 318 -27.49 23.59 -17.67
C GLN D 318 -27.56 24.49 -18.91
N ARG D 319 -26.51 24.48 -19.72
CA ARG D 319 -26.50 25.24 -20.95
C ARG D 319 -27.46 24.66 -22.01
N LYS D 320 -27.49 23.33 -22.13
CA LYS D 320 -28.39 22.70 -23.10
C LYS D 320 -29.85 23.00 -22.72
N ALA D 321 -30.13 23.00 -21.42
CA ALA D 321 -31.45 23.19 -20.85
C ALA D 321 -31.88 24.67 -20.83
N GLY D 322 -30.96 25.58 -21.13
CA GLY D 322 -31.34 26.99 -21.19
C GLY D 322 -31.32 27.65 -19.82
N ALA D 323 -30.79 26.98 -18.80
CA ALA D 323 -30.71 27.59 -17.46
C ALA D 323 -29.56 28.60 -17.40
N ARG D 324 -28.51 28.37 -18.18
CA ARG D 324 -27.39 29.29 -18.31
C ARG D 324 -26.96 29.38 -19.78
N THR E 8 -9.38 -6.32 -38.90
CA THR E 8 -9.03 -6.26 -37.43
C THR E 8 -9.25 -4.82 -36.91
N LEU E 9 -9.84 -4.71 -35.74
CA LEU E 9 -10.13 -3.41 -35.13
C LEU E 9 -9.01 -3.07 -34.17
N TYR E 10 -8.78 -1.77 -33.98
CA TYR E 10 -7.75 -1.30 -33.06
C TYR E 10 -8.42 -0.58 -31.91
N GLY E 11 -8.47 -1.25 -30.75
CA GLY E 11 -9.00 -0.66 -29.54
C GLY E 11 -10.46 -0.94 -29.28
N ASP E 12 -10.79 -1.32 -28.04
CA ASP E 12 -12.22 -1.40 -27.59
C ASP E 12 -13.03 -2.47 -28.34
N GLY E 13 -12.39 -3.61 -28.56
CA GLY E 13 -13.03 -4.70 -29.31
C GLY E 13 -14.29 -5.18 -28.62
N ALA E 14 -14.29 -5.16 -27.29
CA ALA E 14 -15.41 -5.68 -26.48
C ALA E 14 -16.73 -4.98 -26.80
N ILE E 15 -16.66 -3.74 -27.29
CA ILE E 15 -17.87 -2.99 -27.61
C ILE E 15 -17.97 -2.68 -29.11
N ARG E 16 -17.02 -3.14 -29.92
CA ARG E 16 -17.03 -2.80 -31.36
C ARG E 16 -17.13 -4.00 -32.32
N ARG E 17 -16.64 -5.17 -31.91
CA ARG E 17 -16.67 -6.32 -32.84
C ARG E 17 -18.10 -6.73 -33.15
N PRO E 18 -18.42 -6.86 -34.47
CA PRO E 18 -19.75 -7.34 -34.78
C PRO E 18 -19.90 -8.85 -34.58
N SER E 19 -18.79 -9.59 -34.62
CA SER E 19 -18.81 -11.03 -34.40
C SER E 19 -18.45 -11.37 -32.97
N VAL E 20 -19.00 -12.45 -32.44
CA VAL E 20 -18.58 -12.95 -31.12
C VAL E 20 -17.21 -13.63 -31.17
N TYR E 21 -16.77 -14.02 -32.37
CA TYR E 21 -15.46 -14.64 -32.56
C TYR E 21 -14.38 -13.63 -32.83
N GLY E 22 -13.13 -14.00 -32.52
CA GLY E 22 -11.96 -13.24 -32.91
C GLY E 22 -11.45 -12.24 -31.88
N SER E 23 -10.16 -11.90 -31.99
CA SER E 23 -9.57 -10.93 -31.08
C SER E 23 -9.35 -9.62 -31.84
N SER E 24 -9.14 -8.55 -31.08
CA SER E 24 -8.82 -7.24 -31.65
C SER E 24 -7.51 -6.75 -31.09
N ILE E 25 -6.90 -5.73 -31.70
CA ILE E 25 -5.67 -5.17 -31.17
C ILE E 25 -6.03 -4.21 -30.03
N GLU E 26 -5.39 -4.37 -28.87
CA GLU E 26 -5.64 -3.47 -27.72
C GLU E 26 -4.31 -2.98 -27.19
N ASN E 27 -4.26 -1.73 -26.74
CA ASN E 27 -3.21 -1.37 -25.78
C ASN E 27 -3.54 -1.99 -24.44
N THR E 28 -2.56 -2.69 -23.84
CA THR E 28 -2.88 -3.56 -22.69
C THR E 28 -3.40 -2.73 -21.51
N TYR E 29 -2.86 -1.51 -21.41
CA TYR E 29 -3.20 -0.53 -20.36
C TYR E 29 -4.44 0.31 -20.65
N ALA E 30 -5.20 0.00 -21.70
CA ALA E 30 -6.41 0.78 -22.00
C ALA E 30 -7.49 -0.15 -22.56
N GLY E 31 -8.59 0.45 -23.05
CA GLY E 31 -9.63 -0.31 -23.73
C GLY E 31 -10.64 -0.87 -22.75
N VAL E 32 -11.83 -1.16 -23.24
CA VAL E 32 -12.91 -1.67 -22.40
C VAL E 32 -12.46 -2.96 -21.68
N LEU E 33 -12.73 -3.01 -20.38
CA LEU E 33 -12.21 -4.09 -19.51
C LEU E 33 -13.24 -5.21 -19.26
N SER E 34 -13.75 -5.81 -20.33
CA SER E 34 -14.54 -7.05 -20.16
C SER E 34 -13.55 -8.22 -19.96
N PHE E 35 -14.05 -9.36 -19.53
CA PHE E 35 -13.12 -10.47 -19.30
C PHE E 35 -12.43 -10.92 -20.62
N MET E 36 -11.11 -10.88 -20.64
CA MET E 36 -10.28 -11.17 -21.83
C MET E 36 -10.81 -10.44 -23.08
N ARG E 37 -11.32 -9.21 -22.86
CA ARG E 37 -11.80 -8.34 -23.93
C ARG E 37 -12.97 -8.88 -24.71
N ARG E 38 -13.70 -9.87 -24.17
CA ARG E 38 -14.73 -10.52 -24.97
C ARG E 38 -15.95 -9.60 -25.10
N ASN E 39 -16.78 -9.84 -26.13
CA ASN E 39 -17.90 -8.93 -26.35
C ASN E 39 -18.79 -8.79 -25.12
N TYR E 40 -19.07 -7.54 -24.72
CA TYR E 40 -20.13 -7.30 -23.75
C TYR E 40 -21.50 -7.38 -24.42
N THR E 41 -22.32 -8.33 -23.97
CA THR E 41 -23.66 -8.51 -24.56
C THR E 41 -24.48 -9.43 -23.69
N ARG E 42 -25.80 -9.26 -23.74
CA ARG E 42 -26.76 -10.17 -23.11
C ARG E 42 -27.41 -11.11 -24.14
N ASP E 43 -26.96 -11.07 -25.39
CA ASP E 43 -27.53 -11.93 -26.44
C ASP E 43 -26.75 -13.26 -26.44
N LEU E 44 -27.44 -14.35 -26.11
CA LEU E 44 -26.78 -15.64 -25.89
C LEU E 44 -26.81 -16.57 -27.09
N ASP E 45 -27.43 -16.13 -28.18
CA ASP E 45 -27.61 -17.00 -29.33
C ASP E 45 -26.26 -17.40 -29.94
N GLY E 46 -26.02 -18.71 -30.05
CA GLY E 46 -24.78 -19.23 -30.62
C GLY E 46 -23.54 -19.07 -29.75
N VAL E 47 -23.74 -18.74 -28.47
CA VAL E 47 -22.62 -18.54 -27.56
C VAL E 47 -22.24 -19.87 -26.89
N ASP E 48 -20.94 -20.15 -26.79
CA ASP E 48 -20.41 -21.36 -26.16
C ASP E 48 -20.19 -21.21 -24.66
N VAL E 49 -19.65 -20.06 -24.24
CA VAL E 49 -19.33 -19.85 -22.83
C VAL E 49 -19.73 -18.42 -22.48
N VAL E 50 -20.43 -18.28 -21.36
CA VAL E 50 -20.80 -16.97 -20.84
C VAL E 50 -19.99 -16.72 -19.56
N VAL E 51 -19.18 -15.67 -19.59
CA VAL E 51 -18.54 -15.16 -18.39
C VAL E 51 -19.46 -14.15 -17.72
N SER E 52 -19.72 -14.34 -16.44
CA SER E 52 -20.49 -13.35 -15.69
C SER E 52 -19.92 -13.24 -14.28
N GLY E 53 -20.24 -12.15 -13.60
CA GLY E 53 -19.82 -11.99 -12.22
C GLY E 53 -21.00 -12.07 -11.27
N VAL E 54 -20.73 -12.55 -10.05
CA VAL E 54 -21.75 -12.53 -8.97
C VAL E 54 -21.08 -11.85 -7.78
N PRO E 55 -21.37 -10.53 -7.62
CA PRO E 55 -20.53 -9.69 -6.73
C PRO E 55 -21.00 -9.76 -5.24
N LEU E 56 -20.93 -10.96 -4.70
CA LEU E 56 -21.37 -11.24 -3.31
C LEU E 56 -20.26 -11.30 -2.28
N ASP E 57 -20.41 -10.62 -1.13
CA ASP E 57 -19.56 -10.98 0.01
C ASP E 57 -20.31 -11.02 1.34
N LEU E 58 -21.63 -11.07 1.28
CA LEU E 58 -22.42 -11.11 2.52
C LEU E 58 -22.33 -12.43 3.28
N ALA E 59 -21.87 -13.49 2.61
CA ALA E 59 -21.74 -14.79 3.24
C ALA E 59 -20.38 -15.06 3.91
N THR E 60 -19.46 -14.08 3.84
CA THR E 60 -18.08 -14.26 4.32
C THR E 60 -17.97 -14.32 5.84
N THR E 61 -16.97 -15.04 6.34
CA THR E 61 -16.81 -15.22 7.79
C THR E 61 -15.66 -14.41 8.37
N PHE E 62 -14.76 -13.92 7.51
CA PHE E 62 -13.65 -13.08 8.01
C PHE E 62 -13.67 -11.74 7.27
N ARG E 63 -12.69 -11.48 6.39
CA ARG E 63 -12.68 -10.18 5.70
C ARG E 63 -13.75 -10.15 4.63
N SER E 64 -14.39 -8.99 4.48
CA SER E 64 -15.24 -8.72 3.32
C SER E 64 -14.39 -8.10 2.20
N GLY E 65 -14.92 -8.07 0.98
CA GLY E 65 -14.19 -7.49 -0.13
C GLY E 65 -14.39 -8.26 -1.42
N ALA E 66 -14.84 -9.50 -1.30
CA ALA E 66 -15.06 -10.32 -2.51
C ALA E 66 -16.14 -9.77 -3.46
N ARG E 67 -16.91 -8.80 -2.99
CA ARG E 67 -17.97 -8.22 -3.84
C ARG E 67 -17.31 -7.51 -5.05
N LEU E 68 -16.06 -7.09 -4.88
CA LEU E 68 -15.33 -6.45 -5.99
C LEU E 68 -14.49 -7.43 -6.85
N GLY E 69 -14.56 -8.72 -6.48
CA GLY E 69 -13.80 -9.75 -7.22
C GLY E 69 -13.97 -9.75 -8.73
N PRO E 70 -15.22 -9.68 -9.22
CA PRO E 70 -15.36 -9.80 -10.67
C PRO E 70 -14.66 -8.67 -11.45
N SER E 71 -14.77 -7.43 -10.98
CA SER E 71 -14.12 -6.36 -11.68
C SER E 71 -12.59 -6.50 -11.59
N ALA E 72 -12.09 -7.04 -10.47
CA ALA E 72 -10.63 -7.20 -10.29
C ALA E 72 -10.12 -8.26 -11.25
N VAL E 73 -10.87 -9.35 -11.36
CA VAL E 73 -10.46 -10.42 -12.30
C VAL E 73 -10.52 -9.95 -13.77
N ARG E 74 -11.56 -9.18 -14.16
CA ARG E 74 -11.60 -8.57 -15.49
C ARG E 74 -10.38 -7.72 -15.73
N ALA E 75 -10.06 -6.84 -14.76
CA ALA E 75 -8.92 -5.93 -14.99
C ALA E 75 -7.61 -6.71 -15.11
N ALA E 76 -7.50 -7.81 -14.36
CA ALA E 76 -6.27 -8.60 -14.31
C ALA E 76 -6.12 -9.51 -15.54
N SER E 77 -7.15 -9.56 -16.38
CA SER E 77 -7.14 -10.45 -17.54
C SER E 77 -6.55 -9.80 -18.81
N VAL E 78 -6.11 -8.54 -18.74
CA VAL E 78 -5.68 -7.80 -19.96
C VAL E 78 -4.47 -8.42 -20.66
N GLN E 79 -3.46 -8.89 -19.92
CA GLN E 79 -2.30 -9.50 -20.58
C GLN E 79 -2.67 -10.82 -21.26
N LEU E 80 -3.57 -11.56 -20.64
CA LEU E 80 -3.99 -12.86 -21.21
C LEU E 80 -4.68 -12.69 -22.56
N ALA E 81 -5.29 -11.53 -22.79
CA ALA E 81 -5.90 -11.27 -24.10
C ALA E 81 -4.94 -10.90 -25.23
N GLU E 82 -3.69 -10.56 -24.88
CA GLU E 82 -2.72 -10.03 -25.84
CA GLU E 82 -2.74 -10.03 -25.85
C GLU E 82 -2.06 -11.13 -26.67
N LEU E 83 -1.88 -12.31 -26.06
CA LEU E 83 -1.14 -13.41 -26.67
C LEU E 83 -2.00 -14.66 -26.68
N ASN E 84 -1.68 -15.60 -27.55
CA ASN E 84 -2.33 -16.90 -27.39
C ASN E 84 -1.95 -17.45 -26.03
N PRO E 85 -2.92 -18.04 -25.30
CA PRO E 85 -2.56 -18.65 -24.02
C PRO E 85 -1.48 -19.73 -24.14
N TYR E 86 -0.64 -19.81 -23.10
CA TYR E 86 0.45 -20.74 -23.01
C TYR E 86 0.07 -21.90 -22.05
N PRO E 87 0.42 -23.15 -22.39
CA PRO E 87 1.18 -23.64 -23.54
C PRO E 87 0.31 -23.98 -24.73
N TRP E 88 -0.98 -23.66 -24.66
CA TRP E 88 -1.97 -24.00 -25.70
C TRP E 88 -1.57 -23.60 -27.10
N GLY E 89 -1.16 -22.35 -27.25
CA GLY E 89 -0.74 -21.85 -28.56
C GLY E 89 -1.79 -21.64 -29.62
N PHE E 90 -3.04 -21.49 -29.20
CA PHE E 90 -4.10 -21.06 -30.09
C PHE E 90 -4.80 -19.83 -29.52
N ASP E 91 -5.50 -19.08 -30.38
CA ASP E 91 -6.37 -18.02 -29.88
C ASP E 91 -7.71 -18.72 -29.65
N PRO E 92 -8.12 -18.89 -28.36
CA PRO E 92 -9.33 -19.72 -28.17
C PRO E 92 -10.56 -19.09 -28.83
N PHE E 93 -10.53 -17.79 -29.08
CA PHE E 93 -11.74 -17.09 -29.51
C PHE E 93 -11.98 -17.15 -30.99
N ASP E 94 -11.04 -17.78 -31.71
CA ASP E 94 -11.27 -18.05 -33.14
C ASP E 94 -12.34 -19.12 -33.35
N ASP E 95 -12.40 -20.07 -32.42
CA ASP E 95 -13.30 -21.21 -32.53
C ASP E 95 -14.32 -21.32 -31.41
N LEU E 96 -14.04 -20.69 -30.26
CA LEU E 96 -14.94 -20.75 -29.13
C LEU E 96 -15.60 -19.35 -28.96
N ALA E 97 -16.93 -19.32 -28.95
CA ALA E 97 -17.70 -18.07 -28.81
C ALA E 97 -17.87 -17.80 -27.32
N VAL E 98 -17.16 -16.79 -26.79
CA VAL E 98 -17.23 -16.44 -25.37
C VAL E 98 -17.66 -15.00 -25.27
N ILE E 99 -18.64 -14.71 -24.40
CA ILE E 99 -19.04 -13.32 -24.18
C ILE E 99 -18.92 -13.00 -22.70
N ASP E 100 -18.90 -11.69 -22.43
CA ASP E 100 -18.99 -11.21 -21.06
C ASP E 100 -20.38 -10.62 -20.88
N TYR E 101 -21.16 -11.29 -20.05
CA TYR E 101 -22.55 -10.97 -19.81
C TYR E 101 -22.70 -9.74 -18.90
N GLY E 102 -21.62 -9.37 -18.22
CA GLY E 102 -21.70 -8.44 -17.11
C GLY E 102 -22.03 -9.24 -15.84
N ASP E 103 -22.88 -8.70 -14.97
CA ASP E 103 -23.05 -9.28 -13.62
C ASP E 103 -24.48 -9.69 -13.32
N CYS E 104 -24.61 -10.63 -12.39
CA CYS E 104 -25.89 -10.95 -11.76
C CYS E 104 -26.26 -9.79 -10.84
N TRP E 105 -27.30 -9.05 -11.20
CA TRP E 105 -27.84 -8.05 -10.27
C TRP E 105 -28.59 -8.74 -9.14
N PHE E 106 -28.45 -8.23 -7.92
CA PHE E 106 -29.32 -8.65 -6.80
C PHE E 106 -29.52 -7.48 -5.83
N ASP E 107 -30.56 -7.57 -5.04
CA ASP E 107 -30.85 -6.56 -4.03
C ASP E 107 -30.21 -7.01 -2.73
N ALA E 108 -29.00 -6.50 -2.46
CA ALA E 108 -28.22 -6.95 -1.34
C ALA E 108 -28.91 -6.65 -0.01
N HIS E 109 -29.81 -5.67 -0.02
CA HIS E 109 -30.46 -5.16 1.18
C HIS E 109 -31.61 -6.02 1.59
N HIS E 110 -32.01 -6.96 0.71
CA HIS E 110 -32.95 -8.04 1.03
C HIS E 110 -32.22 -9.34 0.83
N PRO E 111 -31.35 -9.70 1.79
CA PRO E 111 -30.42 -10.79 1.49
C PRO E 111 -31.06 -12.16 1.29
N LEU E 112 -32.30 -12.36 1.74
CA LEU E 112 -33.00 -13.63 1.45
C LEU E 112 -33.35 -13.79 -0.03
N SER E 113 -33.30 -12.70 -0.79
CA SER E 113 -33.64 -12.74 -2.22
C SER E 113 -32.45 -13.15 -3.08
N ILE E 114 -31.29 -13.24 -2.45
CA ILE E 114 -30.05 -13.40 -3.21
C ILE E 114 -29.90 -14.79 -3.80
N LYS E 115 -30.18 -15.82 -3.01
CA LYS E 115 -30.10 -17.20 -3.55
C LYS E 115 -30.99 -17.36 -4.80
N PRO E 116 -32.30 -17.00 -4.69
CA PRO E 116 -33.13 -17.16 -5.90
C PRO E 116 -32.67 -16.29 -7.08
N ALA E 117 -32.13 -15.09 -6.83
CA ALA E 117 -31.62 -14.27 -7.92
C ALA E 117 -30.46 -14.97 -8.66
N ILE E 118 -29.57 -15.65 -7.93
CA ILE E 118 -28.44 -16.34 -8.55
C ILE E 118 -28.95 -17.57 -9.32
N VAL E 119 -29.89 -18.29 -8.73
CA VAL E 119 -30.45 -19.47 -9.41
C VAL E 119 -31.07 -19.01 -10.72
N GLU E 120 -31.80 -17.89 -10.70
CA GLU E 120 -32.49 -17.42 -11.91
C GLU E 120 -31.51 -16.92 -12.99
N HIS E 121 -30.46 -16.24 -12.54
CA HIS E 121 -29.36 -15.81 -13.41
C HIS E 121 -28.80 -17.01 -14.17
N ALA E 122 -28.46 -18.05 -13.42
CA ALA E 122 -27.93 -19.28 -14.04
C ALA E 122 -28.97 -20.00 -14.90
N ARG E 123 -30.20 -20.12 -14.41
CA ARG E 123 -31.25 -20.78 -15.21
C ARG E 123 -31.40 -20.09 -16.59
N THR E 124 -31.41 -18.75 -16.58
CA THR E 124 -31.51 -17.95 -17.80
C THR E 124 -30.38 -18.26 -18.79
N ILE E 125 -29.15 -18.24 -18.27
CA ILE E 125 -27.98 -18.52 -19.12
C ILE E 125 -28.02 -19.96 -19.63
N LEU E 126 -28.32 -20.91 -18.75
CA LEU E 126 -28.31 -22.31 -19.13
C LEU E 126 -29.38 -22.67 -20.15
N GLN E 127 -30.46 -21.89 -20.24
CA GLN E 127 -31.48 -22.09 -21.27
C GLN E 127 -30.89 -21.98 -22.69
N SER E 128 -29.79 -21.24 -22.83
CA SER E 128 -29.10 -21.05 -24.10
C SER E 128 -28.17 -22.19 -24.50
N ASP E 129 -27.97 -23.16 -23.60
CA ASP E 129 -26.89 -24.17 -23.74
C ASP E 129 -25.43 -23.69 -23.69
N ALA E 130 -25.19 -22.39 -23.53
CA ALA E 130 -23.83 -21.93 -23.20
C ALA E 130 -23.41 -22.50 -21.85
N ARG E 131 -22.11 -22.68 -21.67
CA ARG E 131 -21.54 -23.00 -20.36
C ARG E 131 -21.40 -21.69 -19.59
N MET E 132 -21.40 -21.81 -18.27
CA MET E 132 -21.13 -20.68 -17.37
C MET E 132 -19.73 -20.74 -16.80
N LEU E 133 -18.98 -19.63 -16.96
CA LEU E 133 -17.71 -19.43 -16.25
C LEU E 133 -17.99 -18.22 -15.37
N THR E 134 -18.14 -18.45 -14.06
CA THR E 134 -18.64 -17.40 -13.16
C THR E 134 -17.51 -16.89 -12.27
N LEU E 135 -17.38 -15.56 -12.19
CA LEU E 135 -16.42 -14.92 -11.32
C LEU E 135 -17.10 -14.48 -10.04
N GLY E 136 -16.55 -14.88 -8.88
CA GLY E 136 -17.02 -14.42 -7.56
C GLY E 136 -16.32 -13.15 -7.11
N GLY E 137 -16.75 -12.58 -5.98
CA GLY E 137 -17.85 -13.12 -5.16
C GLY E 137 -17.36 -14.19 -4.22
N ASP E 138 -18.02 -14.31 -3.07
CA ASP E 138 -17.65 -15.32 -2.10
C ASP E 138 -18.18 -16.70 -2.50
N HIS E 139 -17.74 -17.72 -1.79
CA HIS E 139 -17.94 -19.09 -2.25
C HIS E 139 -19.37 -19.53 -2.13
N TYR E 140 -20.15 -18.80 -1.34
CA TYR E 140 -21.59 -19.14 -1.25
C TYR E 140 -22.24 -19.23 -2.65
N ILE E 141 -21.80 -18.39 -3.60
CA ILE E 141 -22.46 -18.31 -4.90
C ILE E 141 -22.52 -19.68 -5.60
N THR E 142 -21.57 -20.55 -5.28
CA THR E 142 -21.50 -21.85 -5.97
C THR E 142 -22.71 -22.74 -5.64
N TYR E 143 -23.32 -22.54 -4.47
CA TYR E 143 -24.50 -23.34 -4.11
C TYR E 143 -25.72 -23.06 -5.03
N PRO E 144 -26.21 -21.80 -5.14
CA PRO E 144 -27.27 -21.60 -6.15
C PRO E 144 -26.83 -21.96 -7.58
N LEU E 145 -25.56 -21.76 -7.92
CA LEU E 145 -25.08 -22.09 -9.26
C LEU E 145 -25.24 -23.61 -9.47
N LEU E 146 -24.90 -24.40 -8.45
CA LEU E 146 -25.06 -25.87 -8.55
C LEU E 146 -26.54 -26.27 -8.64
N ILE E 147 -27.41 -25.56 -7.92
CA ILE E 147 -28.84 -25.83 -8.03
C ILE E 147 -29.30 -25.73 -9.48
N ALA E 148 -28.93 -24.63 -10.14
CA ALA E 148 -29.31 -24.43 -11.53
C ALA E 148 -28.61 -25.45 -12.43
N HIS E 149 -27.34 -25.76 -12.15
CA HIS E 149 -26.63 -26.76 -12.98
C HIS E 149 -27.19 -28.15 -12.86
N ALA E 150 -27.64 -28.52 -11.66
CA ALA E 150 -28.29 -29.82 -11.46
C ALA E 150 -29.61 -29.94 -12.23
N GLN E 151 -30.32 -28.83 -12.38
CA GLN E 151 -31.55 -28.80 -13.20
C GLN E 151 -31.26 -29.16 -14.65
N LYS E 152 -30.17 -28.63 -15.20
CA LYS E 152 -29.84 -28.89 -16.60
C LYS E 152 -29.11 -30.21 -16.82
N TYR E 153 -28.12 -30.53 -15.98
CA TYR E 153 -27.22 -31.63 -16.23
C TYR E 153 -27.51 -32.88 -15.39
N GLY E 154 -28.49 -32.76 -14.49
CA GLY E 154 -28.88 -33.89 -13.65
C GLY E 154 -28.13 -33.90 -12.34
N LYS E 155 -28.50 -34.80 -11.46
CA LYS E 155 -27.84 -34.93 -10.17
C LYS E 155 -27.70 -36.41 -9.80
N PRO E 156 -26.70 -36.77 -8.97
CA PRO E 156 -25.73 -35.86 -8.36
C PRO E 156 -24.54 -35.57 -9.27
N LEU E 157 -24.05 -34.33 -9.21
CA LEU E 157 -22.89 -33.90 -9.99
C LEU E 157 -21.59 -34.26 -9.27
N SER E 158 -20.52 -34.37 -10.03
CA SER E 158 -19.16 -34.43 -9.44
C SER E 158 -18.65 -33.02 -9.21
N LEU E 159 -18.15 -32.77 -8.00
CA LEU E 159 -17.53 -31.45 -7.69
C LEU E 159 -16.02 -31.58 -7.65
N ILE E 160 -15.33 -30.70 -8.37
CA ILE E 160 -13.88 -30.59 -8.30
C ILE E 160 -13.63 -29.24 -7.65
N HIS E 161 -13.13 -29.28 -6.43
CA HIS E 161 -13.17 -28.10 -5.54
C HIS E 161 -11.78 -27.78 -5.06
N PHE E 162 -11.22 -26.65 -5.52
CA PHE E 162 -9.89 -26.19 -5.05
C PHE E 162 -10.09 -25.17 -3.95
N ASP E 163 -9.48 -25.38 -2.79
CA ASP E 163 -9.80 -24.52 -1.63
C ASP E 163 -8.91 -24.93 -0.48
N ALA E 164 -8.58 -23.98 0.41
CA ALA E 164 -8.01 -24.34 1.72
C ALA E 164 -9.05 -24.93 2.66
N HIS E 165 -10.34 -24.67 2.32
CA HIS E 165 -11.50 -24.98 3.18
C HIS E 165 -12.46 -25.94 2.50
N CYS E 166 -12.97 -26.91 3.27
CA CYS E 166 -13.92 -27.90 2.71
C CYS E 166 -15.33 -27.29 2.46
N ASP E 167 -15.68 -26.27 3.24
CA ASP E 167 -17.00 -25.63 3.19
C ASP E 167 -18.15 -26.62 3.38
N THR E 168 -17.87 -27.64 4.20
CA THR E 168 -18.87 -28.67 4.46
C THR E 168 -19.13 -28.77 5.95
N TRP E 169 -18.80 -27.71 6.68
CA TRP E 169 -19.15 -27.63 8.11
C TRP E 169 -20.66 -27.64 8.26
N ALA E 170 -21.14 -28.37 9.27
CA ALA E 170 -22.56 -28.64 9.41
C ALA E 170 -23.38 -27.37 9.66
N ASP E 171 -24.54 -27.30 9.04
CA ASP E 171 -25.41 -26.16 9.15
C ASP E 171 -26.81 -26.63 8.76
N ASP E 172 -27.68 -26.82 9.74
CA ASP E 172 -29.05 -27.25 9.45
C ASP E 172 -30.08 -26.14 9.37
N ALA E 173 -29.63 -24.89 9.28
CA ALA E 173 -30.54 -23.79 8.98
C ALA E 173 -30.51 -23.52 7.49
N PRO E 174 -31.63 -23.80 6.79
CA PRO E 174 -31.64 -23.83 5.31
C PRO E 174 -31.32 -22.47 4.68
N ASP E 175 -32.00 -21.42 5.17
CA ASP E 175 -31.90 -20.09 4.60
C ASP E 175 -30.61 -19.33 5.01
N SER E 176 -29.67 -20.00 5.69
CA SER E 176 -28.43 -19.32 6.12
C SER E 176 -27.57 -18.91 4.91
N LEU E 177 -26.76 -17.86 5.09
CA LEU E 177 -25.94 -17.29 4.04
C LEU E 177 -24.49 -17.38 4.52
N ASN E 178 -23.85 -18.52 4.25
CA ASN E 178 -22.53 -18.81 4.82
C ASN E 178 -21.64 -19.50 3.79
N HIS E 179 -20.53 -18.84 3.41
CA HIS E 179 -19.62 -19.40 2.43
C HIS E 179 -18.85 -20.61 2.90
N GLY E 180 -19.06 -21.02 4.16
CA GLY E 180 -18.33 -22.16 4.75
C GLY E 180 -19.21 -23.39 5.00
N THR E 181 -20.49 -23.26 4.68
CA THR E 181 -21.42 -24.37 4.90
C THR E 181 -22.27 -24.77 3.69
N MET E 182 -22.13 -24.06 2.56
CA MET E 182 -23.04 -24.31 1.42
C MET E 182 -22.83 -25.68 0.75
N PHE E 183 -21.62 -26.24 0.87
CA PHE E 183 -21.40 -27.59 0.31
C PHE E 183 -21.88 -28.72 1.21
N TYR E 184 -22.01 -28.43 2.51
CA TYR E 184 -22.78 -29.32 3.38
C TYR E 184 -24.21 -29.35 2.86
N LYS E 185 -24.79 -28.18 2.59
CA LYS E 185 -26.15 -28.11 2.05
C LYS E 185 -26.22 -28.82 0.69
N ALA E 186 -25.21 -28.58 -0.16
CA ALA E 186 -25.16 -29.23 -1.48
C ALA E 186 -25.18 -30.77 -1.40
N VAL E 187 -24.44 -31.36 -0.45
CA VAL E 187 -24.42 -32.81 -0.27
C VAL E 187 -25.80 -33.27 0.25
N LYS E 188 -26.31 -32.56 1.26
CA LYS E 188 -27.63 -32.92 1.81
C LYS E 188 -28.78 -32.83 0.79
N ASP E 189 -28.71 -31.85 -0.10
CA ASP E 189 -29.72 -31.67 -1.14
C ASP E 189 -29.56 -32.71 -2.26
N GLY E 190 -28.50 -33.52 -2.22
CA GLY E 190 -28.23 -34.48 -3.29
C GLY E 190 -27.69 -33.85 -4.58
N LEU E 191 -27.15 -32.62 -4.49
CA LEU E 191 -26.63 -31.94 -5.69
C LEU E 191 -25.30 -32.52 -6.15
N ILE E 192 -24.50 -32.99 -5.20
CA ILE E 192 -23.16 -33.51 -5.50
C ILE E 192 -22.94 -34.86 -4.82
N ASP E 193 -22.18 -35.70 -5.49
CA ASP E 193 -21.91 -37.07 -5.04
C ASP E 193 -20.56 -37.07 -4.36
N PRO E 194 -20.53 -37.26 -3.01
CA PRO E 194 -19.22 -37.14 -2.35
C PRO E 194 -18.15 -38.15 -2.84
N LYS E 195 -18.54 -39.40 -3.05
CA LYS E 195 -17.59 -40.44 -3.53
C LYS E 195 -16.93 -40.09 -4.88
N ALA E 196 -17.65 -39.34 -5.72
CA ALA E 196 -17.12 -38.95 -7.03
C ALA E 196 -16.77 -37.45 -7.08
N SER E 197 -16.49 -36.88 -5.90
CA SER E 197 -16.07 -35.45 -5.78
C SER E 197 -14.72 -35.40 -5.10
N VAL E 198 -14.02 -34.28 -5.26
CA VAL E 198 -12.67 -34.19 -4.75
C VAL E 198 -12.37 -32.75 -4.35
N GLN E 199 -11.69 -32.63 -3.21
CA GLN E 199 -11.30 -31.32 -2.68
C GLN E 199 -9.79 -31.28 -2.66
N VAL E 200 -9.24 -30.19 -3.18
CA VAL E 200 -7.80 -30.12 -3.46
C VAL E 200 -7.17 -28.89 -2.81
N GLY E 201 -6.13 -29.10 -1.99
CA GLY E 201 -5.43 -28.00 -1.31
C GLY E 201 -5.92 -27.74 0.09
N ILE E 202 -6.83 -28.60 0.56
CA ILE E 202 -7.45 -28.46 1.88
C ILE E 202 -6.38 -28.38 2.98
N ARG E 203 -6.57 -27.46 3.94
CA ARG E 203 -5.62 -27.37 5.04
C ARG E 203 -6.32 -26.76 6.25
N THR E 204 -7.60 -27.10 6.37
CA THR E 204 -8.38 -26.76 7.55
C THR E 204 -9.21 -27.99 7.96
N TRP E 205 -9.58 -28.04 9.21
CA TRP E 205 -10.15 -29.24 9.82
C TRP E 205 -11.67 -29.27 9.86
N ASN E 206 -12.22 -30.42 9.46
CA ASN E 206 -13.65 -30.75 9.69
C ASN E 206 -13.70 -32.11 10.37
N ASP E 207 -14.55 -32.24 11.39
CA ASP E 207 -14.79 -33.56 12.03
C ASP E 207 -15.51 -34.52 11.08
N ASP E 208 -16.19 -33.97 10.08
CA ASP E 208 -16.93 -34.76 9.11
C ASP E 208 -16.85 -34.20 7.69
N TYR E 209 -15.92 -34.73 6.90
CA TYR E 209 -15.78 -34.29 5.50
C TYR E 209 -16.85 -34.89 4.56
N LEU E 210 -17.81 -35.61 5.14
CA LEU E 210 -18.98 -36.16 4.38
C LEU E 210 -18.61 -37.21 3.32
N GLY E 211 -17.45 -37.86 3.48
CA GLY E 211 -17.01 -38.87 2.50
C GLY E 211 -16.49 -38.32 1.18
N ILE E 212 -16.35 -37.00 1.09
CA ILE E 212 -15.72 -36.40 -0.08
C ILE E 212 -14.23 -36.71 -0.04
N ASN E 213 -13.65 -37.02 -1.21
CA ASN E 213 -12.21 -37.30 -1.28
C ASN E 213 -11.42 -36.05 -1.07
N VAL E 214 -10.43 -36.09 -0.19
CA VAL E 214 -9.62 -34.88 0.13
C VAL E 214 -8.16 -35.13 -0.23
N LEU E 215 -7.59 -34.24 -1.04
CA LEU E 215 -6.17 -34.22 -1.33
C LEU E 215 -5.67 -32.93 -0.71
N ASP E 216 -5.14 -33.04 0.49
CA ASP E 216 -4.79 -31.83 1.22
C ASP E 216 -3.54 -31.16 0.65
N ALA E 217 -3.26 -29.93 1.11
CA ALA E 217 -2.13 -29.18 0.54
C ALA E 217 -0.84 -30.00 0.71
N ALA E 218 -0.65 -30.62 1.88
CA ALA E 218 0.56 -31.41 2.12
C ALA E 218 0.64 -32.57 1.13
N TRP E 219 -0.50 -33.19 0.85
CA TRP E 219 -0.53 -34.28 -0.16
C TRP E 219 -0.09 -33.79 -1.54
N VAL E 220 -0.58 -32.63 -1.95
CA VAL E 220 -0.23 -32.10 -3.26
C VAL E 220 1.27 -31.77 -3.30
N HIS E 221 1.79 -31.16 -2.23
CA HIS E 221 3.24 -30.86 -2.16
C HIS E 221 4.09 -32.10 -2.24
N GLU E 222 3.63 -33.16 -1.58
CA GLU E 222 4.40 -34.43 -1.50
C GLU E 222 4.40 -35.21 -2.82
N HIS E 223 3.23 -35.29 -3.45
CA HIS E 223 3.01 -36.14 -4.63
C HIS E 223 3.10 -35.43 -5.95
N GLY E 224 2.88 -34.12 -5.97
CA GLY E 224 3.06 -33.33 -7.20
C GLY E 224 1.78 -33.12 -8.03
N ALA E 225 1.86 -32.17 -8.97
CA ALA E 225 0.73 -31.82 -9.84
C ALA E 225 0.22 -32.97 -10.72
N ARG E 226 1.12 -33.73 -11.35
CA ARG E 226 0.66 -34.81 -12.24
C ARG E 226 -0.13 -35.84 -11.45
N ALA E 227 0.42 -36.23 -10.29
CA ALA E 227 -0.26 -37.22 -9.46
C ALA E 227 -1.63 -36.70 -9.01
N THR E 228 -1.70 -35.41 -8.68
CA THR E 228 -2.96 -34.81 -8.24
C THR E 228 -3.99 -34.84 -9.37
N LEU E 229 -3.56 -34.40 -10.54
CA LEU E 229 -4.39 -34.39 -11.73
C LEU E 229 -4.95 -35.80 -12.02
N GLU E 230 -4.09 -36.80 -11.94
CA GLU E 230 -4.50 -38.16 -12.29
C GLU E 230 -5.46 -38.70 -11.24
N ARG E 231 -5.26 -38.31 -9.99
CA ARG E 231 -6.19 -38.76 -8.95
C ARG E 231 -7.57 -38.10 -9.15
N ILE E 232 -7.57 -36.80 -9.46
CA ILE E 232 -8.83 -36.14 -9.79
C ILE E 232 -9.58 -36.83 -10.95
N GLU E 233 -8.85 -37.14 -12.02
CA GLU E 233 -9.45 -37.84 -13.17
C GLU E 233 -10.02 -39.18 -12.76
N SER E 234 -9.30 -39.93 -11.94
CA SER E 234 -9.76 -41.23 -11.44
C SER E 234 -11.08 -41.14 -10.68
N ILE E 235 -11.18 -40.11 -9.83
CA ILE E 235 -12.33 -39.95 -8.95
C ILE E 235 -13.58 -39.55 -9.75
N VAL E 236 -13.44 -38.62 -10.70
CA VAL E 236 -14.63 -38.14 -11.43
C VAL E 236 -14.98 -38.97 -12.68
N GLY E 237 -13.97 -39.63 -13.25
CA GLY E 237 -14.19 -40.42 -14.46
C GLY E 237 -14.87 -39.60 -15.55
N GLY E 238 -15.92 -40.17 -16.14
CA GLY E 238 -16.64 -39.49 -17.19
C GLY E 238 -17.87 -38.71 -16.72
N ARG E 239 -18.04 -38.56 -15.42
CA ARG E 239 -19.24 -37.90 -14.87
C ARG E 239 -19.29 -36.42 -15.15
N PRO E 240 -20.50 -35.88 -15.35
CA PRO E 240 -20.67 -34.42 -15.39
C PRO E 240 -20.08 -33.76 -14.14
N ALA E 241 -19.16 -32.82 -14.35
CA ALA E 241 -18.41 -32.24 -13.22
C ALA E 241 -18.45 -30.73 -13.23
N TYR E 242 -18.53 -30.14 -12.05
CA TYR E 242 -18.50 -28.69 -11.92
C TYR E 242 -17.21 -28.38 -11.19
N LEU E 243 -16.41 -27.44 -11.72
CA LEU E 243 -15.17 -27.09 -11.08
C LEU E 243 -15.29 -25.73 -10.41
N THR E 244 -14.98 -25.72 -9.12
CA THR E 244 -15.06 -24.49 -8.33
C THR E 244 -13.70 -24.19 -7.72
N PHE E 245 -13.15 -23.05 -8.09
CA PHE E 245 -11.79 -22.69 -7.67
C PHE E 245 -11.82 -21.51 -6.69
N ASP E 246 -11.58 -21.77 -5.42
CA ASP E 246 -11.47 -20.72 -4.38
C ASP E 246 -10.01 -20.31 -4.44
N ILE E 247 -9.76 -19.03 -4.73
CA ILE E 247 -8.38 -18.56 -4.89
C ILE E 247 -7.51 -18.80 -3.63
N ASP E 248 -8.14 -18.92 -2.47
CA ASP E 248 -7.41 -19.21 -1.24
C ASP E 248 -6.82 -20.64 -1.17
N CYS E 249 -7.12 -21.48 -2.18
CA CYS E 249 -6.34 -22.68 -2.42
C CYS E 249 -4.84 -22.33 -2.48
N LEU E 250 -4.53 -21.21 -3.13
CA LEU E 250 -3.14 -20.82 -3.29
C LEU E 250 -2.64 -20.28 -1.98
N ASP E 251 -1.35 -20.46 -1.72
CA ASP E 251 -0.75 -19.87 -0.54
C ASP E 251 -0.98 -18.35 -0.54
N PRO E 252 -1.15 -17.76 0.63
CA PRO E 252 -1.21 -16.27 0.74
C PRO E 252 -0.08 -15.50 0.03
N ALA E 253 1.10 -16.09 -0.11
CA ALA E 253 2.18 -15.47 -0.94
C ALA E 253 1.72 -15.21 -2.40
N PHE E 254 0.96 -16.14 -2.97
CA PHE E 254 0.51 -16.06 -4.35
C PHE E 254 -0.87 -15.39 -4.41
N ALA E 255 -1.62 -15.50 -3.32
CA ALA E 255 -3.00 -14.99 -3.31
C ALA E 255 -3.27 -14.25 -2.00
N PRO E 256 -2.63 -13.09 -1.82
CA PRO E 256 -2.86 -12.30 -0.60
C PRO E 256 -4.27 -11.71 -0.55
N GLY E 257 -4.88 -11.55 -1.73
CA GLY E 257 -6.14 -10.82 -1.88
C GLY E 257 -7.35 -11.70 -1.70
N THR E 258 -7.54 -12.18 -0.47
CA THR E 258 -8.65 -13.08 -0.22
C THR E 258 -9.09 -12.89 1.27
N GLY E 259 -10.30 -13.32 1.57
CA GLY E 259 -10.93 -13.06 2.87
C GLY E 259 -10.46 -13.97 4.00
N THR E 260 -10.07 -15.19 3.64
CA THR E 260 -9.69 -16.20 4.65
C THR E 260 -8.36 -16.86 4.27
N PRO E 261 -7.26 -16.14 4.41
CA PRO E 261 -5.95 -16.70 4.04
C PRO E 261 -5.41 -17.73 5.05
N VAL E 262 -4.87 -18.82 4.52
CA VAL E 262 -4.36 -19.90 5.36
C VAL E 262 -2.97 -20.30 4.82
N ALA E 263 -1.96 -20.21 5.69
CA ALA E 263 -0.57 -20.53 5.30
C ALA E 263 -0.44 -21.99 4.83
N GLY E 264 0.53 -22.20 3.94
CA GLY E 264 0.92 -23.56 3.53
C GLY E 264 0.28 -24.04 2.27
N GLY E 265 -0.19 -23.13 1.43
CA GLY E 265 -0.97 -23.49 0.25
C GLY E 265 -0.18 -23.80 -1.02
N LEU E 266 -0.91 -23.88 -2.13
CA LEU E 266 -0.35 -24.22 -3.44
C LEU E 266 0.26 -22.98 -4.10
N SER E 267 1.23 -23.23 -4.96
CA SER E 267 1.70 -22.20 -5.86
C SER E 267 0.76 -22.07 -7.04
N SER E 268 0.84 -20.94 -7.75
CA SER E 268 0.04 -20.84 -8.94
C SER E 268 0.56 -21.84 -10.01
N ALA E 269 1.87 -22.09 -10.03
CA ALA E 269 2.44 -23.07 -10.95
C ALA E 269 1.80 -24.45 -10.73
N GLN E 270 1.66 -24.86 -9.47
CA GLN E 270 1.01 -26.17 -9.16
C GLN E 270 -0.43 -26.18 -9.61
N ALA E 271 -1.17 -25.15 -9.23
CA ALA E 271 -2.59 -25.11 -9.53
C ALA E 271 -2.86 -25.07 -11.03
N LEU E 272 -2.08 -24.28 -11.79
CA LEU E 272 -2.28 -24.21 -13.22
C LEU E 272 -1.88 -25.50 -13.92
N ALA E 273 -0.79 -26.12 -13.46
CA ALA E 273 -0.40 -27.43 -14.00
C ALA E 273 -1.55 -28.45 -13.88
N ILE E 274 -2.26 -28.41 -12.74
CA ILE E 274 -3.42 -29.31 -12.52
C ILE E 274 -4.56 -28.95 -13.43
N VAL E 275 -4.96 -27.68 -13.39
CA VAL E 275 -6.14 -27.27 -14.16
C VAL E 275 -5.92 -27.53 -15.66
N ARG E 276 -4.72 -27.20 -16.14
CA ARG E 276 -4.42 -27.37 -17.56
C ARG E 276 -4.53 -28.82 -18.04
N GLY E 277 -4.40 -29.78 -17.11
CA GLY E 277 -4.40 -31.20 -17.50
C GLY E 277 -5.80 -31.82 -17.43
N LEU E 278 -6.81 -31.03 -17.09
CA LEU E 278 -8.19 -31.55 -16.90
C LEU E 278 -9.09 -31.58 -18.16
N GLY E 279 -8.47 -31.55 -19.32
CA GLY E 279 -9.21 -31.46 -20.57
C GLY E 279 -10.12 -32.62 -20.95
N GLY E 280 -9.92 -33.79 -20.32
CA GLY E 280 -10.76 -34.97 -20.56
C GLY E 280 -11.98 -35.04 -19.66
N VAL E 281 -12.04 -34.16 -18.64
CA VAL E 281 -13.16 -34.10 -17.72
C VAL E 281 -14.39 -33.48 -18.40
N ASN E 282 -15.57 -34.03 -18.12
CA ASN E 282 -16.79 -33.48 -18.62
C ASN E 282 -17.18 -32.28 -17.78
N LEU E 283 -16.48 -31.16 -17.99
CA LEU E 283 -16.72 -29.96 -17.17
C LEU E 283 -17.94 -29.26 -17.73
N ILE E 284 -18.98 -29.17 -16.90
CA ILE E 284 -20.28 -28.65 -17.35
C ILE E 284 -20.38 -27.15 -17.04
N GLY E 285 -19.50 -26.67 -16.17
CA GLY E 285 -19.56 -25.29 -15.68
C GLY E 285 -18.43 -25.11 -14.68
N ALA E 286 -18.10 -23.86 -14.36
CA ALA E 286 -17.01 -23.59 -13.43
C ALA E 286 -17.12 -22.19 -12.85
N ASP E 287 -16.45 -21.98 -11.74
CA ASP E 287 -16.34 -20.64 -11.17
C ASP E 287 -14.96 -20.44 -10.52
N VAL E 288 -14.61 -19.16 -10.31
CA VAL E 288 -13.35 -18.77 -9.69
C VAL E 288 -13.77 -17.72 -8.71
N VAL E 289 -13.60 -18.03 -7.42
CA VAL E 289 -14.18 -17.24 -6.36
C VAL E 289 -13.19 -16.72 -5.32
N GLU E 290 -13.68 -15.77 -4.52
CA GLU E 290 -13.02 -15.25 -3.29
C GLU E 290 -11.89 -14.27 -3.53
N VAL E 291 -11.77 -13.77 -4.76
CA VAL E 291 -10.82 -12.66 -4.99
C VAL E 291 -11.37 -11.39 -4.30
N ALA E 292 -10.53 -10.75 -3.47
CA ALA E 292 -10.92 -9.57 -2.66
C ALA E 292 -9.88 -8.50 -2.93
N PRO E 293 -10.14 -7.63 -3.94
CA PRO E 293 -9.07 -6.75 -4.40
C PRO E 293 -8.53 -5.77 -3.35
N ALA E 294 -9.34 -5.44 -2.34
CA ALA E 294 -8.84 -4.54 -1.27
C ALA E 294 -7.61 -5.13 -0.54
N TYR E 295 -7.47 -6.46 -0.56
CA TYR E 295 -6.35 -7.14 0.08
C TYR E 295 -5.33 -7.62 -0.95
N ASP E 296 -5.58 -7.32 -2.22
CA ASP E 296 -4.66 -7.76 -3.26
C ASP E 296 -3.44 -6.85 -3.27
N GLN E 297 -2.36 -7.37 -3.80
CA GLN E 297 -1.07 -6.67 -3.83
C GLN E 297 -0.58 -6.72 -5.27
N SER E 298 -0.59 -5.54 -5.91
CA SER E 298 -0.20 -5.44 -7.32
C SER E 298 -0.96 -6.43 -8.22
N GLU E 299 -2.24 -6.60 -7.87
CA GLU E 299 -3.15 -7.49 -8.59
C GLU E 299 -2.74 -8.96 -8.69
N ILE E 300 -1.76 -9.43 -7.92
CA ILE E 300 -1.24 -10.79 -8.23
C ILE E 300 -2.29 -11.89 -7.99
N THR E 301 -3.20 -11.65 -7.05
CA THR E 301 -4.29 -12.60 -6.75
C THR E 301 -5.28 -12.67 -7.92
N ALA E 302 -5.68 -11.49 -8.40
CA ALA E 302 -6.61 -11.39 -9.50
C ALA E 302 -5.97 -11.94 -10.78
N ILE E 303 -4.65 -11.71 -10.93
CA ILE E 303 -3.91 -12.26 -12.09
C ILE E 303 -3.95 -13.80 -12.07
N ALA E 304 -3.67 -14.42 -10.93
CA ALA E 304 -3.72 -15.88 -10.83
C ALA E 304 -5.14 -16.39 -11.14
N ALA E 305 -6.17 -15.70 -10.60
CA ALA E 305 -7.57 -16.04 -10.88
C ALA E 305 -7.91 -15.96 -12.38
N ALA E 306 -7.44 -14.89 -13.06
CA ALA E 306 -7.69 -14.73 -14.49
C ALA E 306 -7.02 -15.85 -15.28
N HIS E 307 -5.82 -16.25 -14.86
CA HIS E 307 -5.12 -17.39 -15.48
C HIS E 307 -5.91 -18.65 -15.33
N VAL E 308 -6.49 -18.89 -14.15
CA VAL E 308 -7.34 -20.10 -13.98
C VAL E 308 -8.52 -20.05 -14.94
N ALA E 309 -9.22 -18.90 -14.97
CA ALA E 309 -10.36 -18.72 -15.87
C ALA E 309 -9.97 -18.93 -17.35
N CYS E 310 -8.83 -18.36 -17.75
CA CYS E 310 -8.32 -18.50 -19.12
C CYS E 310 -8.14 -19.99 -19.44
N ASP E 311 -7.47 -20.72 -18.54
CA ASP E 311 -7.22 -22.16 -18.78
C ASP E 311 -8.53 -22.95 -18.90
N LEU E 312 -9.52 -22.61 -18.07
CA LEU E 312 -10.85 -23.23 -18.23
C LEU E 312 -11.45 -22.95 -19.62
N LEU E 313 -11.35 -21.72 -20.11
CA LEU E 313 -11.83 -21.46 -21.46
C LEU E 313 -11.05 -22.31 -22.49
N CYS E 314 -9.75 -22.45 -22.32
CA CYS E 314 -8.95 -23.25 -23.28
C CYS E 314 -9.38 -24.72 -23.25
N LEU E 315 -9.74 -25.22 -22.07
CA LEU E 315 -10.26 -26.61 -21.98
C LEU E 315 -11.56 -26.76 -22.79
N TRP E 316 -12.45 -25.78 -22.65
CA TRP E 316 -13.67 -25.77 -23.45
C TRP E 316 -13.42 -25.58 -24.93
N ARG E 317 -12.39 -24.79 -25.30
CA ARG E 317 -12.09 -24.63 -26.73
C ARG E 317 -11.71 -25.99 -27.34
N GLN E 318 -10.85 -26.73 -26.63
CA GLN E 318 -10.41 -28.05 -27.15
C GLN E 318 -11.57 -28.98 -27.34
N ARG E 319 -12.56 -28.89 -26.45
CA ARG E 319 -13.73 -29.77 -26.55
C ARG E 319 -14.65 -29.33 -27.68
N LYS E 320 -14.87 -28.01 -27.78
CA LYS E 320 -15.62 -27.43 -28.92
C LYS E 320 -15.03 -27.85 -30.25
N ALA E 321 -13.69 -27.88 -30.34
CA ALA E 321 -12.99 -28.12 -31.62
C ALA E 321 -12.88 -29.61 -31.92
N GLY E 322 -13.34 -30.44 -30.99
CA GLY E 322 -13.35 -31.87 -31.23
C GLY E 322 -12.08 -32.58 -30.78
N ALA E 323 -11.15 -31.87 -30.16
CA ALA E 323 -9.87 -32.48 -29.75
C ALA E 323 -9.99 -33.43 -28.55
N ARG E 324 -10.92 -33.11 -27.65
CA ARG E 324 -11.07 -33.84 -26.39
C ARG E 324 -12.53 -33.95 -26.00
N THR F 8 0.27 3.02 40.60
CA THR F 8 0.26 3.02 39.10
C THR F 8 0.88 1.73 38.53
N LEU F 9 0.17 1.15 37.58
CA LEU F 9 0.57 -0.10 36.93
C LEU F 9 1.34 0.23 35.65
N TYR F 10 2.25 -0.66 35.27
CA TYR F 10 3.06 -0.52 34.05
C TYR F 10 2.69 -1.58 33.04
N GLY F 11 1.93 -1.20 32.02
CA GLY F 11 1.52 -2.10 30.93
C GLY F 11 0.21 -2.82 31.16
N ASP F 12 -0.61 -2.88 30.11
CA ASP F 12 -1.78 -3.75 30.09
C ASP F 12 -2.82 -3.36 31.14
N GLY F 13 -2.96 -2.04 31.33
CA GLY F 13 -3.93 -1.50 32.28
C GLY F 13 -5.35 -1.97 32.05
N ALA F 14 -5.71 -2.18 30.79
CA ALA F 14 -7.07 -2.61 30.40
C ALA F 14 -7.48 -3.93 31.02
N ILE F 15 -6.50 -4.77 31.34
CA ILE F 15 -6.80 -6.09 31.92
C ILE F 15 -6.27 -6.23 33.34
N ARG F 16 -5.69 -5.16 33.88
CA ARG F 16 -5.04 -5.23 35.21
C ARG F 16 -5.62 -4.29 36.27
N ARG F 17 -6.11 -3.11 35.88
CA ARG F 17 -6.59 -2.14 36.89
C ARG F 17 -7.79 -2.71 37.61
N PRO F 18 -7.74 -2.70 38.96
CA PRO F 18 -8.94 -3.14 39.68
C PRO F 18 -10.08 -2.11 39.67
N SER F 19 -9.76 -0.84 39.49
CA SER F 19 -10.75 0.23 39.49
C SER F 19 -11.08 0.61 38.06
N VAL F 20 -12.32 1.04 37.81
CA VAL F 20 -12.70 1.52 36.48
C VAL F 20 -12.15 2.92 36.20
N TYR F 21 -11.73 3.60 37.26
CA TYR F 21 -11.14 4.94 37.15
C TYR F 21 -9.63 4.91 37.02
N GLY F 22 -9.05 5.94 36.39
CA GLY F 22 -7.62 6.10 36.39
C GLY F 22 -6.96 5.56 35.13
N SER F 23 -5.81 6.13 34.81
CA SER F 23 -5.00 5.67 33.66
C SER F 23 -3.77 4.90 34.18
N SER F 24 -3.11 4.16 33.29
CA SER F 24 -1.91 3.40 33.62
C SER F 24 -0.83 3.77 32.59
N ILE F 25 0.42 3.44 32.91
CA ILE F 25 1.54 3.69 32.02
C ILE F 25 1.56 2.58 30.96
N GLU F 26 1.62 2.99 29.68
CA GLU F 26 1.69 2.03 28.58
C GLU F 26 2.80 2.46 27.64
N ASN F 27 3.49 1.48 27.05
CA ASN F 27 4.26 1.75 25.82
C ASN F 27 3.20 1.85 24.73
N THR F 28 3.29 2.92 23.94
CA THR F 28 2.21 3.25 23.02
C THR F 28 2.04 2.16 21.96
N TYR F 29 3.17 1.54 21.62
CA TYR F 29 3.27 0.47 20.59
C TYR F 29 3.02 -0.94 21.13
N ALA F 30 2.56 -1.05 22.36
CA ALA F 30 2.23 -2.36 22.91
C ALA F 30 1.03 -2.26 23.86
N GLY F 31 0.78 -3.31 24.62
CA GLY F 31 -0.32 -3.28 25.59
C GLY F 31 -1.66 -3.65 24.99
N VAL F 32 -2.56 -4.15 25.84
CA VAL F 32 -3.88 -4.55 25.39
C VAL F 32 -4.60 -3.38 24.72
N LEU F 33 -5.22 -3.66 23.58
CA LEU F 33 -5.77 -2.62 22.70
C LEU F 33 -7.27 -2.36 22.86
N SER F 34 -7.73 -2.11 24.10
CA SER F 34 -9.12 -1.64 24.28
C SER F 34 -9.15 -0.17 23.92
N PHE F 35 -10.36 0.36 23.75
CA PHE F 35 -10.50 1.75 23.38
C PHE F 35 -9.91 2.66 24.47
N MET F 36 -8.93 3.47 24.09
CA MET F 36 -8.21 4.32 25.03
C MET F 36 -7.77 3.59 26.30
N ARG F 37 -7.43 2.31 26.12
CA ARG F 37 -6.88 1.48 27.19
C ARG F 37 -7.84 1.24 28.35
N ARG F 38 -9.12 1.50 28.13
CA ARG F 38 -10.09 1.36 29.21
C ARG F 38 -10.32 -0.11 29.62
N ASN F 39 -10.78 -0.30 30.86
CA ASN F 39 -11.02 -1.67 31.35
C ASN F 39 -11.91 -2.47 30.42
N TYR F 40 -11.44 -3.67 30.05
CA TYR F 40 -12.29 -4.63 29.35
C TYR F 40 -13.16 -5.35 30.35
N THR F 41 -14.46 -5.13 30.26
CA THR F 41 -15.39 -5.75 31.22
C THR F 41 -16.82 -5.66 30.72
N ARG F 42 -17.64 -6.60 31.16
CA ARG F 42 -19.09 -6.60 30.95
C ARG F 42 -19.86 -6.18 32.22
N ASP F 43 -19.13 -5.86 33.30
CA ASP F 43 -19.77 -5.40 34.54
C ASP F 43 -20.08 -3.90 34.43
N LEU F 44 -21.36 -3.54 34.45
CA LEU F 44 -21.76 -2.17 34.18
C LEU F 44 -22.06 -1.32 35.43
N ASP F 45 -21.96 -1.94 36.61
CA ASP F 45 -22.25 -1.25 37.89
C ASP F 45 -21.35 -0.02 38.07
N GLY F 46 -21.94 1.16 38.21
CA GLY F 46 -21.19 2.39 38.42
C GLY F 46 -20.48 2.96 37.21
N VAL F 47 -20.82 2.46 36.02
CA VAL F 47 -20.15 2.94 34.79
C VAL F 47 -20.89 4.13 34.19
N ASP F 48 -20.13 5.13 33.75
CA ASP F 48 -20.73 6.33 33.12
C ASP F 48 -20.91 6.18 31.61
N VAL F 49 -19.91 5.61 30.94
CA VAL F 49 -19.95 5.44 29.48
C VAL F 49 -19.43 4.06 29.13
N VAL F 50 -20.18 3.37 28.26
CA VAL F 50 -19.77 2.07 27.74
C VAL F 50 -19.39 2.24 26.28
N VAL F 51 -18.13 1.94 25.97
CA VAL F 51 -17.68 1.89 24.57
C VAL F 51 -17.89 0.45 24.11
N SER F 52 -18.54 0.28 22.97
CA SER F 52 -18.64 -1.06 22.38
C SER F 52 -18.56 -0.96 20.86
N GLY F 53 -18.32 -2.10 20.22
CA GLY F 53 -18.28 -2.15 18.74
C GLY F 53 -19.45 -2.92 18.18
N VAL F 54 -19.92 -2.51 17.00
CA VAL F 54 -20.90 -3.33 16.28
C VAL F 54 -20.29 -3.53 14.88
N PRO F 55 -19.73 -4.72 14.62
CA PRO F 55 -18.85 -4.93 13.45
C PRO F 55 -19.66 -5.30 12.19
N LEU F 56 -20.52 -4.38 11.76
CA LEU F 56 -21.46 -4.65 10.66
C LEU F 56 -20.98 -4.00 9.36
N ASP F 57 -20.96 -4.75 8.26
CA ASP F 57 -20.91 -4.06 6.94
C ASP F 57 -21.83 -4.65 5.89
N LEU F 58 -22.80 -5.45 6.35
CA LEU F 58 -23.75 -6.03 5.40
C LEU F 58 -24.74 -5.02 4.81
N ALA F 59 -24.87 -3.83 5.41
CA ALA F 59 -25.84 -2.86 4.91
C ALA F 59 -25.22 -1.86 3.91
N THR F 60 -23.93 -2.03 3.62
CA THR F 60 -23.23 -1.07 2.76
C THR F 60 -23.65 -1.13 1.29
N THR F 61 -23.54 0.01 0.60
CA THR F 61 -23.94 0.11 -0.81
C THR F 61 -22.73 0.16 -1.76
N PHE F 62 -21.53 0.48 -1.28
CA PHE F 62 -20.35 0.45 -2.15
C PHE F 62 -19.29 -0.50 -1.60
N ARG F 63 -18.17 0.01 -1.08
CA ARG F 63 -17.14 -0.88 -0.56
C ARG F 63 -17.56 -1.47 0.76
N SER F 64 -17.26 -2.76 0.94
CA SER F 64 -17.36 -3.37 2.26
C SER F 64 -16.03 -3.21 3.03
N GLY F 65 -16.04 -3.45 4.33
CA GLY F 65 -14.85 -3.25 5.11
C GLY F 65 -15.11 -2.68 6.50
N ALA F 66 -16.26 -2.03 6.66
CA ALA F 66 -16.57 -1.39 7.96
C ALA F 66 -16.72 -2.44 9.10
N ARG F 67 -16.88 -3.73 8.76
CA ARG F 67 -16.94 -4.75 9.80
C ARG F 67 -15.69 -4.72 10.70
N LEU F 68 -14.56 -4.22 10.19
CA LEU F 68 -13.33 -4.23 10.97
C LEU F 68 -13.08 -2.85 11.63
N GLY F 69 -14.05 -1.96 11.45
CA GLY F 69 -13.98 -0.57 12.02
C GLY F 69 -13.68 -0.52 13.51
N PRO F 70 -14.41 -1.30 14.34
CA PRO F 70 -14.18 -1.15 15.79
C PRO F 70 -12.76 -1.48 16.20
N SER F 71 -12.18 -2.56 15.64
CA SER F 71 -10.80 -2.92 15.96
C SER F 71 -9.83 -1.86 15.48
N ALA F 72 -10.12 -1.24 14.32
CA ALA F 72 -9.21 -0.19 13.76
C ALA F 72 -9.21 1.01 14.65
N VAL F 73 -10.41 1.40 15.07
CA VAL F 73 -10.53 2.56 15.97
C VAL F 73 -9.84 2.31 17.31
N ARG F 74 -10.01 1.12 17.89
CA ARG F 74 -9.32 0.82 19.14
C ARG F 74 -7.81 0.93 18.96
N ALA F 75 -7.29 0.34 17.87
CA ALA F 75 -5.82 0.38 17.66
C ALA F 75 -5.34 1.82 17.47
N ALA F 76 -6.16 2.65 16.86
CA ALA F 76 -5.80 4.04 16.53
C ALA F 76 -5.95 4.97 17.74
N SER F 77 -6.46 4.45 18.83
CA SER F 77 -6.67 5.29 20.04
C SER F 77 -5.49 5.29 21.00
N VAL F 78 -4.41 4.56 20.68
CA VAL F 78 -3.27 4.40 21.60
C VAL F 78 -2.61 5.73 22.02
N GLN F 79 -2.43 6.64 21.05
CA GLN F 79 -1.79 7.90 21.37
C GLN F 79 -2.68 8.77 22.25
N LEU F 80 -3.98 8.72 22.00
CA LEU F 80 -4.95 9.49 22.81
C LEU F 80 -4.93 9.10 24.29
N ALA F 81 -4.52 7.87 24.58
CA ALA F 81 -4.47 7.42 25.98
C ALA F 81 -3.22 7.88 26.73
N GLU F 82 -2.22 8.37 26.01
CA GLU F 82 -0.91 8.66 26.59
C GLU F 82 -0.89 10.03 27.30
N LEU F 83 -1.71 10.96 26.81
CA LEU F 83 -1.70 12.33 27.32
C LEU F 83 -3.13 12.77 27.65
N ASN F 84 -3.28 13.79 28.49
CA ASN F 84 -4.61 14.36 28.67
C ASN F 84 -5.06 14.87 27.32
N PRO F 85 -6.32 14.63 26.96
CA PRO F 85 -6.82 15.17 25.69
C PRO F 85 -6.71 16.69 25.59
N TYR F 86 -6.44 17.16 24.38
CA TYR F 86 -6.29 18.57 24.04
C TYR F 86 -7.54 19.11 23.31
N PRO F 87 -8.00 20.34 23.62
CA PRO F 87 -7.45 21.31 24.58
C PRO F 87 -7.97 21.14 26.02
N TRP F 88 -8.68 20.04 26.29
CA TRP F 88 -9.39 19.83 27.58
C TRP F 88 -8.47 19.94 28.75
N GLY F 89 -7.35 19.23 28.66
CA GLY F 89 -6.32 19.36 29.69
C GLY F 89 -6.61 18.64 30.98
N PHE F 90 -7.59 17.73 30.99
CA PHE F 90 -7.84 16.83 32.15
C PHE F 90 -7.69 15.39 31.67
N ASP F 91 -7.44 14.44 32.58
CA ASP F 91 -7.57 13.03 32.20
C ASP F 91 -9.04 12.67 32.44
N PRO F 92 -9.83 12.39 31.38
CA PRO F 92 -11.26 12.24 31.71
C PRO F 92 -11.56 11.05 32.61
N PHE F 93 -10.66 10.08 32.60
CA PHE F 93 -10.93 8.84 33.31
C PHE F 93 -10.70 8.92 34.81
N ASP F 94 -10.24 10.08 35.29
CA ASP F 94 -10.16 10.32 36.73
C ASP F 94 -11.54 10.49 37.35
N ASP F 95 -12.45 11.10 36.59
CA ASP F 95 -13.79 11.46 37.07
C ASP F 95 -14.92 10.75 36.34
N LEU F 96 -14.64 10.26 35.14
CA LEU F 96 -15.63 9.58 34.32
C LEU F 96 -15.29 8.10 34.22
N ALA F 97 -16.22 7.23 34.58
CA ALA F 97 -15.98 5.78 34.54
C ALA F 97 -16.34 5.28 33.15
N VAL F 98 -15.34 4.89 32.37
CA VAL F 98 -15.56 4.45 30.99
C VAL F 98 -14.97 3.07 30.84
N ILE F 99 -15.74 2.13 30.27
CA ILE F 99 -15.23 0.78 30.05
C ILE F 99 -15.31 0.43 28.56
N ASP F 100 -14.57 -0.60 28.16
CA ASP F 100 -14.71 -1.21 26.84
C ASP F 100 -15.39 -2.57 27.02
N TYR F 101 -16.62 -2.63 26.57
CA TYR F 101 -17.52 -3.80 26.68
C TYR F 101 -17.10 -4.93 25.72
N GLY F 102 -16.24 -4.61 24.76
CA GLY F 102 -16.04 -5.51 23.60
C GLY F 102 -17.10 -5.21 22.55
N ASP F 103 -17.58 -6.25 21.88
CA ASP F 103 -18.47 -6.08 20.72
C ASP F 103 -19.84 -6.74 20.88
N CYS F 104 -20.81 -6.21 20.13
CA CYS F 104 -22.09 -6.85 19.95
C CYS F 104 -21.89 -8.04 19.04
N TRP F 105 -22.15 -9.25 19.55
CA TRP F 105 -22.06 -10.44 18.71
C TRP F 105 -23.33 -10.53 17.90
N PHE F 106 -23.22 -11.03 16.66
CA PHE F 106 -24.43 -11.38 15.90
C PHE F 106 -24.07 -12.47 14.90
N ASP F 107 -25.08 -13.21 14.48
CA ASP F 107 -24.91 -14.26 13.48
C ASP F 107 -25.14 -13.65 12.10
N ALA F 108 -24.06 -13.27 11.42
CA ALA F 108 -24.19 -12.58 10.15
C ALA F 108 -24.87 -13.45 9.09
N HIS F 109 -24.87 -14.75 9.32
CA HIS F 109 -25.38 -15.71 8.33
C HIS F 109 -26.88 -15.83 8.38
N HIS F 110 -27.45 -15.17 9.40
CA HIS F 110 -28.89 -14.94 9.50
C HIS F 110 -29.14 -13.47 9.61
N PRO F 111 -29.04 -12.76 8.47
CA PRO F 111 -28.96 -11.31 8.54
C PRO F 111 -30.20 -10.60 9.14
N LEU F 112 -31.36 -11.24 9.13
CA LEU F 112 -32.52 -10.63 9.76
C LEU F 112 -32.41 -10.60 11.29
N SER F 113 -31.46 -11.36 11.86
CA SER F 113 -31.25 -11.38 13.30
C SER F 113 -30.42 -10.23 13.81
N ILE F 114 -29.77 -9.50 12.90
CA ILE F 114 -28.81 -8.46 13.26
C ILE F 114 -29.48 -7.26 13.92
N LYS F 115 -30.53 -6.72 13.30
CA LYS F 115 -31.22 -5.57 13.91
C LYS F 115 -31.65 -5.89 15.38
N PRO F 116 -32.37 -7.02 15.61
CA PRO F 116 -32.78 -7.26 17.01
C PRO F 116 -31.60 -7.52 17.95
N ALA F 117 -30.49 -8.08 17.43
CA ALA F 117 -29.28 -8.28 18.25
C ALA F 117 -28.76 -6.93 18.73
N ILE F 118 -28.74 -5.94 17.83
CA ILE F 118 -28.25 -4.60 18.18
C ILE F 118 -29.18 -3.89 19.16
N VAL F 119 -30.50 -3.96 18.92
CA VAL F 119 -31.46 -3.41 19.90
C VAL F 119 -31.23 -4.01 21.29
N GLU F 120 -31.09 -5.33 21.37
CA GLU F 120 -30.93 -6.01 22.65
C GLU F 120 -29.59 -5.66 23.31
N HIS F 121 -28.54 -5.50 22.50
CA HIS F 121 -27.26 -5.05 22.99
C HIS F 121 -27.40 -3.71 23.66
N ALA F 122 -28.00 -2.76 22.95
CA ALA F 122 -28.25 -1.43 23.50
C ALA F 122 -29.20 -1.45 24.69
N ARG F 123 -30.29 -2.22 24.60
CA ARG F 123 -31.25 -2.27 25.72
C ARG F 123 -30.55 -2.74 27.01
N THR F 124 -29.70 -3.75 26.88
CA THR F 124 -28.96 -4.28 28.01
C THR F 124 -28.04 -3.24 28.66
N ILE F 125 -27.24 -2.59 27.83
CA ILE F 125 -26.35 -1.57 28.36
C ILE F 125 -27.15 -0.39 28.96
N LEU F 126 -28.20 0.04 28.27
CA LEU F 126 -29.02 1.17 28.76
C LEU F 126 -29.71 0.92 30.11
N GLN F 127 -29.96 -0.35 30.45
CA GLN F 127 -30.52 -0.71 31.77
C GLN F 127 -29.62 -0.24 32.93
N SER F 128 -28.31 -0.12 32.65
CA SER F 128 -27.32 0.32 33.64
C SER F 128 -27.28 1.84 33.85
N ASP F 129 -28.02 2.58 33.04
CA ASP F 129 -27.89 4.05 32.97
C ASP F 129 -26.55 4.61 32.46
N ALA F 130 -25.59 3.77 32.07
CA ALA F 130 -24.42 4.28 31.33
C ALA F 130 -24.87 4.86 29.99
N ARG F 131 -24.09 5.80 29.46
CA ARG F 131 -24.25 6.27 28.10
C ARG F 131 -23.52 5.28 27.19
N MET F 132 -23.96 5.19 25.94
CA MET F 132 -23.27 4.39 24.95
C MET F 132 -22.52 5.25 23.96
N LEU F 133 -21.26 4.90 23.77
CA LEU F 133 -20.41 5.39 22.68
C LEU F 133 -20.08 4.19 21.82
N THR F 134 -20.70 4.10 20.65
CA THR F 134 -20.65 2.88 19.86
C THR F 134 -19.75 3.09 18.65
N LEU F 135 -18.87 2.11 18.39
CA LEU F 135 -17.97 2.18 17.23
C LEU F 135 -18.53 1.25 16.14
N GLY F 136 -18.73 1.79 14.93
CA GLY F 136 -19.18 0.97 13.79
C GLY F 136 -17.98 0.43 13.01
N GLY F 137 -18.23 -0.39 11.97
CA GLY F 137 -19.57 -0.74 11.57
C GLY F 137 -20.19 0.29 10.65
N ASP F 138 -21.04 -0.17 9.74
CA ASP F 138 -21.73 0.74 8.84
C ASP F 138 -22.87 1.50 9.52
N HIS F 139 -23.36 2.53 8.86
CA HIS F 139 -24.29 3.47 9.46
C HIS F 139 -25.62 2.87 9.80
N TYR F 140 -25.92 1.72 9.21
CA TYR F 140 -27.20 1.08 9.52
C TYR F 140 -27.33 0.86 11.03
N ILE F 141 -26.21 0.63 11.71
CA ILE F 141 -26.28 0.27 13.14
C ILE F 141 -27.00 1.37 13.96
N THR F 142 -27.00 2.61 13.46
CA THR F 142 -27.56 3.73 14.22
C THR F 142 -29.09 3.59 14.37
N TYR F 143 -29.74 2.97 13.39
CA TYR F 143 -31.18 2.77 13.47
C TYR F 143 -31.59 1.89 14.69
N PRO F 144 -31.09 0.64 14.79
CA PRO F 144 -31.47 -0.10 16.01
C PRO F 144 -30.95 0.56 17.28
N LEU F 145 -29.80 1.23 17.21
CA LEU F 145 -29.35 2.00 18.38
C LEU F 145 -30.38 3.07 18.75
N LEU F 146 -30.94 3.78 17.76
CA LEU F 146 -31.94 4.80 18.05
C LEU F 146 -33.23 4.20 18.64
N ILE F 147 -33.62 3.02 18.14
CA ILE F 147 -34.78 2.32 18.69
C ILE F 147 -34.61 2.14 20.21
N ALA F 148 -33.47 1.59 20.65
CA ALA F 148 -33.21 1.37 22.07
C ALA F 148 -33.13 2.69 22.84
N HIS F 149 -32.43 3.67 22.26
CA HIS F 149 -32.34 4.99 22.91
C HIS F 149 -33.66 5.69 23.08
N ALA F 150 -34.54 5.58 22.10
CA ALA F 150 -35.88 6.16 22.20
C ALA F 150 -36.70 5.50 23.31
N GLN F 151 -36.51 4.19 23.51
CA GLN F 151 -37.18 3.49 24.61
C GLN F 151 -36.78 4.10 25.93
N LYS F 152 -35.50 4.41 26.09
CA LYS F 152 -34.97 4.90 27.36
C LYS F 152 -35.24 6.40 27.57
N TYR F 153 -35.00 7.19 26.54
CA TYR F 153 -35.00 8.64 26.68
C TYR F 153 -36.25 9.33 26.14
N GLY F 154 -37.17 8.55 25.57
CA GLY F 154 -38.40 9.06 25.00
C GLY F 154 -38.26 9.44 23.54
N LYS F 155 -39.37 9.62 22.86
CA LYS F 155 -39.33 10.06 21.47
C LYS F 155 -40.26 11.24 21.22
N PRO F 156 -39.91 12.10 20.26
CA PRO F 156 -38.79 12.00 19.32
C PRO F 156 -37.46 12.51 19.89
N LEU F 157 -36.36 11.96 19.40
CA LEU F 157 -35.03 12.43 19.80
C LEU F 157 -34.56 13.47 18.80
N SER F 158 -33.63 14.32 19.23
CA SER F 158 -32.89 15.17 18.27
C SER F 158 -31.67 14.39 17.75
N LEU F 159 -31.47 14.39 16.44
CA LEU F 159 -30.30 13.75 15.84
C LEU F 159 -29.30 14.83 15.39
N ILE F 160 -28.04 14.68 15.80
CA ILE F 160 -26.96 15.53 15.26
C ILE F 160 -26.11 14.57 14.43
N HIS F 161 -26.10 14.76 13.13
CA HIS F 161 -25.66 13.72 12.17
C HIS F 161 -24.58 14.32 11.31
N PHE F 162 -23.35 13.85 11.43
CA PHE F 162 -22.23 14.33 10.59
C PHE F 162 -22.02 13.31 9.49
N ASP F 163 -22.08 13.72 8.22
CA ASP F 163 -22.06 12.73 7.12
C ASP F 163 -21.98 13.42 5.79
N ALA F 164 -21.39 12.77 4.77
CA ALA F 164 -21.56 13.27 3.38
C ALA F 164 -22.97 12.98 2.87
N HIS F 165 -23.65 12.04 3.54
CA HIS F 165 -24.95 11.48 3.11
C HIS F 165 -26.04 11.70 4.15
N CYS F 166 -27.23 12.04 3.68
CA CYS F 166 -28.39 12.25 4.56
C CYS F 166 -28.96 10.92 5.11
N ASP F 167 -28.72 9.82 4.39
CA ASP F 167 -29.25 8.49 4.74
C ASP F 167 -30.77 8.48 4.98
N THR F 168 -31.47 9.34 4.24
CA THR F 168 -32.91 9.50 4.35
C THR F 168 -33.62 9.23 3.04
N TRP F 169 -32.93 8.56 2.10
CA TRP F 169 -33.57 8.11 0.89
C TRP F 169 -34.67 7.13 1.22
N ALA F 170 -35.76 7.21 0.48
CA ALA F 170 -36.99 6.47 0.83
C ALA F 170 -36.82 4.98 0.67
N ASP F 171 -37.45 4.23 1.58
CA ASP F 171 -37.35 2.77 1.62
C ASP F 171 -38.49 2.33 2.50
N ASP F 172 -39.53 1.81 1.86
CA ASP F 172 -40.71 1.36 2.60
C ASP F 172 -40.69 -0.11 2.99
N ALA F 173 -39.53 -0.78 2.83
CA ALA F 173 -39.32 -2.14 3.36
C ALA F 173 -38.57 -2.04 4.67
N PRO F 174 -39.30 -2.09 5.80
CA PRO F 174 -38.71 -1.93 7.13
C PRO F 174 -37.52 -2.82 7.38
N ASP F 175 -37.54 -4.07 6.91
CA ASP F 175 -36.47 -4.99 7.26
C ASP F 175 -35.33 -5.07 6.24
N SER F 176 -35.34 -4.15 5.30
CA SER F 176 -34.14 -4.03 4.46
C SER F 176 -32.90 -3.66 5.34
N LEU F 177 -31.71 -4.08 4.93
CA LEU F 177 -30.48 -3.77 5.63
C LEU F 177 -29.73 -2.80 4.72
N ASN F 178 -29.92 -1.49 4.94
CA ASN F 178 -29.38 -0.48 4.03
C ASN F 178 -28.89 0.72 4.83
N HIS F 179 -27.59 0.97 4.78
CA HIS F 179 -27.03 2.11 5.54
C HIS F 179 -27.40 3.48 5.00
N GLY F 180 -28.14 3.55 3.89
CA GLY F 180 -28.50 4.82 3.27
C GLY F 180 -29.99 5.15 3.40
N THR F 181 -30.75 4.29 4.07
CA THR F 181 -32.20 4.53 4.16
C THR F 181 -32.72 4.46 5.59
N MET F 182 -31.83 4.17 6.55
CA MET F 182 -32.30 3.88 7.91
C MET F 182 -32.74 5.13 8.67
N PHE F 183 -32.27 6.32 8.25
CA PHE F 183 -32.84 7.54 8.85
C PHE F 183 -34.15 7.99 8.24
N TYR F 184 -34.48 7.50 7.04
CA TYR F 184 -35.85 7.63 6.57
C TYR F 184 -36.75 6.78 7.49
N LYS F 185 -36.31 5.55 7.79
CA LYS F 185 -37.07 4.70 8.73
C LYS F 185 -37.17 5.37 10.12
N ALA F 186 -36.07 5.96 10.60
CA ALA F 186 -36.10 6.64 11.92
C ALA F 186 -37.12 7.79 11.96
N VAL F 187 -37.21 8.56 10.88
CA VAL F 187 -38.19 9.63 10.83
C VAL F 187 -39.61 9.08 10.75
N LYS F 188 -39.81 8.09 9.88
CA LYS F 188 -41.15 7.54 9.70
C LYS F 188 -41.62 6.82 10.96
N ASP F 189 -40.67 6.25 11.71
CA ASP F 189 -41.02 5.59 12.98
C ASP F 189 -41.32 6.61 14.11
N GLY F 190 -41.06 7.90 13.89
CA GLY F 190 -41.16 8.87 14.98
C GLY F 190 -40.02 8.84 15.99
N LEU F 191 -38.87 8.26 15.64
CA LEU F 191 -37.74 8.17 16.59
C LEU F 191 -37.02 9.50 16.71
N ILE F 192 -36.96 10.23 15.61
CA ILE F 192 -36.28 11.51 15.60
C ILE F 192 -37.19 12.61 15.07
N ASP F 193 -37.03 13.82 15.59
CA ASP F 193 -37.81 15.00 15.18
C ASP F 193 -37.02 15.79 14.13
N PRO F 194 -37.47 15.75 12.86
CA PRO F 194 -36.65 16.39 11.81
C PRO F 194 -36.41 17.88 12.08
N LYS F 195 -37.42 18.57 12.61
CA LYS F 195 -37.32 20.04 12.80
C LYS F 195 -36.27 20.38 13.84
N ALA F 196 -36.02 19.43 14.75
CA ALA F 196 -35.02 19.63 15.82
C ALA F 196 -33.78 18.74 15.64
N SER F 197 -33.49 18.40 14.38
CA SER F 197 -32.33 17.59 14.03
C SER F 197 -31.55 18.33 12.96
N VAL F 198 -30.28 17.95 12.82
CA VAL F 198 -29.41 18.63 11.86
C VAL F 198 -28.37 17.70 11.27
N GLN F 199 -28.09 17.90 10.00
CA GLN F 199 -27.13 17.10 9.24
C GLN F 199 -26.03 18.00 8.74
N VAL F 200 -24.79 17.60 9.04
CA VAL F 200 -23.63 18.47 8.85
C VAL F 200 -22.61 17.82 7.93
N GLY F 201 -22.18 18.53 6.88
CA GLY F 201 -21.16 18.05 5.98
C GLY F 201 -21.77 17.45 4.73
N ILE F 202 -23.11 17.45 4.67
CA ILE F 202 -23.86 16.88 3.54
C ILE F 202 -23.34 17.38 2.16
N ARG F 203 -23.19 16.45 1.20
CA ARG F 203 -22.77 16.86 -0.12
C ARG F 203 -23.23 15.80 -1.12
N THR F 204 -24.37 15.20 -0.80
CA THR F 204 -25.05 14.36 -1.78
C THR F 204 -26.55 14.73 -1.79
N TRP F 205 -27.20 14.38 -2.88
CA TRP F 205 -28.56 14.84 -3.18
C TRP F 205 -29.69 13.90 -2.79
N ASN F 206 -30.71 14.45 -2.14
CA ASN F 206 -31.99 13.75 -1.89
C ASN F 206 -33.11 14.67 -2.35
N ASP F 207 -34.09 14.14 -3.09
CA ASP F 207 -35.27 14.95 -3.48
C ASP F 207 -36.14 15.33 -2.28
N ASP F 208 -35.98 14.61 -1.18
CA ASP F 208 -36.78 14.84 0.02
C ASP F 208 -35.95 14.61 1.28
N TYR F 209 -35.41 15.70 1.82
CA TYR F 209 -34.62 15.63 3.06
C TYR F 209 -35.47 15.50 4.33
N LEU F 210 -36.79 15.34 4.14
CA LEU F 210 -37.73 15.09 5.26
C LEU F 210 -37.87 16.24 6.25
N GLY F 211 -37.50 17.44 5.82
CA GLY F 211 -37.51 18.62 6.68
C GLY F 211 -36.41 18.70 7.73
N ILE F 212 -35.41 17.83 7.65
CA ILE F 212 -34.26 17.90 8.57
C ILE F 212 -33.40 19.11 8.13
N ASN F 213 -32.89 19.87 9.09
CA ASN F 213 -32.01 21.01 8.78
C ASN F 213 -30.67 20.47 8.22
N VAL F 214 -30.23 21.02 7.09
CA VAL F 214 -29.01 20.57 6.43
C VAL F 214 -28.01 21.72 6.41
N LEU F 215 -26.81 21.48 6.92
CA LEU F 215 -25.69 22.39 6.84
C LEU F 215 -24.68 21.66 5.95
N ASP F 216 -24.72 21.96 4.66
CA ASP F 216 -23.90 21.19 3.72
C ASP F 216 -22.40 21.49 3.85
N ALA F 217 -21.55 20.65 3.26
CA ALA F 217 -20.11 20.88 3.37
C ALA F 217 -19.76 22.31 2.92
N ALA F 218 -20.31 22.77 1.80
CA ALA F 218 -20.00 24.13 1.32
C ALA F 218 -20.36 25.19 2.36
N TRP F 219 -21.48 24.98 3.05
CA TRP F 219 -21.95 25.90 4.08
C TRP F 219 -20.96 25.94 5.21
N VAL F 220 -20.46 24.78 5.65
CA VAL F 220 -19.52 24.71 6.74
C VAL F 220 -18.19 25.40 6.34
N HIS F 221 -17.72 25.12 5.13
CA HIS F 221 -16.53 25.81 4.62
C HIS F 221 -16.70 27.31 4.58
N GLU F 222 -17.87 27.77 4.20
CA GLU F 222 -18.14 29.21 4.09
C GLU F 222 -18.25 29.91 5.45
N HIS F 223 -18.95 29.30 6.41
CA HIS F 223 -19.32 29.96 7.67
C HIS F 223 -18.42 29.63 8.84
N GLY F 224 -17.79 28.47 8.82
CA GLY F 224 -16.78 28.14 9.83
C GLY F 224 -17.35 27.28 10.94
N ALA F 225 -16.46 26.72 11.75
CA ALA F 225 -16.86 25.83 12.85
C ALA F 225 -17.71 26.51 13.92
N ARG F 226 -17.36 27.73 14.33
CA ARG F 226 -18.12 28.44 15.37
C ARG F 226 -19.57 28.66 14.91
N ALA F 227 -19.75 29.12 13.67
CA ALA F 227 -21.11 29.35 13.17
C ALA F 227 -21.89 28.03 13.09
N THR F 228 -21.22 26.96 12.68
CA THR F 228 -21.88 25.66 12.54
C THR F 228 -22.35 25.16 13.92
N LEU F 229 -21.44 25.23 14.87
CA LEU F 229 -21.67 24.86 16.25
C LEU F 229 -22.88 25.61 16.83
N GLU F 230 -22.92 26.91 16.61
CA GLU F 230 -24.00 27.71 17.14
C GLU F 230 -25.34 27.40 16.47
N ARG F 231 -25.31 27.03 15.19
CA ARG F 231 -26.52 26.65 14.49
C ARG F 231 -27.06 25.32 15.02
N ILE F 232 -26.15 24.37 15.25
CA ILE F 232 -26.50 23.08 15.87
C ILE F 232 -27.19 23.31 17.21
N GLU F 233 -26.59 24.12 18.08
CA GLU F 233 -27.17 24.41 19.39
C GLU F 233 -28.59 25.00 19.31
N SER F 234 -28.75 25.96 18.41
CA SER F 234 -30.03 26.60 18.20
CA SER F 234 -30.04 26.61 18.22
C SER F 234 -31.12 25.61 17.77
N ILE F 235 -30.72 24.66 16.94
CA ILE F 235 -31.66 23.65 16.43
C ILE F 235 -32.08 22.64 17.51
N VAL F 236 -31.11 22.12 18.25
CA VAL F 236 -31.41 21.08 19.24
C VAL F 236 -31.87 21.59 20.61
N GLY F 237 -31.51 22.84 20.94
CA GLY F 237 -31.77 23.41 22.26
C GLY F 237 -31.37 22.45 23.37
N GLY F 238 -32.30 22.21 24.30
CA GLY F 238 -32.04 21.28 25.42
C GLY F 238 -32.62 19.88 25.22
N ARG F 239 -33.04 19.57 23.99
CA ARG F 239 -33.69 18.28 23.70
C ARG F 239 -32.69 17.14 23.82
N PRO F 240 -33.15 15.96 24.29
CA PRO F 240 -32.23 14.80 24.32
C PRO F 240 -31.73 14.55 22.90
N ALA F 241 -30.40 14.50 22.76
CA ALA F 241 -29.76 14.47 21.44
C ALA F 241 -28.80 13.29 21.32
N TYR F 242 -28.88 12.60 20.20
CA TYR F 242 -27.98 11.50 19.85
C TYR F 242 -27.06 12.00 18.74
N LEU F 243 -25.76 11.84 18.92
CA LEU F 243 -24.81 12.30 17.90
C LEU F 243 -24.26 11.10 17.14
N THR F 244 -24.39 11.13 15.82
CA THR F 244 -23.92 10.04 14.98
C THR F 244 -22.93 10.65 13.98
N PHE F 245 -21.69 10.15 14.01
CA PHE F 245 -20.61 10.71 13.19
C PHE F 245 -20.14 9.66 12.18
N ASP F 246 -20.50 9.88 10.91
CA ASP F 246 -20.03 9.03 9.80
C ASP F 246 -18.69 9.64 9.41
N ILE F 247 -17.61 8.87 9.52
CA ILE F 247 -16.27 9.39 9.19
C ILE F 247 -16.18 9.94 7.76
N ASP F 248 -17.12 9.55 6.87
CA ASP F 248 -17.12 10.10 5.48
C ASP F 248 -17.60 11.55 5.39
N CYS F 249 -17.99 12.12 6.54
CA CYS F 249 -18.15 13.57 6.65
C CYS F 249 -16.85 14.27 6.28
N LEU F 250 -15.74 13.70 6.72
CA LEU F 250 -14.41 14.23 6.42
C LEU F 250 -14.08 14.00 4.94
N ASP F 251 -13.32 14.92 4.37
CA ASP F 251 -12.91 14.74 2.97
C ASP F 251 -12.09 13.42 2.88
N PRO F 252 -12.17 12.73 1.73
CA PRO F 252 -11.31 11.56 1.51
C PRO F 252 -9.81 11.76 1.78
N ALA F 253 -9.27 12.99 1.70
CA ALA F 253 -7.86 13.19 2.07
C ALA F 253 -7.59 12.86 3.54
N PHE F 254 -8.58 13.20 4.39
CA PHE F 254 -8.49 12.98 5.85
C PHE F 254 -9.05 11.62 6.26
N ALA F 255 -9.95 11.07 5.45
CA ALA F 255 -10.65 9.83 5.80
C ALA F 255 -10.74 8.97 4.51
N PRO F 256 -9.58 8.48 4.04
CA PRO F 256 -9.66 7.61 2.83
C PRO F 256 -10.27 6.23 3.13
N GLY F 257 -10.25 5.84 4.39
CA GLY F 257 -10.64 4.51 4.82
C GLY F 257 -12.13 4.43 5.11
N THR F 258 -12.92 4.55 4.06
CA THR F 258 -14.37 4.52 4.20
C THR F 258 -15.02 3.95 2.94
N GLY F 259 -16.25 3.44 3.05
CA GLY F 259 -16.86 2.71 1.94
C GLY F 259 -17.45 3.58 0.83
N THR F 260 -17.80 4.83 1.17
CA THR F 260 -18.48 5.75 0.21
C THR F 260 -17.82 7.13 0.29
N PRO F 261 -16.59 7.25 -0.24
CA PRO F 261 -15.88 8.55 -0.22
C PRO F 261 -16.48 9.56 -1.21
N VAL F 262 -16.63 10.81 -0.75
CA VAL F 262 -17.20 11.86 -1.59
C VAL F 262 -16.29 13.07 -1.45
N ALA F 263 -15.80 13.60 -2.58
CA ALA F 263 -14.87 14.72 -2.51
C ALA F 263 -15.55 15.97 -1.98
N GLY F 264 -14.73 16.84 -1.41
CA GLY F 264 -15.16 18.19 -0.99
C GLY F 264 -15.56 18.30 0.47
N GLY F 265 -15.05 17.39 1.30
CA GLY F 265 -15.50 17.24 2.69
C GLY F 265 -14.81 18.15 3.70
N LEU F 266 -15.09 17.88 4.96
CA LEU F 266 -14.53 18.61 6.08
C LEU F 266 -13.11 18.14 6.40
N SER F 267 -12.30 19.06 6.95
CA SER F 267 -11.08 18.63 7.58
C SER F 267 -11.37 18.08 8.97
N SER F 268 -10.45 17.27 9.48
CA SER F 268 -10.55 16.85 10.88
C SER F 268 -10.47 18.08 11.82
N ALA F 269 -9.69 19.09 11.45
CA ALA F 269 -9.65 20.31 12.28
C ALA F 269 -11.06 20.93 12.41
N GLN F 270 -11.77 21.00 11.29
CA GLN F 270 -13.13 21.57 11.27
C GLN F 270 -14.08 20.73 12.12
N ALA F 271 -14.09 19.42 11.89
CA ALA F 271 -15.02 18.52 12.60
C ALA F 271 -14.76 18.51 14.10
N LEU F 272 -13.51 18.42 14.48
CA LEU F 272 -13.16 18.40 15.91
C LEU F 272 -13.49 19.73 16.61
N ALA F 273 -13.25 20.84 15.91
CA ALA F 273 -13.62 22.15 16.47
C ALA F 273 -15.11 22.20 16.76
N ILE F 274 -15.92 21.66 15.84
CA ILE F 274 -17.38 21.61 16.03
C ILE F 274 -17.73 20.71 17.21
N VAL F 275 -17.22 19.47 17.18
CA VAL F 275 -17.60 18.50 18.22
C VAL F 275 -17.19 18.99 19.63
N ARG F 276 -15.98 19.53 19.75
CA ARG F 276 -15.48 19.98 21.05
C ARG F 276 -16.33 21.09 21.64
N GLY F 277 -17.05 21.80 20.79
CA GLY F 277 -17.85 22.94 21.19
C GLY F 277 -19.26 22.61 21.65
N LEU F 278 -19.61 21.32 21.71
CA LEU F 278 -20.99 20.88 21.93
C LEU F 278 -21.35 20.60 23.40
N GLY F 279 -20.63 21.22 24.33
CA GLY F 279 -20.86 21.01 25.76
C GLY F 279 -22.23 21.43 26.26
N GLY F 280 -22.92 22.28 25.48
CA GLY F 280 -24.27 22.72 25.81
C GLY F 280 -25.38 21.73 25.46
N VAL F 281 -25.05 20.76 24.62
CA VAL F 281 -26.00 19.78 24.14
C VAL F 281 -26.31 18.71 25.18
N ASN F 282 -27.58 18.35 25.31
CA ASN F 282 -28.05 17.25 26.16
C ASN F 282 -27.74 15.92 25.44
N LEU F 283 -26.47 15.55 25.45
CA LEU F 283 -25.97 14.42 24.67
C LEU F 283 -26.28 13.11 25.39
N ILE F 284 -27.17 12.30 24.83
CA ILE F 284 -27.62 11.08 25.53
C ILE F 284 -26.95 9.79 25.04
N GLY F 285 -26.25 9.89 23.92
CA GLY F 285 -25.60 8.71 23.32
C GLY F 285 -24.94 9.12 22.02
N ALA F 286 -23.99 8.33 21.56
CA ALA F 286 -23.28 8.70 20.31
C ALA F 286 -22.67 7.51 19.62
N ASP F 287 -22.41 7.65 18.32
CA ASP F 287 -21.59 6.64 17.65
C ASP F 287 -20.64 7.25 16.60
N VAL F 288 -19.66 6.45 16.19
CA VAL F 288 -18.70 6.88 15.19
C VAL F 288 -18.58 5.68 14.24
N VAL F 289 -19.00 5.89 13.00
CA VAL F 289 -19.28 4.79 12.06
C VAL F 289 -18.49 4.91 10.75
N GLU F 290 -18.46 3.78 10.02
CA GLU F 290 -18.02 3.70 8.62
C GLU F 290 -16.50 3.70 8.45
N VAL F 291 -15.74 3.52 9.54
CA VAL F 291 -14.27 3.29 9.38
C VAL F 291 -14.06 1.93 8.72
N ALA F 292 -13.35 1.92 7.59
CA ALA F 292 -13.10 0.68 6.86
C ALA F 292 -11.59 0.49 6.70
N PRO F 293 -10.95 -0.26 7.62
CA PRO F 293 -9.47 -0.22 7.68
C PRO F 293 -8.77 -0.77 6.41
N ALA F 294 -9.45 -1.60 5.64
CA ALA F 294 -8.82 -2.11 4.40
C ALA F 294 -8.55 -0.99 3.41
N TYR F 295 -9.27 0.13 3.55
CA TYR F 295 -9.05 1.31 2.70
C TYR F 295 -8.31 2.43 3.42
N ASP F 296 -7.96 2.21 4.69
CA ASP F 296 -7.27 3.24 5.45
C ASP F 296 -5.81 3.32 4.99
N GLN F 297 -5.20 4.47 5.25
CA GLN F 297 -3.82 4.73 4.83
C GLN F 297 -3.07 5.21 6.07
N SER F 298 -2.14 4.38 6.55
CA SER F 298 -1.42 4.70 7.78
C SER F 298 -2.37 5.11 8.93
N GLU F 299 -3.53 4.43 8.98
CA GLU F 299 -4.52 4.56 10.08
C GLU F 299 -5.12 5.94 10.19
N ILE F 300 -4.93 6.82 9.20
CA ILE F 300 -5.33 8.20 9.45
C ILE F 300 -6.85 8.36 9.68
N THR F 301 -7.65 7.53 9.01
CA THR F 301 -9.10 7.57 9.19
C THR F 301 -9.48 7.10 10.59
N ALA F 302 -8.89 6.00 11.01
CA ALA F 302 -9.19 5.44 12.34
C ALA F 302 -8.72 6.41 13.42
N ILE F 303 -7.60 7.09 13.14
CA ILE F 303 -7.08 8.11 14.07
C ILE F 303 -8.09 9.27 14.23
N ALA F 304 -8.59 9.81 13.12
CA ALA F 304 -9.56 10.88 13.17
C ALA F 304 -10.84 10.40 13.90
N ALA F 305 -11.26 9.17 13.64
CA ALA F 305 -12.43 8.59 14.34
C ALA F 305 -12.18 8.44 15.85
N ALA F 306 -10.99 7.97 16.23
CA ALA F 306 -10.64 7.85 17.65
C ALA F 306 -10.64 9.23 18.33
N HIS F 307 -10.18 10.26 17.61
CA HIS F 307 -10.21 11.64 18.14
C HIS F 307 -11.63 12.09 18.39
N VAL F 308 -12.56 11.82 17.45
CA VAL F 308 -13.97 12.18 17.65
C VAL F 308 -14.52 11.48 18.90
N ALA F 309 -14.30 10.18 18.98
CA ALA F 309 -14.75 9.41 20.17
C ALA F 309 -14.17 9.96 21.50
N CYS F 310 -12.88 10.32 21.50
CA CYS F 310 -12.22 10.89 22.67
C CYS F 310 -12.92 12.18 23.08
N ASP F 311 -13.18 13.05 22.11
CA ASP F 311 -13.84 14.32 22.40
C ASP F 311 -15.25 14.15 22.95
N LEU F 312 -15.97 13.15 22.45
CA LEU F 312 -17.29 12.80 23.01
C LEU F 312 -17.17 12.38 24.48
N LEU F 313 -16.18 11.56 24.80
CA LEU F 313 -15.91 11.20 26.20
C LEU F 313 -15.63 12.45 27.04
N CYS F 314 -14.83 13.37 26.49
CA CYS F 314 -14.55 14.61 27.21
C CYS F 314 -15.79 15.48 27.43
N LEU F 315 -16.69 15.54 26.43
CA LEU F 315 -17.97 16.24 26.60
C LEU F 315 -18.76 15.64 27.77
N TRP F 316 -18.81 14.32 27.85
CA TRP F 316 -19.52 13.69 28.99
C TRP F 316 -18.84 13.91 30.32
N ARG F 317 -17.51 13.93 30.36
CA ARG F 317 -16.82 14.27 31.60
C ARG F 317 -17.27 15.66 32.07
N GLN F 318 -17.34 16.61 31.14
CA GLN F 318 -17.75 17.96 31.52
C GLN F 318 -19.19 18.03 32.00
N ARG F 319 -20.07 17.28 31.34
CA ARG F 319 -21.48 17.27 31.72
C ARG F 319 -21.68 16.61 33.08
N LYS F 320 -20.92 15.55 33.36
CA LYS F 320 -20.98 14.88 34.67
C LYS F 320 -20.55 15.84 35.75
N ALA F 321 -19.47 16.59 35.50
CA ALA F 321 -18.97 17.58 36.48
C ALA F 321 -19.96 18.73 36.68
N GLY F 322 -20.65 19.13 35.61
CA GLY F 322 -21.68 20.17 35.71
C GLY F 322 -23.03 19.52 35.98
MN MN G . 5.68 15.75 17.03
MN MN H . 8.55 16.61 18.28
C1 EDO I . 6.49 0.92 14.44
O1 EDO I . 7.57 0.47 15.21
C2 EDO I . 7.04 0.87 13.06
O2 EDO I . 6.23 0.01 12.31
C1 EDO J . 9.48 7.96 -7.24
O1 EDO J . 8.21 8.19 -6.65
C2 EDO J . 10.49 7.58 -6.15
O2 EDO J . 10.98 8.79 -5.60
C1 EDO K . 13.53 6.20 0.88
O1 EDO K . 13.58 5.75 2.25
C2 EDO K . 12.21 5.79 0.26
O2 EDO K . 11.55 6.88 -0.44
C1 EDO L . 16.61 25.15 -11.45
O1 EDO L . 16.94 25.93 -10.28
C2 EDO L . 17.82 24.50 -12.11
O2 EDO L . 18.71 25.54 -12.59
O UNL M . 9.11 14.59 19.06
O UNL N . 6.97 13.26 17.89
O UNL O . 6.96 13.69 21.23
MN MN P . 11.55 -9.27 -21.37
MN MN Q . 9.23 -10.33 -19.40
C1 EDO R . 1.44 -15.51 -31.59
O1 EDO R . 2.89 -15.39 -31.68
C2 EDO R . 0.81 -14.68 -30.46
O2 EDO R . 0.78 -15.38 -29.20
C1 EDO S . 21.70 -9.02 10.67
O1 EDO S . 21.33 -8.07 9.67
C2 EDO S . 23.22 -9.04 10.72
O2 EDO S . 23.67 -7.72 11.06
C1 EDO T . 31.26 -7.87 3.91
O1 EDO T . 31.58 -8.36 2.60
C2 EDO T . 31.62 -6.41 4.05
O2 EDO T . 33.05 -6.36 4.06
C1 EDO U . 5.35 -8.10 -25.10
O1 EDO U . 4.01 -7.69 -25.43
C2 EDO U . 5.34 -8.83 -23.78
O2 EDO U . 5.09 -7.82 -22.80
C1 EDO V . 13.88 0.45 3.53
O1 EDO V . 13.04 -0.66 3.20
C2 EDO V . 14.20 1.30 2.30
O2 EDO V . 15.16 0.62 1.44
C1 EDO W . 1.93 2.77 -14.18
O1 EDO W . 1.04 2.27 -13.26
C2 EDO W . 1.69 1.82 -15.30
O2 EDO W . 1.44 2.57 -16.45
C1 EDO X . 14.54 3.22 -31.05
O1 EDO X . 14.15 3.88 -32.25
C2 EDO X . 14.56 4.08 -29.79
O2 EDO X . 15.53 5.14 -29.83
C1 EDO Y . 26.51 -2.35 4.77
O1 EDO Y . 27.91 -2.05 4.72
C2 EDO Y . 26.02 -2.82 6.13
O2 EDO Y . 25.12 -1.90 6.69
C1 EDO Z . 33.47 12.77 -11.83
O1 EDO Z . 33.60 12.92 -13.24
C2 EDO Z . 33.01 11.35 -11.55
O2 EDO Z . 34.10 10.51 -11.96
C1 EDO AA . 12.89 1.67 -2.30
O1 EDO AA . 13.34 2.64 -1.34
C2 EDO AA . 12.89 2.13 -3.76
O2 EDO AA . 13.60 3.35 -4.00
O UNL BA . 10.41 -7.45 -22.07
O UNL CA . 8.29 -7.96 -20.41
MN MN DA . 17.01 -13.13 10.63
MN MN EA . 17.67 -13.53 13.78
C1 EDO FA . -12.88 -24.31 18.44
O1 EDO FA . -13.15 -25.44 19.29
C2 EDO FA . -12.01 -24.80 17.29
O2 EDO FA . -10.81 -25.39 17.80
C1 EDO GA . 32.25 -12.09 7.65
O1 EDO GA . 31.77 -12.96 8.71
C2 EDO GA . 31.11 -11.29 7.00
O2 EDO GA . 30.19 -12.15 6.32
C1 EDO HA . 11.25 1.39 9.46
O1 EDO HA . 10.58 1.75 8.29
C2 EDO HA . 12.64 1.09 9.05
O2 EDO HA . 13.44 1.62 10.07
C1 EDO IA . 3.32 -29.77 27.94
O1 EDO IA . 4.74 -29.95 27.91
C2 EDO IA . 3.01 -28.43 28.58
O2 EDO IA . 4.02 -28.14 29.56
C1 EDO JA . -0.67 -4.28 13.70
O1 EDO JA . 0.22 -4.28 14.83
C2 EDO JA . -1.82 -5.27 13.81
O2 EDO JA . -2.08 -5.79 12.50
C1 EDO KA . -8.13 -7.97 8.79
O1 EDO KA . -7.11 -8.49 7.95
C2 EDO KA . -7.55 -7.46 10.13
O2 EDO KA . -6.82 -8.48 10.84
C1 EDO LA . 21.45 -4.72 26.64
O1 EDO LA . 22.32 -3.71 27.17
C2 EDO LA . 20.01 -4.20 26.58
O2 EDO LA . 19.50 -3.78 27.85
C1 EDO MA . 15.70 -24.23 -5.59
O1 EDO MA . 16.37 -24.97 -6.62
C2 EDO MA . 16.32 -24.60 -4.26
O2 EDO MA . 17.65 -24.07 -4.03
O UNL NA . 17.38 -10.54 11.49
O UNL OA . 18.12 -11.26 14.20
MN MN PA . 0.99 19.64 -13.46
MN MN QA . 0.37 20.14 -16.63
C1 EDO RA . -24.12 21.71 -24.31
O1 EDO RA . -23.23 21.20 -25.31
C2 EDO RA . -24.54 23.12 -24.72
O2 EDO RA . -23.45 24.03 -24.48
C1 EDO SA . -34.70 9.47 -20.11
O1 EDO SA . -34.55 9.40 -18.69
C2 EDO SA . -35.61 10.65 -20.41
O2 EDO SA . -34.85 11.62 -21.13
C1 EDO TA . -28.83 9.45 -10.50
O1 EDO TA . -28.86 10.73 -11.14
C2 EDO TA . -30.20 8.83 -10.31
O2 EDO TA . -30.87 8.78 -11.59
C1 EDO UA . -29.17 5.44 -3.03
O1 EDO UA . -29.26 4.27 -3.85
C2 EDO UA . -30.52 5.72 -2.40
O2 EDO UA . -30.79 4.74 -1.39
C1 EDO VA . 7.34 6.06 -12.16
O1 EDO VA . 7.88 5.95 -13.43
C2 EDO VA . 6.30 5.02 -12.19
O2 EDO VA . 6.45 4.32 -10.99
C1 EDO WA . -7.73 1.95 -12.62
O1 EDO WA . -6.60 1.62 -13.41
C2 EDO WA . -7.99 1.04 -11.42
O2 EDO WA . -8.51 1.82 -10.31
C1 EDO XA . -13.00 -0.16 -6.60
O1 EDO XA . -13.30 1.02 -7.36
C2 EDO XA . -13.60 0.00 -5.20
O2 EDO XA . -12.69 0.79 -4.45
C1 EDO YA . 13.29 27.61 -14.26
O1 EDO YA . 12.41 27.57 -13.13
C2 EDO YA . 13.28 28.97 -14.99
O2 EDO YA . 12.17 29.14 -15.91
O UNL ZA . 2.95 17.93 -14.80
O UNL AB . 2.06 18.49 -17.34
O UNL BB . 4.45 19.61 -16.36
MN MN CB . -14.44 -21.85 -0.12
MN MN DB . -11.52 -21.05 1.09
C1 EDO EB . -17.77 -26.35 -25.07
O1 EDO EB . -19.00 -26.24 -24.33
C2 EDO EB . -17.64 -27.79 -25.51
O2 EDO EB . -17.72 -28.70 -24.39
C1 EDO FB . -4.71 -12.59 -30.04
O1 EDO FB . -5.01 -13.32 -31.25
C2 EDO FB . -4.01 -13.48 -29.02
O2 EDO FB . -4.64 -14.77 -28.83
C1 EDO GB . -13.78 -27.68 13.95
O1 EDO GB . -12.57 -27.70 13.18
C2 EDO GB . -14.36 -29.10 13.93
O2 EDO GB . -15.16 -29.38 12.76
C1 EDO HB . 6.61 -24.05 -26.59
O1 EDO HB . 5.99 -24.94 -25.64
C2 EDO HB . 7.94 -23.57 -26.04
O2 EDO HB . 8.94 -24.03 -26.94
C1 EDO IB . -13.65 -6.16 5.95
O1 EDO IB . -14.08 -7.42 6.30
C2 EDO IB . -12.50 -6.39 5.02
O2 EDO IB . -11.69 -5.22 5.00
C1 EDO JB . -9.84 -3.29 -9.63
O1 EDO JB . -8.68 -4.14 -9.75
C2 EDO JB . -11.17 -4.03 -9.61
O2 EDO JB . -11.80 -4.14 -8.33
C1 EDO KB . -2.88 -2.04 -13.93
O1 EDO KB . -2.09 -2.66 -12.93
C2 EDO KB . -4.34 -2.07 -13.51
O2 EDO KB . -4.91 -3.27 -14.05
C1 EDO LB . -13.87 -20.82 7.17
O1 EDO LB . -13.94 -19.81 6.16
C2 EDO LB . -15.28 -21.28 7.45
O2 EDO LB . -15.84 -20.46 8.47
C1 EDO MB . 4.60 -27.33 -10.79
O1 EDO MB . 3.78 -28.20 -10.01
C2 EDO MB . 4.30 -27.65 -12.24
O2 EDO MB . 4.80 -26.59 -13.07
O UNL NB . -13.10 -19.30 2.44
O UNL OB . -15.60 -20.24 1.23
MN MN PB . -21.87 8.66 4.65
MN MN QB . -24.19 7.59 6.68
C1 EDO RB . -32.79 11.71 -5.56
O1 EDO RB . -33.24 11.55 -4.19
C2 EDO RB . -31.52 10.90 -5.84
O2 EDO RB . -30.37 11.76 -5.91
C1 EDO SB . -26.88 31.13 4.57
O1 EDO SB . -28.28 31.21 4.27
C2 EDO SB . -26.73 31.11 6.09
O2 EDO SB . -27.72 30.23 6.66
C1 EDO TB . -12.92 22.40 24.56
O1 EDO TB . -14.16 23.04 24.27
C2 EDO TB . -12.07 23.34 25.40
O2 EDO TB . -11.73 22.68 26.62
C1 EDO UB . -23.00 12.94 31.98
O1 EDO UB . -24.18 13.09 31.16
C2 EDO UB . -22.27 11.65 31.65
O2 EDO UB . -23.16 10.54 31.82
C1 EDO VB . -6.56 -2.91 12.77
O1 EDO VB . -5.82 -1.68 12.57
C2 EDO VB . -8.05 -2.67 12.48
O2 EDO VB . -8.78 -3.76 11.94
C1 EDO WB . -14.18 -4.23 -0.07
O1 EDO WB . -13.22 -3.82 -1.00
C2 EDO WB . -15.49 -3.71 -0.60
O2 EDO WB . -16.07 -4.66 -1.45
C1 EDO XB . -10.16 24.77 11.89
O1 EDO XB . -9.99 24.76 13.33
C2 EDO XB . -11.61 24.92 11.47
O2 EDO XB . -12.43 25.10 12.61
C1 EDO YB . -0.35 0.16 14.74
O1 EDO YB . -1.45 0.84 15.33
C2 EDO YB . 0.79 1.16 14.50
O2 EDO YB . 0.49 2.01 13.38
O UNL ZB . -24.23 5.52 5.55
O UNL AC . -22.29 6.01 3.71
#